data_8YG0
#
_entry.id   8YG0
#
_entity_poly.entity_id   1
_entity_poly.type   'polypeptide(L)'
_entity_poly.pdbx_seq_one_letter_code
;MADKDQILADMADIVNDITGVDQSEVTFEKSFVDDLDVDSLSMVEIIYACDEKFGVEIPDEESKNIKIVGDAVNYIIEHQ
S
;
_entity_poly.pdbx_strand_id   A
#
# COMPACT_ATOMS: atom_id res chain seq x y z
N MET A 1 -0.96 15.11 -7.18
CA MET A 1 -1.85 14.29 -8.03
C MET A 1 -1.16 12.98 -8.37
N ALA A 2 -1.52 11.91 -7.64
CA ALA A 2 -0.92 10.60 -7.86
C ALA A 2 -1.96 9.61 -8.37
N ASP A 3 -1.72 9.07 -9.57
CA ASP A 3 -2.62 8.07 -10.13
C ASP A 3 -2.26 6.72 -9.51
N LYS A 4 -3.04 5.68 -9.78
CA LYS A 4 -2.79 4.36 -9.18
C LYS A 4 -1.34 3.95 -9.38
N ASP A 5 -0.79 4.23 -10.56
CA ASP A 5 0.62 3.92 -10.81
C ASP A 5 1.49 4.71 -9.82
N GLN A 6 1.11 5.98 -9.63
CA GLN A 6 1.80 6.85 -8.71
C GLN A 6 1.61 6.34 -7.28
N ILE A 7 0.44 5.75 -6.97
CA ILE A 7 0.21 5.19 -5.65
C ILE A 7 1.29 4.17 -5.41
N LEU A 8 1.70 3.41 -6.43
CA LEU A 8 2.79 2.46 -6.24
C LEU A 8 4.11 3.16 -6.09
N ALA A 9 4.29 4.33 -6.69
CA ALA A 9 5.55 5.08 -6.52
C ALA A 9 5.61 5.62 -5.09
N ASP A 10 4.49 6.20 -4.66
CA ASP A 10 4.34 6.75 -3.33
C ASP A 10 4.33 5.63 -2.28
N MET A 11 3.62 4.55 -2.61
CA MET A 11 3.55 3.35 -1.76
C MET A 11 4.88 2.65 -1.78
N ALA A 12 5.61 2.77 -2.89
CA ALA A 12 6.92 2.18 -3.03
C ALA A 12 7.80 2.72 -1.91
N ASP A 13 7.61 4.02 -1.66
CA ASP A 13 8.36 4.72 -0.61
C ASP A 13 7.95 4.23 0.78
N ILE A 14 6.64 4.24 1.04
CA ILE A 14 6.10 3.82 2.34
C ILE A 14 6.47 2.35 2.58
N VAL A 15 6.27 1.55 1.56
CA VAL A 15 6.55 0.14 1.58
C VAL A 15 8.04 -0.08 1.86
N ASN A 16 8.87 0.63 1.10
CA ASN A 16 10.32 0.59 1.29
C ASN A 16 10.67 1.22 2.65
N ASP A 17 9.74 2.01 3.20
CA ASP A 17 9.98 2.68 4.47
C ASP A 17 9.59 1.81 5.67
N ILE A 18 8.58 0.96 5.49
CA ILE A 18 8.10 0.10 6.59
C ILE A 18 8.62 -1.32 6.43
N THR A 19 8.33 -1.96 5.30
CA THR A 19 8.81 -3.31 5.04
C THR A 19 10.17 -3.26 4.36
N GLY A 20 10.48 -2.13 3.72
CA GLY A 20 11.74 -1.99 3.01
C GLY A 20 11.69 -2.70 1.66
N VAL A 21 10.46 -2.99 1.21
CA VAL A 21 10.24 -3.64 -0.06
C VAL A 21 10.54 -2.61 -1.16
N ASP A 22 11.22 -3.05 -2.23
CA ASP A 22 11.69 -2.16 -3.28
C ASP A 22 10.60 -1.49 -4.08
N GLN A 23 10.95 -0.29 -4.57
CA GLN A 23 10.07 0.48 -5.42
C GLN A 23 9.78 -0.34 -6.67
N SER A 24 10.79 -1.07 -7.10
CA SER A 24 10.72 -1.97 -8.23
C SER A 24 9.85 -3.17 -7.87
N GLU A 25 10.06 -3.65 -6.63
CA GLU A 25 9.35 -4.81 -6.12
C GLU A 25 7.86 -4.56 -5.88
N VAL A 26 7.41 -3.30 -5.85
CA VAL A 26 5.99 -3.02 -5.60
C VAL A 26 5.19 -2.91 -6.94
N THR A 27 5.07 -4.03 -7.68
CA THR A 27 4.32 -4.03 -8.95
C THR A 27 2.83 -4.28 -8.65
N PHE A 28 1.99 -4.05 -9.65
CA PHE A 28 0.53 -4.21 -9.49
C PHE A 28 0.10 -5.68 -9.26
N GLU A 29 1.05 -6.62 -9.34
CA GLU A 29 0.71 -8.06 -9.19
C GLU A 29 1.37 -8.72 -7.97
N LYS A 30 2.00 -7.94 -7.10
CA LYS A 30 2.67 -8.54 -5.95
C LYS A 30 1.76 -8.59 -4.75
N SER A 31 1.59 -9.78 -4.18
CA SER A 31 0.82 -9.87 -2.95
C SER A 31 1.52 -9.04 -1.90
N PHE A 32 0.81 -8.17 -1.20
CA PHE A 32 1.40 -7.36 -0.17
C PHE A 32 2.09 -8.27 0.84
N VAL A 33 1.30 -9.18 1.37
CA VAL A 33 1.72 -10.11 2.42
C VAL A 33 2.76 -11.14 1.95
N ASP A 34 2.46 -11.81 0.85
CA ASP A 34 3.33 -12.87 0.36
C ASP A 34 4.48 -12.39 -0.52
N ASP A 35 4.21 -11.41 -1.38
CA ASP A 35 5.25 -10.91 -2.29
C ASP A 35 5.94 -9.67 -1.74
N LEU A 36 5.20 -8.80 -1.04
CA LEU A 36 5.81 -7.60 -0.47
C LEU A 36 6.08 -7.80 1.04
N ASP A 37 6.05 -9.08 1.47
CA ASP A 37 6.31 -9.45 2.85
C ASP A 37 5.54 -8.56 3.83
N VAL A 38 4.24 -8.39 3.57
CA VAL A 38 3.42 -7.54 4.44
C VAL A 38 2.71 -8.37 5.52
N ASP A 39 3.21 -8.27 6.75
CA ASP A 39 2.56 -8.94 7.88
C ASP A 39 1.48 -8.00 8.40
N SER A 40 0.81 -8.36 9.48
CA SER A 40 -0.24 -7.48 10.00
C SER A 40 0.35 -6.13 10.39
N LEU A 41 1.54 -6.16 11.00
CA LEU A 41 2.22 -4.91 11.40
C LEU A 41 2.59 -4.09 10.17
N SER A 42 3.06 -4.77 9.12
CA SER A 42 3.47 -4.10 7.90
C SER A 42 2.29 -3.33 7.32
N MET A 43 1.15 -4.01 7.18
CA MET A 43 -0.03 -3.38 6.66
C MET A 43 -0.53 -2.34 7.66
N VAL A 44 -0.46 -2.62 8.97
CA VAL A 44 -0.91 -1.63 9.96
C VAL A 44 -0.08 -0.35 9.82
N GLU A 45 1.24 -0.50 9.75
CA GLU A 45 2.12 0.64 9.59
C GLU A 45 1.86 1.33 8.25
N ILE A 46 1.66 0.51 7.21
CA ILE A 46 1.39 1.04 5.86
C ILE A 46 0.07 1.78 5.84
N ILE A 47 -0.92 1.23 6.50
CA ILE A 47 -2.24 1.81 6.60
C ILE A 47 -2.11 3.19 7.28
N TYR A 48 -1.24 3.26 8.28
CA TYR A 48 -0.99 4.50 9.00
C TYR A 48 -0.35 5.52 8.06
N ALA A 49 0.69 5.07 7.35
CA ALA A 49 1.39 5.92 6.38
C ALA A 49 0.43 6.34 5.27
N CYS A 50 -0.40 5.40 4.86
CA CYS A 50 -1.37 5.63 3.79
C CYS A 50 -2.44 6.64 4.22
N ASP A 51 -2.88 6.49 5.47
CA ASP A 51 -3.91 7.36 6.05
C ASP A 51 -3.42 8.80 6.14
N GLU A 52 -2.11 8.96 6.36
CA GLU A 52 -1.51 10.29 6.51
C GLU A 52 -0.95 10.84 5.20
N LYS A 53 -0.18 10.00 4.51
CA LYS A 53 0.45 10.38 3.25
C LYS A 53 -0.58 10.57 2.13
N PHE A 54 -1.56 9.66 2.05
CA PHE A 54 -2.60 9.76 1.00
C PHE A 54 -3.95 10.17 1.54
N GLY A 55 -4.09 10.26 2.87
CA GLY A 55 -5.40 10.58 3.45
C GLY A 55 -6.34 9.38 3.27
N VAL A 56 -5.75 8.17 3.20
CA VAL A 56 -6.52 6.94 2.99
C VAL A 56 -6.56 6.11 4.27
N GLU A 57 -7.68 6.18 4.98
CA GLU A 57 -7.84 5.42 6.20
C GLU A 57 -8.42 4.05 5.87
N ILE A 58 -7.56 3.02 5.91
CA ILE A 58 -7.97 1.64 5.63
C ILE A 58 -8.57 1.01 6.90
N PRO A 59 -9.89 0.87 7.00
CA PRO A 59 -10.53 0.19 8.15
C PRO A 59 -10.10 -1.27 8.15
N ASP A 60 -10.40 -1.96 9.23
CA ASP A 60 -10.06 -3.37 9.35
C ASP A 60 -10.61 -4.13 8.14
N GLU A 61 -11.77 -3.71 7.65
CA GLU A 61 -12.39 -4.34 6.49
C GLU A 61 -11.50 -4.17 5.26
N GLU A 62 -10.96 -2.96 5.06
CA GLU A 62 -10.08 -2.72 3.91
C GLU A 62 -8.74 -3.37 4.07
N SER A 63 -8.14 -3.24 5.25
CA SER A 63 -6.81 -3.79 5.51
C SER A 63 -6.76 -5.28 5.22
N LYS A 64 -7.80 -6.01 5.62
CA LYS A 64 -7.84 -7.44 5.35
C LYS A 64 -8.11 -7.68 3.87
N ASN A 65 -8.90 -6.80 3.23
CA ASN A 65 -9.15 -6.92 1.79
C ASN A 65 -7.86 -6.67 1.03
N ILE A 66 -7.12 -5.65 1.48
CA ILE A 66 -5.85 -5.27 0.92
C ILE A 66 -4.80 -6.33 1.23
N LYS A 67 -4.67 -7.30 0.32
CA LYS A 67 -3.69 -8.37 0.48
C LYS A 67 -2.73 -8.39 -0.70
N ILE A 68 -3.12 -7.72 -1.80
CA ILE A 68 -2.28 -7.63 -2.97
C ILE A 68 -2.19 -6.15 -3.35
N VAL A 69 -1.25 -5.84 -4.21
CA VAL A 69 -1.04 -4.46 -4.64
C VAL A 69 -2.31 -3.93 -5.31
N GLY A 70 -2.96 -4.77 -6.08
CA GLY A 70 -4.17 -4.37 -6.79
C GLY A 70 -5.22 -3.81 -5.84
N ASP A 71 -5.40 -4.44 -4.68
CA ASP A 71 -6.38 -3.97 -3.70
C ASP A 71 -5.84 -2.78 -2.93
N ALA A 72 -4.60 -2.92 -2.43
CA ALA A 72 -3.99 -1.86 -1.64
C ALA A 72 -3.93 -0.58 -2.46
N VAL A 73 -3.18 -0.64 -3.55
CA VAL A 73 -2.96 0.50 -4.41
C VAL A 73 -4.27 1.04 -4.99
N ASN A 74 -5.15 0.16 -5.46
CA ASN A 74 -6.43 0.65 -6.03
C ASN A 74 -7.18 1.43 -4.97
N TYR A 75 -7.15 0.94 -3.73
CA TYR A 75 -7.81 1.60 -2.62
C TYR A 75 -7.17 2.98 -2.38
N ILE A 76 -5.83 3.01 -2.35
CA ILE A 76 -5.12 4.26 -2.09
C ILE A 76 -5.50 5.30 -3.14
N ILE A 77 -5.45 4.91 -4.42
CA ILE A 77 -5.85 5.81 -5.49
C ILE A 77 -7.35 6.11 -5.42
N GLU A 78 -8.11 5.25 -4.75
CA GLU A 78 -9.55 5.42 -4.64
C GLU A 78 -9.85 6.74 -3.97
N HIS A 79 -9.11 7.03 -2.90
CA HIS A 79 -9.29 8.30 -2.16
C HIS A 79 -8.27 9.34 -2.62
N GLN A 80 -7.21 8.89 -3.30
CA GLN A 80 -6.19 9.83 -3.78
C GLN A 80 -6.71 10.63 -4.94
N SER A 81 -6.01 11.72 -5.20
CA SER A 81 -6.35 12.59 -6.32
C SER A 81 -5.25 13.62 -6.58
N MET A 1 -1.31 14.45 -5.16
CA MET A 1 -1.98 14.03 -6.43
C MET A 1 -1.19 12.88 -7.05
N ALA A 2 -1.66 11.65 -6.82
CA ALA A 2 -1.00 10.46 -7.36
C ALA A 2 -2.00 9.50 -8.00
N ASP A 3 -1.70 9.09 -9.23
CA ASP A 3 -2.53 8.11 -9.93
C ASP A 3 -2.21 6.73 -9.36
N LYS A 4 -3.03 5.71 -9.66
CA LYS A 4 -2.78 4.37 -9.11
C LYS A 4 -1.33 3.95 -9.34
N ASP A 5 -0.79 4.28 -10.51
CA ASP A 5 0.61 3.99 -10.80
C ASP A 5 1.50 4.71 -9.79
N GLN A 6 1.15 5.97 -9.53
CA GLN A 6 1.86 6.80 -8.59
C GLN A 6 1.63 6.30 -7.16
N ILE A 7 0.46 5.66 -6.89
CA ILE A 7 0.20 5.10 -5.59
C ILE A 7 1.29 4.08 -5.32
N LEU A 8 1.71 3.31 -6.32
CA LEU A 8 2.81 2.36 -6.12
C LEU A 8 4.13 3.07 -5.95
N ALA A 9 4.36 4.18 -6.65
CA ALA A 9 5.64 4.89 -6.47
C ALA A 9 5.69 5.43 -5.02
N ASP A 10 4.59 6.07 -4.63
CA ASP A 10 4.42 6.63 -3.30
C ASP A 10 4.36 5.53 -2.22
N MET A 11 3.61 4.48 -2.51
CA MET A 11 3.47 3.31 -1.62
C MET A 11 4.77 2.57 -1.53
N ALA A 12 5.51 2.56 -2.63
CA ALA A 12 6.80 1.90 -2.69
C ALA A 12 7.71 2.52 -1.65
N ASP A 13 7.59 3.83 -1.51
CA ASP A 13 8.38 4.58 -0.53
C ASP A 13 7.99 4.17 0.89
N ILE A 14 6.68 4.19 1.17
CA ILE A 14 6.14 3.82 2.47
C ILE A 14 6.50 2.36 2.77
N VAL A 15 6.30 1.54 1.76
CA VAL A 15 6.55 0.12 1.80
C VAL A 15 8.03 -0.13 2.08
N ASN A 16 8.88 0.58 1.33
CA ASN A 16 10.33 0.52 1.53
C ASN A 16 10.69 1.16 2.88
N ASP A 17 9.77 1.98 3.39
CA ASP A 17 9.99 2.67 4.65
C ASP A 17 9.58 1.81 5.86
N ILE A 18 8.58 0.94 5.66
CA ILE A 18 8.08 0.08 6.74
C ILE A 18 8.61 -1.35 6.59
N THR A 19 8.31 -1.99 5.45
CA THR A 19 8.79 -3.34 5.20
C THR A 19 10.16 -3.31 4.53
N GLY A 20 10.50 -2.16 3.93
CA GLY A 20 11.78 -2.03 3.23
C GLY A 20 11.76 -2.78 1.90
N VAL A 21 10.55 -2.94 1.35
CA VAL A 21 10.36 -3.60 0.08
C VAL A 21 10.72 -2.61 -1.05
N ASP A 22 11.29 -3.13 -2.14
CA ASP A 22 11.78 -2.30 -3.24
C ASP A 22 10.73 -1.65 -4.09
N GLN A 23 11.10 -0.47 -4.60
CA GLN A 23 10.25 0.28 -5.52
C GLN A 23 10.20 -0.48 -6.85
N SER A 24 11.27 -1.21 -7.12
CA SER A 24 11.37 -2.07 -8.30
C SER A 24 10.41 -3.24 -8.14
N GLU A 25 10.37 -3.74 -6.91
CA GLU A 25 9.54 -4.87 -6.55
C GLU A 25 8.04 -4.55 -6.57
N VAL A 26 7.66 -3.30 -6.25
CA VAL A 26 6.23 -2.94 -6.22
C VAL A 26 5.58 -3.04 -7.62
N THR A 27 4.50 -3.82 -7.72
CA THR A 27 3.78 -4.00 -8.98
C THR A 27 2.32 -4.34 -8.70
N PHE A 28 1.46 -3.99 -9.64
CA PHE A 28 0.01 -4.24 -9.51
C PHE A 28 -0.32 -5.72 -9.23
N GLU A 29 0.67 -6.61 -9.35
CA GLU A 29 0.43 -8.06 -9.16
C GLU A 29 1.21 -8.66 -7.98
N LYS A 30 1.84 -7.84 -7.14
CA LYS A 30 2.60 -8.40 -6.02
C LYS A 30 1.74 -8.49 -4.79
N SER A 31 1.62 -9.69 -4.22
CA SER A 31 0.88 -9.81 -2.96
C SER A 31 1.61 -8.96 -1.94
N PHE A 32 0.89 -8.11 -1.21
CA PHE A 32 1.49 -7.29 -0.19
C PHE A 32 2.22 -8.20 0.79
N VAL A 33 1.45 -9.14 1.32
CA VAL A 33 1.92 -10.09 2.34
C VAL A 33 2.99 -11.06 1.84
N ASP A 34 2.73 -11.72 0.72
CA ASP A 34 3.64 -12.73 0.20
C ASP A 34 4.75 -12.17 -0.69
N ASP A 35 4.40 -11.23 -1.58
CA ASP A 35 5.39 -10.66 -2.48
C ASP A 35 6.06 -9.43 -1.90
N LEU A 36 5.29 -8.61 -1.16
CA LEU A 36 5.87 -7.40 -0.57
C LEU A 36 6.16 -7.64 0.94
N ASP A 37 6.12 -8.92 1.35
CA ASP A 37 6.41 -9.31 2.73
C ASP A 37 5.66 -8.42 3.73
N VAL A 38 4.35 -8.26 3.49
CA VAL A 38 3.53 -7.42 4.38
C VAL A 38 2.83 -8.26 5.45
N ASP A 39 3.36 -8.16 6.68
CA ASP A 39 2.74 -8.82 7.82
C ASP A 39 1.61 -7.92 8.30
N SER A 40 0.90 -8.33 9.35
CA SER A 40 -0.19 -7.48 9.85
C SER A 40 0.37 -6.14 10.28
N LEU A 41 1.55 -6.15 10.90
CA LEU A 41 2.20 -4.91 11.34
C LEU A 41 2.58 -4.07 10.13
N SER A 42 3.07 -4.73 9.07
CA SER A 42 3.50 -4.02 7.88
C SER A 42 2.33 -3.27 7.27
N MET A 43 1.19 -3.95 7.14
CA MET A 43 0.01 -3.32 6.60
C MET A 43 -0.54 -2.30 7.59
N VAL A 44 -0.51 -2.61 8.89
CA VAL A 44 -1.00 -1.64 9.88
C VAL A 44 -0.16 -0.36 9.80
N GLU A 45 1.15 -0.53 9.76
CA GLU A 45 2.04 0.63 9.65
C GLU A 45 1.81 1.34 8.32
N ILE A 46 1.64 0.55 7.25
CA ILE A 46 1.39 1.10 5.92
C ILE A 46 0.06 1.84 5.87
N ILE A 47 -0.94 1.29 6.51
CA ILE A 47 -2.26 1.88 6.57
C ILE A 47 -2.16 3.26 7.23
N TYR A 48 -1.30 3.35 8.27
CA TYR A 48 -1.09 4.60 8.97
C TYR A 48 -0.43 5.60 8.04
N ALA A 49 0.63 5.15 7.35
CA ALA A 49 1.32 6.01 6.39
C ALA A 49 0.39 6.40 5.26
N CYS A 50 -0.45 5.46 4.85
CA CYS A 50 -1.42 5.66 3.78
C CYS A 50 -2.46 6.69 4.18
N ASP A 51 -2.90 6.58 5.44
CA ASP A 51 -3.91 7.48 5.99
C ASP A 51 -3.41 8.93 6.03
N GLU A 52 -2.11 9.09 6.26
CA GLU A 52 -1.52 10.42 6.35
C GLU A 52 -0.95 10.91 5.01
N LYS A 53 -0.18 10.05 4.35
CA LYS A 53 0.45 10.38 3.07
C LYS A 53 -0.57 10.54 1.95
N PHE A 54 -1.56 9.65 1.88
CA PHE A 54 -2.58 9.73 0.81
C PHE A 54 -3.95 10.14 1.35
N GLY A 55 -4.10 10.29 2.67
CA GLY A 55 -5.40 10.61 3.25
C GLY A 55 -6.32 9.39 3.12
N VAL A 56 -5.72 8.19 3.09
CA VAL A 56 -6.48 6.94 2.93
C VAL A 56 -6.46 6.14 4.24
N GLU A 57 -7.54 6.25 5.01
CA GLU A 57 -7.63 5.52 6.26
C GLU A 57 -8.34 4.19 6.00
N ILE A 58 -7.55 3.11 5.93
CA ILE A 58 -8.09 1.76 5.67
C ILE A 58 -8.69 1.18 6.97
N PRO A 59 -10.01 1.03 7.06
CA PRO A 59 -10.63 0.36 8.23
C PRO A 59 -10.08 -1.04 8.32
N ASP A 60 -10.30 -1.70 9.43
CA ASP A 60 -9.79 -3.06 9.60
C ASP A 60 -10.25 -3.94 8.43
N GLU A 61 -11.51 -3.76 8.02
CA GLU A 61 -12.08 -4.54 6.91
C GLU A 61 -11.35 -4.31 5.58
N GLU A 62 -11.03 -3.04 5.24
CA GLU A 62 -10.33 -2.76 3.97
C GLU A 62 -8.99 -3.45 3.96
N SER A 63 -8.27 -3.37 5.07
CA SER A 63 -6.97 -4.00 5.21
C SER A 63 -7.08 -5.48 4.87
N LYS A 64 -8.17 -6.13 5.30
CA LYS A 64 -8.36 -7.56 4.99
C LYS A 64 -8.43 -7.73 3.48
N ASN A 65 -9.12 -6.79 2.83
CA ASN A 65 -9.23 -6.81 1.37
C ASN A 65 -7.86 -6.53 0.76
N ILE A 66 -7.14 -5.60 1.39
CA ILE A 66 -5.83 -5.20 0.95
C ILE A 66 -4.79 -6.25 1.35
N LYS A 67 -4.62 -7.22 0.46
CA LYS A 67 -3.64 -8.29 0.64
C LYS A 67 -2.68 -8.33 -0.54
N ILE A 68 -3.10 -7.73 -1.67
CA ILE A 68 -2.29 -7.65 -2.85
C ILE A 68 -2.24 -6.19 -3.27
N VAL A 69 -1.32 -5.87 -4.16
CA VAL A 69 -1.15 -4.50 -4.62
C VAL A 69 -2.45 -4.01 -5.26
N GLY A 70 -3.07 -4.86 -6.05
CA GLY A 70 -4.31 -4.52 -6.74
C GLY A 70 -5.33 -3.90 -5.79
N ASP A 71 -5.53 -4.53 -4.64
CA ASP A 71 -6.50 -4.03 -3.65
C ASP A 71 -5.94 -2.84 -2.89
N ALA A 72 -4.70 -2.98 -2.40
CA ALA A 72 -4.09 -1.92 -1.62
C ALA A 72 -4.02 -0.65 -2.44
N VAL A 73 -3.27 -0.71 -3.53
CA VAL A 73 -3.07 0.42 -4.40
C VAL A 73 -4.37 0.96 -4.97
N ASN A 74 -5.26 0.09 -5.45
CA ASN A 74 -6.52 0.58 -6.03
C ASN A 74 -7.28 1.37 -4.97
N TYR A 75 -7.24 0.89 -3.73
CA TYR A 75 -7.89 1.58 -2.63
C TYR A 75 -7.24 2.94 -2.38
N ILE A 76 -5.90 2.96 -2.35
CA ILE A 76 -5.17 4.20 -2.11
C ILE A 76 -5.54 5.23 -3.17
N ILE A 77 -5.50 4.82 -4.44
CA ILE A 77 -5.89 5.72 -5.52
C ILE A 77 -7.39 6.04 -5.46
N GLU A 78 -8.16 5.18 -4.78
CA GLU A 78 -9.60 5.37 -4.68
C GLU A 78 -9.89 6.70 -4.03
N HIS A 79 -9.13 7.00 -2.97
CA HIS A 79 -9.30 8.30 -2.26
C HIS A 79 -8.29 9.32 -2.77
N GLN A 80 -7.23 8.86 -3.48
CA GLN A 80 -6.24 9.79 -4.00
C GLN A 80 -6.77 10.53 -5.20
N SER A 81 -6.09 11.61 -5.51
CA SER A 81 -6.46 12.44 -6.66
C SER A 81 -5.39 13.49 -6.94
N MET A 1 -1.15 14.86 -6.18
CA MET A 1 -2.02 14.12 -7.15
C MET A 1 -1.26 12.91 -7.68
N ALA A 2 -1.57 11.74 -7.13
CA ALA A 2 -0.91 10.50 -7.55
C ALA A 2 -1.92 9.51 -8.14
N ASP A 3 -1.66 9.08 -9.38
CA ASP A 3 -2.50 8.09 -10.03
C ASP A 3 -2.18 6.73 -9.41
N LYS A 4 -2.98 5.70 -9.71
CA LYS A 4 -2.76 4.37 -9.13
C LYS A 4 -1.29 3.95 -9.33
N ASP A 5 -0.73 4.25 -10.50
CA ASP A 5 0.67 3.93 -10.75
C ASP A 5 1.54 4.69 -9.75
N GLN A 6 1.18 5.96 -9.54
CA GLN A 6 1.87 6.81 -8.60
C GLN A 6 1.65 6.32 -7.17
N ILE A 7 0.48 5.68 -6.89
CA ILE A 7 0.22 5.14 -5.58
C ILE A 7 1.30 4.11 -5.31
N LEU A 8 1.73 3.34 -6.32
CA LEU A 8 2.81 2.39 -6.10
C LEU A 8 4.14 3.08 -5.97
N ALA A 9 4.33 4.24 -6.59
CA ALA A 9 5.60 4.96 -6.45
C ALA A 9 5.67 5.56 -5.02
N ASP A 10 4.56 6.15 -4.62
CA ASP A 10 4.40 6.74 -3.31
C ASP A 10 4.37 5.64 -2.23
N MET A 11 3.65 4.55 -2.54
CA MET A 11 3.58 3.37 -1.66
C MET A 11 4.91 2.66 -1.68
N ALA A 12 5.65 2.79 -2.79
CA ALA A 12 6.97 2.18 -2.92
C ALA A 12 7.84 2.72 -1.81
N ASP A 13 7.68 4.01 -1.56
CA ASP A 13 8.42 4.72 -0.53
C ASP A 13 8.00 4.24 0.86
N ILE A 14 6.69 4.27 1.12
CA ILE A 14 6.13 3.84 2.40
C ILE A 14 6.50 2.39 2.66
N VAL A 15 6.30 1.59 1.64
CA VAL A 15 6.57 0.16 1.67
C VAL A 15 8.06 -0.06 1.95
N ASN A 16 8.91 0.63 1.19
CA ASN A 16 10.35 0.57 1.40
C ASN A 16 10.70 1.20 2.75
N ASP A 17 9.78 2.01 3.30
CA ASP A 17 10.01 2.67 4.58
C ASP A 17 9.59 1.80 5.76
N ILE A 18 8.58 0.95 5.55
CA ILE A 18 8.05 0.09 6.63
C ILE A 18 8.56 -1.34 6.48
N THR A 19 8.28 -1.97 5.33
CA THR A 19 8.73 -3.33 5.08
C THR A 19 10.10 -3.30 4.41
N GLY A 20 10.45 -2.16 3.81
CA GLY A 20 11.73 -2.04 3.11
C GLY A 20 11.70 -2.78 1.78
N VAL A 21 10.49 -2.99 1.26
CA VAL A 21 10.30 -3.66 0.00
C VAL A 21 10.65 -2.67 -1.12
N ASP A 22 11.27 -3.17 -2.20
CA ASP A 22 11.76 -2.32 -3.28
C ASP A 22 10.66 -1.61 -4.05
N GLN A 23 11.02 -0.40 -4.49
CA GLN A 23 10.13 0.41 -5.30
C GLN A 23 9.82 -0.36 -6.60
N SER A 24 10.81 -1.12 -7.03
CA SER A 24 10.72 -1.98 -8.20
C SER A 24 9.81 -3.16 -7.89
N GLU A 25 9.96 -3.68 -6.66
CA GLU A 25 9.21 -4.83 -6.20
C GLU A 25 7.72 -4.54 -6.00
N VAL A 26 7.34 -3.26 -5.83
CA VAL A 26 5.93 -2.92 -5.59
C VAL A 26 5.13 -2.81 -6.91
N THR A 27 5.01 -3.94 -7.63
CA THR A 27 4.24 -3.98 -8.88
C THR A 27 2.76 -4.25 -8.60
N PHE A 28 1.92 -3.91 -9.56
CA PHE A 28 0.45 -4.07 -9.44
C PHE A 28 0.02 -5.54 -9.24
N GLU A 29 0.96 -6.49 -9.36
CA GLU A 29 0.62 -7.92 -9.24
C GLU A 29 1.33 -8.62 -8.08
N LYS A 30 1.78 -7.87 -7.10
CA LYS A 30 2.49 -8.48 -5.97
C LYS A 30 1.62 -8.57 -4.74
N SER A 31 1.48 -9.78 -4.18
CA SER A 31 0.75 -9.90 -2.93
C SER A 31 1.49 -9.04 -1.91
N PHE A 32 0.79 -8.18 -1.19
CA PHE A 32 1.40 -7.36 -0.19
C PHE A 32 2.14 -8.26 0.80
N VAL A 33 1.37 -9.17 1.38
CA VAL A 33 1.85 -10.09 2.41
C VAL A 33 2.89 -11.10 1.91
N ASP A 34 2.57 -11.78 0.82
CA ASP A 34 3.43 -12.83 0.29
C ASP A 34 4.54 -12.32 -0.62
N ASP A 35 4.23 -11.37 -1.49
CA ASP A 35 5.21 -10.86 -2.43
C ASP A 35 5.92 -9.62 -1.89
N LEU A 36 5.20 -8.76 -1.17
CA LEU A 36 5.82 -7.55 -0.61
C LEU A 36 6.14 -7.76 0.88
N ASP A 37 6.11 -9.04 1.31
CA ASP A 37 6.43 -9.40 2.69
C ASP A 37 5.69 -8.51 3.68
N VAL A 38 4.38 -8.33 3.46
CA VAL A 38 3.59 -7.47 4.35
C VAL A 38 2.95 -8.27 5.48
N ASP A 39 3.52 -8.13 6.67
CA ASP A 39 2.97 -8.76 7.87
C ASP A 39 1.85 -7.86 8.39
N SER A 40 1.16 -8.28 9.45
CA SER A 40 0.08 -7.45 9.98
C SER A 40 0.62 -6.08 10.38
N LEU A 41 1.83 -6.06 10.97
CA LEU A 41 2.45 -4.80 11.37
C LEU A 41 2.79 -3.97 10.13
N SER A 42 3.27 -4.63 9.08
CA SER A 42 3.65 -3.93 7.85
C SER A 42 2.44 -3.24 7.26
N MET A 43 1.33 -3.97 7.16
CA MET A 43 0.11 -3.40 6.63
C MET A 43 -0.45 -2.37 7.60
N VAL A 44 -0.40 -2.64 8.91
CA VAL A 44 -0.90 -1.66 9.87
C VAL A 44 -0.11 -0.36 9.75
N GLU A 45 1.21 -0.48 9.70
CA GLU A 45 2.07 0.70 9.56
C GLU A 45 1.82 1.37 8.21
N ILE A 46 1.64 0.56 7.17
CA ILE A 46 1.36 1.07 5.81
C ILE A 46 0.00 1.76 5.78
N ILE A 47 -0.95 1.19 6.47
CA ILE A 47 -2.30 1.72 6.56
C ILE A 47 -2.22 3.12 7.19
N TYR A 48 -1.36 3.25 8.20
CA TYR A 48 -1.17 4.51 8.89
C TYR A 48 -0.45 5.49 7.97
N ALA A 49 0.59 5.01 7.30
CA ALA A 49 1.38 5.84 6.39
C ALA A 49 0.54 6.30 5.22
N CYS A 50 -0.32 5.43 4.71
CA CYS A 50 -1.17 5.78 3.57
C CYS A 50 -2.32 6.70 4.03
N ASP A 51 -2.77 6.49 5.27
CA ASP A 51 -3.85 7.30 5.84
C ASP A 51 -3.39 8.74 6.01
N GLU A 52 -2.09 8.92 6.26
CA GLU A 52 -1.50 10.24 6.44
C GLU A 52 -0.92 10.80 5.14
N LYS A 53 -0.17 9.96 4.44
CA LYS A 53 0.48 10.35 3.18
C LYS A 53 -0.55 10.55 2.06
N PHE A 54 -1.53 9.66 1.95
CA PHE A 54 -2.55 9.77 0.90
C PHE A 54 -3.92 10.17 1.45
N GLY A 55 -4.07 10.23 2.78
CA GLY A 55 -5.37 10.54 3.36
C GLY A 55 -6.31 9.34 3.19
N VAL A 56 -5.72 8.13 3.14
CA VAL A 56 -6.49 6.89 2.93
C VAL A 56 -6.57 6.07 4.20
N GLU A 57 -7.70 6.15 4.89
CA GLU A 57 -7.91 5.38 6.10
C GLU A 57 -8.45 3.99 5.75
N ILE A 58 -7.60 2.97 5.90
CA ILE A 58 -7.99 1.59 5.61
C ILE A 58 -8.57 0.94 6.88
N PRO A 59 -9.89 0.87 7.03
CA PRO A 59 -10.52 0.19 8.20
C PRO A 59 -10.18 -1.27 8.16
N ASP A 60 -10.44 -1.95 9.28
CA ASP A 60 -10.16 -3.39 9.37
C ASP A 60 -10.72 -4.12 8.15
N GLU A 61 -11.88 -3.66 7.68
CA GLU A 61 -12.52 -4.26 6.50
C GLU A 61 -11.64 -4.08 5.25
N GLU A 62 -11.08 -2.88 5.07
CA GLU A 62 -10.22 -2.64 3.90
C GLU A 62 -8.89 -3.34 4.05
N SER A 63 -8.31 -3.22 5.22
CA SER A 63 -6.99 -3.82 5.50
C SER A 63 -6.98 -5.30 5.22
N LYS A 64 -8.04 -6.01 5.60
CA LYS A 64 -8.11 -7.44 5.33
C LYS A 64 -8.31 -7.68 3.83
N ASN A 65 -9.08 -6.78 3.17
CA ASN A 65 -9.28 -6.90 1.72
C ASN A 65 -7.94 -6.66 1.01
N ILE A 66 -7.23 -5.64 1.48
CA ILE A 66 -5.93 -5.26 0.96
C ILE A 66 -4.90 -6.32 1.30
N LYS A 67 -4.72 -7.27 0.40
CA LYS A 67 -3.74 -8.35 0.57
C LYS A 67 -2.77 -8.37 -0.60
N ILE A 68 -3.17 -7.75 -1.71
CA ILE A 68 -2.33 -7.65 -2.88
C ILE A 68 -2.24 -6.18 -3.29
N VAL A 69 -1.31 -5.87 -4.16
CA VAL A 69 -1.11 -4.50 -4.60
C VAL A 69 -2.38 -3.97 -5.26
N GLY A 70 -3.02 -4.82 -6.04
CA GLY A 70 -4.24 -4.42 -6.75
C GLY A 70 -5.29 -3.85 -5.81
N ASP A 71 -5.48 -4.49 -4.65
CA ASP A 71 -6.46 -4.01 -3.68
C ASP A 71 -5.93 -2.82 -2.91
N ALA A 72 -4.69 -2.96 -2.41
CA ALA A 72 -4.08 -1.90 -1.62
C ALA A 72 -4.01 -0.62 -2.44
N VAL A 73 -3.26 -0.68 -3.54
CA VAL A 73 -3.06 0.46 -4.39
C VAL A 73 -4.35 1.00 -4.97
N ASN A 74 -5.24 0.13 -5.46
CA ASN A 74 -6.50 0.62 -6.04
C ASN A 74 -7.25 1.42 -4.99
N TYR A 75 -7.21 0.93 -3.74
CA TYR A 75 -7.86 1.59 -2.63
C TYR A 75 -7.20 2.97 -2.40
N ILE A 76 -5.86 2.99 -2.37
CA ILE A 76 -5.14 4.24 -2.12
C ILE A 76 -5.51 5.27 -3.19
N ILE A 77 -5.47 4.87 -4.45
CA ILE A 77 -5.86 5.78 -5.53
C ILE A 77 -7.36 6.08 -5.46
N GLU A 78 -8.13 5.22 -4.79
CA GLU A 78 -9.58 5.39 -4.69
C GLU A 78 -9.87 6.72 -4.02
N HIS A 79 -9.14 7.01 -2.94
CA HIS A 79 -9.33 8.28 -2.21
C HIS A 79 -8.33 9.32 -2.70
N GLN A 80 -7.27 8.89 -3.40
CA GLN A 80 -6.28 9.83 -3.90
C GLN A 80 -6.82 10.60 -5.08
N SER A 81 -6.14 11.69 -5.36
CA SER A 81 -6.51 12.53 -6.50
C SER A 81 -5.43 13.58 -6.77
N MET A 1 -1.83 14.03 -4.47
CA MET A 1 -2.23 13.90 -5.89
C MET A 1 -1.35 12.85 -6.58
N ALA A 2 -1.85 11.61 -6.65
CA ALA A 2 -1.10 10.53 -7.26
C ALA A 2 -2.04 9.53 -7.94
N ASP A 3 -1.69 9.12 -9.17
CA ASP A 3 -2.46 8.13 -9.90
C ASP A 3 -2.14 6.76 -9.32
N LYS A 4 -2.95 5.72 -9.64
CA LYS A 4 -2.72 4.39 -9.09
C LYS A 4 -1.27 3.96 -9.30
N ASP A 5 -0.70 4.26 -10.46
CA ASP A 5 0.70 3.95 -10.72
C ASP A 5 1.57 4.70 -9.70
N GLN A 6 1.22 5.97 -9.49
CA GLN A 6 1.90 6.82 -8.53
C GLN A 6 1.67 6.31 -7.11
N ILE A 7 0.50 5.68 -6.84
CA ILE A 7 0.22 5.12 -5.54
C ILE A 7 1.31 4.11 -5.24
N LEU A 8 1.75 3.34 -6.24
CA LEU A 8 2.85 2.40 -6.02
C LEU A 8 4.17 3.11 -5.86
N ALA A 9 4.37 4.24 -6.54
CA ALA A 9 5.64 4.97 -6.37
C ALA A 9 5.69 5.50 -4.93
N ASP A 10 4.60 6.16 -4.54
CA ASP A 10 4.43 6.71 -3.21
C ASP A 10 4.36 5.61 -2.13
N MET A 11 3.60 4.56 -2.42
CA MET A 11 3.46 3.40 -1.53
C MET A 11 4.77 2.66 -1.46
N ALA A 12 5.51 2.64 -2.56
CA ALA A 12 6.80 1.96 -2.60
C ALA A 12 7.70 2.58 -1.55
N ASP A 13 7.58 3.89 -1.41
CA ASP A 13 8.36 4.62 -0.41
C ASP A 13 7.96 4.21 1.00
N ILE A 14 6.67 4.28 1.29
CA ILE A 14 6.11 3.92 2.59
C ILE A 14 6.40 2.45 2.90
N VAL A 15 6.09 1.63 1.91
CA VAL A 15 6.23 0.20 1.99
C VAL A 15 7.72 -0.15 2.18
N ASN A 16 8.58 0.50 1.41
CA ASN A 16 10.03 0.34 1.58
C ASN A 16 10.44 0.91 2.93
N ASP A 17 9.69 1.90 3.39
CA ASP A 17 9.97 2.55 4.66
C ASP A 17 9.56 1.67 5.84
N ILE A 18 8.55 0.81 5.63
CA ILE A 18 8.04 -0.05 6.69
C ILE A 18 8.56 -1.49 6.55
N THR A 19 8.30 -2.12 5.40
CA THR A 19 8.77 -3.48 5.15
C THR A 19 10.12 -3.44 4.43
N GLY A 20 10.42 -2.33 3.75
CA GLY A 20 11.69 -2.24 3.00
C GLY A 20 11.58 -2.91 1.63
N VAL A 21 10.36 -3.02 1.16
CA VAL A 21 10.02 -3.58 -0.13
C VAL A 21 10.56 -2.64 -1.21
N ASP A 22 11.17 -3.20 -2.28
CA ASP A 22 11.78 -2.37 -3.32
C ASP A 22 10.78 -1.64 -4.18
N GLN A 23 11.17 -0.43 -4.57
CA GLN A 23 10.34 0.39 -5.47
C GLN A 23 10.24 -0.34 -6.82
N SER A 24 11.26 -1.14 -7.11
CA SER A 24 11.32 -1.97 -8.31
C SER A 24 10.33 -3.12 -8.18
N GLU A 25 10.30 -3.68 -6.96
CA GLU A 25 9.44 -4.80 -6.63
C GLU A 25 7.96 -4.47 -6.63
N VAL A 26 7.59 -3.24 -6.24
CA VAL A 26 6.17 -2.87 -6.19
C VAL A 26 5.52 -2.95 -7.58
N THR A 27 4.46 -3.77 -7.70
CA THR A 27 3.75 -3.94 -8.96
C THR A 27 2.30 -4.30 -8.68
N PHE A 28 1.41 -3.96 -9.61
CA PHE A 28 -0.02 -4.23 -9.46
C PHE A 28 -0.32 -5.72 -9.20
N GLU A 29 0.68 -6.60 -9.33
CA GLU A 29 0.47 -8.05 -9.15
C GLU A 29 1.26 -8.65 -7.99
N LYS A 30 1.87 -7.83 -7.13
CA LYS A 30 2.64 -8.37 -6.01
C LYS A 30 1.78 -8.47 -4.79
N SER A 31 1.67 -9.68 -4.22
CA SER A 31 0.92 -9.81 -2.98
C SER A 31 1.60 -8.94 -1.95
N PHE A 32 0.87 -8.13 -1.19
CA PHE A 32 1.47 -7.30 -0.19
C PHE A 32 2.20 -8.19 0.80
N VAL A 33 1.42 -9.11 1.36
CA VAL A 33 1.90 -10.05 2.38
C VAL A 33 2.95 -11.03 1.87
N ASP A 34 2.64 -11.67 0.76
CA ASP A 34 3.50 -12.69 0.20
C ASP A 34 4.62 -12.14 -0.66
N ASP A 35 4.26 -11.27 -1.63
CA ASP A 35 5.26 -10.73 -2.53
C ASP A 35 5.98 -9.51 -1.93
N LEU A 36 5.25 -8.68 -1.17
CA LEU A 36 5.87 -7.49 -0.57
C LEU A 36 6.13 -7.74 0.93
N ASP A 37 6.16 -9.02 1.33
CA ASP A 37 6.42 -9.41 2.71
C ASP A 37 5.70 -8.50 3.71
N VAL A 38 4.40 -8.28 3.49
CA VAL A 38 3.62 -7.41 4.38
C VAL A 38 2.94 -8.22 5.48
N ASP A 39 3.49 -8.11 6.69
CA ASP A 39 2.90 -8.75 7.86
C ASP A 39 1.77 -7.87 8.36
N SER A 40 1.09 -8.27 9.43
CA SER A 40 0.01 -7.43 9.95
C SER A 40 0.56 -6.06 10.34
N LEU A 41 1.76 -6.05 10.95
CA LEU A 41 2.38 -4.79 11.35
C LEU A 41 2.73 -3.96 10.12
N SER A 42 3.21 -4.63 9.07
CA SER A 42 3.60 -3.94 7.84
C SER A 42 2.40 -3.21 7.26
N MET A 43 1.28 -3.92 7.16
CA MET A 43 0.07 -3.34 6.64
C MET A 43 -0.48 -2.32 7.61
N VAL A 44 -0.42 -2.58 8.92
CA VAL A 44 -0.91 -1.61 9.91
C VAL A 44 -0.12 -0.32 9.78
N GLU A 45 1.20 -0.43 9.71
CA GLU A 45 2.07 0.73 9.57
C GLU A 45 1.81 1.41 8.22
N ILE A 46 1.62 0.59 7.18
CA ILE A 46 1.35 1.11 5.83
C ILE A 46 0.00 1.81 5.78
N ILE A 47 -0.96 1.24 6.47
CA ILE A 47 -2.30 1.78 6.54
C ILE A 47 -2.25 3.17 7.18
N TYR A 48 -1.39 3.31 8.20
CA TYR A 48 -1.21 4.56 8.89
C TYR A 48 -0.50 5.57 8.00
N ALA A 49 0.58 5.11 7.37
CA ALA A 49 1.37 5.96 6.49
C ALA A 49 0.57 6.38 5.28
N CYS A 50 -0.23 5.48 4.73
CA CYS A 50 -1.06 5.81 3.57
C CYS A 50 -2.22 6.74 3.97
N ASP A 51 -2.70 6.56 5.20
CA ASP A 51 -3.79 7.38 5.74
C ASP A 51 -3.33 8.83 5.84
N GLU A 52 -2.05 9.02 6.13
CA GLU A 52 -1.48 10.36 6.28
C GLU A 52 -0.87 10.88 4.97
N LYS A 53 -0.19 9.99 4.22
CA LYS A 53 0.46 10.37 2.97
C LYS A 53 -0.56 10.57 1.86
N PHE A 54 -1.55 9.67 1.77
CA PHE A 54 -2.58 9.76 0.71
C PHE A 54 -3.96 10.16 1.26
N GLY A 55 -4.09 10.27 2.59
CA GLY A 55 -5.39 10.57 3.18
C GLY A 55 -6.32 9.34 3.04
N VAL A 56 -5.71 8.14 3.05
CA VAL A 56 -6.48 6.89 2.89
C VAL A 56 -6.50 6.08 4.19
N GLU A 57 -7.60 6.19 4.93
CA GLU A 57 -7.75 5.45 6.17
C GLU A 57 -8.37 4.08 5.88
N ILE A 58 -7.52 3.05 5.84
CA ILE A 58 -7.97 1.68 5.57
C ILE A 58 -8.62 1.07 6.83
N PRO A 59 -9.95 0.91 6.88
CA PRO A 59 -10.61 0.26 8.03
C PRO A 59 -10.23 -1.20 8.07
N ASP A 60 -10.52 -1.85 9.18
CA ASP A 60 -10.20 -3.27 9.34
C ASP A 60 -10.72 -4.05 8.13
N GLU A 61 -11.89 -3.64 7.61
CA GLU A 61 -12.48 -4.28 6.44
C GLU A 61 -11.57 -4.15 5.21
N GLU A 62 -11.03 -2.95 4.99
CA GLU A 62 -10.14 -2.73 3.85
C GLU A 62 -8.79 -3.38 4.05
N SER A 63 -8.22 -3.24 5.23
CA SER A 63 -6.89 -3.78 5.52
C SER A 63 -6.84 -5.27 5.27
N LYS A 64 -7.89 -5.99 5.66
CA LYS A 64 -7.94 -7.43 5.43
C LYS A 64 -8.15 -7.71 3.94
N ASN A 65 -8.93 -6.85 3.26
CA ASN A 65 -9.14 -7.01 1.82
C ASN A 65 -7.81 -6.75 1.08
N ILE A 66 -7.13 -5.69 1.53
CA ILE A 66 -5.85 -5.30 0.99
C ILE A 66 -4.78 -6.33 1.34
N LYS A 67 -4.63 -7.31 0.46
CA LYS A 67 -3.64 -8.36 0.63
C LYS A 67 -2.68 -8.38 -0.55
N ILE A 68 -3.10 -7.77 -1.66
CA ILE A 68 -2.29 -7.68 -2.85
C ILE A 68 -2.22 -6.20 -3.24
N VAL A 69 -1.32 -5.88 -4.14
CA VAL A 69 -1.15 -4.51 -4.58
C VAL A 69 -2.44 -4.01 -5.23
N GLY A 70 -3.06 -4.86 -6.02
CA GLY A 70 -4.30 -4.51 -6.71
C GLY A 70 -5.33 -3.89 -5.76
N ASP A 71 -5.53 -4.53 -4.60
CA ASP A 71 -6.49 -4.03 -3.62
C ASP A 71 -5.93 -2.84 -2.86
N ALA A 72 -4.69 -2.98 -2.36
CA ALA A 72 -4.06 -1.92 -1.59
C ALA A 72 -4.02 -0.64 -2.40
N VAL A 73 -3.27 -0.70 -3.51
CA VAL A 73 -3.06 0.43 -4.37
C VAL A 73 -4.35 0.97 -4.95
N ASN A 74 -5.25 0.09 -5.44
CA ASN A 74 -6.51 0.58 -6.01
C ASN A 74 -7.27 1.37 -4.96
N TYR A 75 -7.22 0.89 -3.72
CA TYR A 75 -7.87 1.57 -2.61
C TYR A 75 -7.21 2.94 -2.38
N ILE A 76 -5.87 2.97 -2.35
CA ILE A 76 -5.15 4.22 -2.11
C ILE A 76 -5.52 5.23 -3.18
N ILE A 77 -5.47 4.84 -4.44
CA ILE A 77 -5.87 5.73 -5.52
C ILE A 77 -7.37 6.05 -5.45
N GLU A 78 -8.14 5.18 -4.78
CA GLU A 78 -9.58 5.36 -4.67
C GLU A 78 -9.87 6.70 -4.01
N HIS A 79 -9.11 6.99 -2.95
CA HIS A 79 -9.29 8.27 -2.23
C HIS A 79 -8.31 9.32 -2.75
N GLN A 80 -7.26 8.87 -3.47
CA GLN A 80 -6.29 9.82 -4.01
C GLN A 80 -6.88 10.58 -5.17
N SER A 81 -6.23 11.68 -5.49
CA SER A 81 -6.66 12.51 -6.61
C SER A 81 -5.56 13.49 -7.00
N MET A 1 -3.00 13.14 -5.06
CA MET A 1 -2.13 13.75 -6.11
C MET A 1 -1.26 12.65 -6.75
N ALA A 2 -1.79 11.42 -6.83
CA ALA A 2 -1.06 10.31 -7.42
C ALA A 2 -1.99 9.30 -8.09
N ASP A 3 -1.68 8.95 -9.34
CA ASP A 3 -2.46 7.95 -10.07
C ASP A 3 -2.14 6.57 -9.47
N LYS A 4 -2.95 5.55 -9.75
CA LYS A 4 -2.71 4.21 -9.17
C LYS A 4 -1.26 3.78 -9.45
N ASP A 5 -0.73 4.12 -10.63
CA ASP A 5 0.66 3.80 -10.93
C ASP A 5 1.55 4.51 -9.92
N GLN A 6 1.22 5.78 -9.66
CA GLN A 6 1.91 6.62 -8.71
C GLN A 6 1.67 6.10 -7.29
N ILE A 7 0.51 5.45 -7.04
CA ILE A 7 0.21 4.90 -5.75
C ILE A 7 1.29 3.89 -5.42
N LEU A 8 1.67 3.06 -6.37
CA LEU A 8 2.76 2.13 -6.14
C LEU A 8 4.06 2.86 -5.94
N ALA A 9 4.27 3.99 -6.64
CA ALA A 9 5.51 4.75 -6.46
C ALA A 9 5.59 5.33 -5.04
N ASP A 10 4.49 5.96 -4.60
CA ASP A 10 4.41 6.56 -3.29
C ASP A 10 4.27 5.48 -2.19
N MET A 11 3.52 4.43 -2.50
CA MET A 11 3.37 3.28 -1.60
C MET A 11 4.67 2.55 -1.52
N ALA A 12 5.42 2.56 -2.61
CA ALA A 12 6.72 1.92 -2.66
C ALA A 12 7.61 2.56 -1.63
N ASP A 13 7.47 3.88 -1.50
CA ASP A 13 8.26 4.63 -0.52
C ASP A 13 7.92 4.18 0.89
N ILE A 14 6.61 4.20 1.19
CA ILE A 14 6.10 3.78 2.49
C ILE A 14 6.47 2.32 2.76
N VAL A 15 6.26 1.51 1.74
CA VAL A 15 6.53 0.09 1.77
C VAL A 15 8.02 -0.14 2.04
N ASN A 16 8.85 0.59 1.31
CA ASN A 16 10.29 0.56 1.49
C ASN A 16 10.65 1.20 2.84
N ASP A 17 9.73 2.01 3.37
CA ASP A 17 9.95 2.70 4.63
C ASP A 17 9.55 1.84 5.84
N ILE A 18 8.57 0.96 5.64
CA ILE A 18 8.06 0.09 6.71
C ILE A 18 8.64 -1.32 6.58
N THR A 19 8.38 -1.96 5.43
CA THR A 19 8.89 -3.30 5.19
C THR A 19 10.27 -3.24 4.52
N GLY A 20 10.55 -2.11 3.87
CA GLY A 20 11.82 -1.95 3.16
C GLY A 20 11.79 -2.68 1.82
N VAL A 21 10.58 -2.92 1.32
CA VAL A 21 10.38 -3.57 0.05
C VAL A 21 10.72 -2.56 -1.07
N ASP A 22 11.30 -3.06 -2.17
CA ASP A 22 11.80 -2.22 -3.25
C ASP A 22 10.74 -1.58 -4.11
N GLN A 23 11.09 -0.39 -4.61
CA GLN A 23 10.25 0.35 -5.53
C GLN A 23 10.21 -0.42 -6.86
N SER A 24 11.31 -1.13 -7.12
CA SER A 24 11.43 -1.99 -8.30
C SER A 24 10.47 -3.16 -8.14
N GLU A 25 10.43 -3.67 -6.90
CA GLU A 25 9.60 -4.80 -6.53
C GLU A 25 8.10 -4.48 -6.59
N VAL A 26 7.71 -3.23 -6.29
CA VAL A 26 6.29 -2.87 -6.29
C VAL A 26 5.69 -2.99 -7.70
N THR A 27 4.60 -3.76 -7.82
CA THR A 27 3.92 -3.95 -9.10
C THR A 27 2.44 -4.22 -8.85
N PHE A 28 1.61 -3.93 -9.84
CA PHE A 28 0.16 -4.15 -9.73
C PHE A 28 -0.21 -5.61 -9.42
N GLU A 29 0.76 -6.52 -9.48
CA GLU A 29 0.50 -7.96 -9.25
C GLU A 29 1.24 -8.54 -8.06
N LYS A 30 1.86 -7.71 -7.21
CA LYS A 30 2.61 -8.25 -6.07
C LYS A 30 1.73 -8.34 -4.85
N SER A 31 1.63 -9.54 -4.28
CA SER A 31 0.89 -9.68 -3.04
C SER A 31 1.60 -8.85 -1.99
N PHE A 32 0.89 -8.04 -1.24
CA PHE A 32 1.49 -7.24 -0.21
C PHE A 32 2.22 -8.17 0.76
N VAL A 33 1.45 -9.11 1.29
CA VAL A 33 1.92 -10.08 2.29
C VAL A 33 2.98 -11.04 1.76
N ASP A 34 2.69 -11.67 0.63
CA ASP A 34 3.57 -12.69 0.08
C ASP A 34 4.68 -12.14 -0.81
N ASP A 35 4.36 -11.15 -1.65
CA ASP A 35 5.35 -10.60 -2.56
C ASP A 35 6.03 -9.37 -1.97
N LEU A 36 5.29 -8.55 -1.22
CA LEU A 36 5.88 -7.36 -0.61
C LEU A 36 6.18 -7.62 0.88
N ASP A 37 6.13 -8.92 1.28
CA ASP A 37 6.42 -9.33 2.66
C ASP A 37 5.68 -8.45 3.67
N VAL A 38 4.38 -8.28 3.44
CA VAL A 38 3.57 -7.44 4.35
C VAL A 38 2.88 -8.29 5.42
N ASP A 39 3.40 -8.21 6.64
CA ASP A 39 2.80 -8.90 7.77
C ASP A 39 1.71 -7.98 8.32
N SER A 40 1.05 -8.37 9.42
CA SER A 40 -0.01 -7.52 9.97
C SER A 40 0.54 -6.16 10.35
N LEU A 41 1.73 -6.14 10.96
CA LEU A 41 2.35 -4.88 11.36
C LEU A 41 2.69 -4.05 10.12
N SER A 42 3.15 -4.73 9.07
CA SER A 42 3.52 -4.04 7.84
C SER A 42 2.33 -3.31 7.27
N MET A 43 1.22 -4.02 7.15
CA MET A 43 0.00 -3.42 6.63
C MET A 43 -0.54 -2.40 7.62
N VAL A 44 -0.46 -2.68 8.93
CA VAL A 44 -0.94 -1.72 9.93
C VAL A 44 -0.15 -0.43 9.80
N GLU A 45 1.17 -0.55 9.72
CA GLU A 45 2.03 0.62 9.58
C GLU A 45 1.77 1.31 8.25
N ILE A 46 1.59 0.50 7.20
CA ILE A 46 1.32 1.03 5.85
C ILE A 46 -0.04 1.74 5.80
N ILE A 47 -1.00 1.16 6.49
CA ILE A 47 -2.34 1.72 6.57
C ILE A 47 -2.26 3.09 7.22
N TYR A 48 -1.41 3.22 8.23
CA TYR A 48 -1.19 4.47 8.93
C TYR A 48 -0.48 5.45 8.03
N ALA A 49 0.56 4.98 7.34
CA ALA A 49 1.35 5.82 6.44
C ALA A 49 0.52 6.29 5.27
N CYS A 50 -0.33 5.42 4.73
CA CYS A 50 -1.18 5.79 3.60
C CYS A 50 -2.30 6.73 4.07
N ASP A 51 -2.75 6.53 5.32
CA ASP A 51 -3.79 7.35 5.92
C ASP A 51 -3.31 8.78 6.09
N GLU A 52 -2.03 8.94 6.38
CA GLU A 52 -1.45 10.27 6.60
C GLU A 52 -0.84 10.83 5.31
N LYS A 53 -0.10 9.99 4.60
CA LYS A 53 0.56 10.39 3.37
C LYS A 53 -0.47 10.67 2.26
N PHE A 54 -1.52 9.83 2.20
CA PHE A 54 -2.54 9.98 1.14
C PHE A 54 -3.93 10.33 1.67
N GLY A 55 -4.10 10.37 3.00
CA GLY A 55 -5.43 10.65 3.57
C GLY A 55 -6.34 9.44 3.36
N VAL A 56 -5.74 8.24 3.27
CA VAL A 56 -6.51 7.01 3.06
C VAL A 56 -6.54 6.16 4.33
N GLU A 57 -7.58 6.32 5.12
CA GLU A 57 -7.72 5.55 6.36
C GLU A 57 -8.42 4.23 6.06
N ILE A 58 -7.62 3.17 5.87
CA ILE A 58 -8.15 1.84 5.57
C ILE A 58 -8.88 1.25 6.79
N PRO A 59 -10.20 1.09 6.75
CA PRO A 59 -10.95 0.44 7.84
C PRO A 59 -10.46 -0.99 7.98
N ASP A 60 -10.81 -1.62 9.09
CA ASP A 60 -10.42 -3.01 9.33
C ASP A 60 -10.85 -3.88 8.15
N GLU A 61 -12.03 -3.58 7.59
CA GLU A 61 -12.56 -4.32 6.45
C GLU A 61 -11.64 -4.19 5.23
N GLU A 62 -11.16 -2.97 4.95
CA GLU A 62 -10.26 -2.77 3.81
C GLU A 62 -8.90 -3.38 4.06
N SER A 63 -8.38 -3.17 5.25
CA SER A 63 -7.04 -3.67 5.60
C SER A 63 -6.93 -5.16 5.39
N LYS A 64 -7.97 -5.91 5.76
CA LYS A 64 -7.94 -7.36 5.57
C LYS A 64 -8.08 -7.68 4.08
N ASN A 65 -8.89 -6.87 3.35
CA ASN A 65 -9.07 -7.08 1.91
C ASN A 65 -7.75 -6.78 1.19
N ILE A 66 -7.09 -5.70 1.63
CA ILE A 66 -5.84 -5.26 1.09
C ILE A 66 -4.74 -6.28 1.43
N LYS A 67 -4.60 -7.26 0.55
CA LYS A 67 -3.59 -8.31 0.70
C LYS A 67 -2.65 -8.31 -0.49
N ILE A 68 -3.08 -7.69 -1.61
CA ILE A 68 -2.28 -7.59 -2.79
C ILE A 68 -2.24 -6.12 -3.21
N VAL A 69 -1.36 -5.81 -4.13
CA VAL A 69 -1.22 -4.44 -4.62
C VAL A 69 -2.54 -3.97 -5.20
N GLY A 70 -3.17 -4.83 -5.97
CA GLY A 70 -4.44 -4.51 -6.62
C GLY A 70 -5.43 -3.91 -5.64
N ASP A 71 -5.60 -4.54 -4.48
CA ASP A 71 -6.53 -4.04 -3.48
C ASP A 71 -5.97 -2.84 -2.73
N ALA A 72 -4.71 -2.96 -2.26
CA ALA A 72 -4.10 -1.90 -1.50
C ALA A 72 -4.03 -0.62 -2.32
N VAL A 73 -3.26 -0.68 -3.41
CA VAL A 73 -3.04 0.45 -4.26
C VAL A 73 -4.32 0.96 -4.91
N ASN A 74 -5.22 0.07 -5.38
CA ASN A 74 -6.47 0.56 -5.99
C ASN A 74 -7.24 1.38 -4.95
N TYR A 75 -7.20 0.90 -3.70
CA TYR A 75 -7.88 1.59 -2.61
C TYR A 75 -7.25 2.98 -2.41
N ILE A 76 -5.91 3.02 -2.35
CA ILE A 76 -5.22 4.28 -2.12
C ILE A 76 -5.56 5.27 -3.24
N ILE A 77 -5.46 4.86 -4.52
CA ILE A 77 -5.87 5.74 -5.63
C ILE A 77 -7.36 6.10 -5.54
N GLU A 78 -8.13 5.23 -4.86
CA GLU A 78 -9.58 5.44 -4.74
C GLU A 78 -9.84 6.77 -4.08
N HIS A 79 -9.10 7.04 -3.01
CA HIS A 79 -9.27 8.32 -2.30
C HIS A 79 -8.23 9.34 -2.79
N GLN A 80 -7.19 8.85 -3.49
CA GLN A 80 -6.16 9.75 -4.00
C GLN A 80 -6.60 10.42 -5.27
N SER A 81 -5.91 11.50 -5.60
CA SER A 81 -6.19 12.26 -6.81
C SER A 81 -5.09 13.26 -7.10
N MET A 1 -2.46 13.90 -5.31
CA MET A 1 -2.15 14.15 -6.75
C MET A 1 -1.33 12.97 -7.30
N ALA A 2 -1.76 11.75 -6.95
CA ALA A 2 -1.07 10.54 -7.40
C ALA A 2 -2.04 9.55 -8.03
N ASP A 3 -1.74 9.14 -9.26
CA ASP A 3 -2.56 8.13 -9.95
C ASP A 3 -2.21 6.77 -9.36
N LYS A 4 -3.01 5.73 -9.67
CA LYS A 4 -2.74 4.40 -9.11
C LYS A 4 -1.28 4.01 -9.30
N ASP A 5 -0.72 4.35 -10.46
CA ASP A 5 0.70 4.07 -10.72
C ASP A 5 1.55 4.83 -9.70
N GLN A 6 1.15 6.08 -9.46
CA GLN A 6 1.83 6.94 -8.51
C GLN A 6 1.61 6.42 -7.09
N ILE A 7 0.46 5.75 -6.83
CA ILE A 7 0.20 5.17 -5.53
C ILE A 7 1.30 4.16 -5.27
N LEU A 8 1.73 3.41 -6.28
CA LEU A 8 2.83 2.47 -6.09
C LEU A 8 4.16 3.17 -5.96
N ALA A 9 4.32 4.35 -6.56
CA ALA A 9 5.58 5.09 -6.42
C ALA A 9 5.66 5.66 -4.99
N ASP A 10 4.54 6.25 -4.57
CA ASP A 10 4.38 6.82 -3.26
C ASP A 10 4.38 5.71 -2.19
N MET A 11 3.67 4.62 -2.50
CA MET A 11 3.61 3.44 -1.63
C MET A 11 4.94 2.72 -1.69
N ALA A 12 5.66 2.88 -2.80
CA ALA A 12 6.98 2.26 -2.98
C ALA A 12 7.88 2.76 -1.85
N ASP A 13 7.73 4.05 -1.58
CA ASP A 13 8.48 4.73 -0.53
C ASP A 13 8.07 4.24 0.84
N ILE A 14 6.77 4.27 1.11
CA ILE A 14 6.21 3.84 2.40
C ILE A 14 6.56 2.38 2.64
N VAL A 15 6.35 1.59 1.61
CA VAL A 15 6.61 0.17 1.64
C VAL A 15 8.09 -0.06 1.91
N ASN A 16 8.94 0.62 1.14
CA ASN A 16 10.39 0.55 1.32
C ASN A 16 10.75 1.15 2.69
N ASP A 17 9.84 1.94 3.25
CA ASP A 17 10.07 2.58 4.54
C ASP A 17 9.66 1.70 5.72
N ILE A 18 8.64 0.86 5.51
CA ILE A 18 8.12 0.00 6.58
C ILE A 18 8.62 -1.43 6.41
N THR A 19 8.31 -2.06 5.28
CA THR A 19 8.76 -3.41 5.02
C THR A 19 10.12 -3.39 4.33
N GLY A 20 10.45 -2.24 3.73
CA GLY A 20 11.72 -2.11 3.00
C GLY A 20 11.66 -2.79 1.64
N VAL A 21 10.43 -3.08 1.19
CA VAL A 21 10.22 -3.68 -0.11
C VAL A 21 10.55 -2.61 -1.17
N ASP A 22 11.26 -3.02 -2.22
CA ASP A 22 11.74 -2.10 -3.25
C ASP A 22 10.65 -1.42 -4.04
N GLN A 23 11.00 -0.24 -4.54
CA GLN A 23 10.11 0.53 -5.37
C GLN A 23 9.80 -0.29 -6.63
N SER A 24 10.81 -1.02 -7.06
CA SER A 24 10.73 -1.95 -8.19
C SER A 24 9.86 -3.14 -7.79
N GLU A 25 10.06 -3.59 -6.55
CA GLU A 25 9.35 -4.74 -6.01
C GLU A 25 7.86 -4.47 -5.81
N VAL A 26 7.44 -3.19 -5.75
CA VAL A 26 6.03 -2.89 -5.58
C VAL A 26 5.33 -2.77 -6.95
N THR A 27 4.60 -3.82 -7.34
CA THR A 27 3.91 -3.86 -8.63
C THR A 27 2.45 -4.30 -8.44
N PHE A 28 1.60 -3.86 -9.37
CA PHE A 28 0.17 -4.17 -9.32
C PHE A 28 -0.15 -5.66 -9.17
N GLU A 29 0.86 -6.55 -9.29
CA GLU A 29 0.61 -8.00 -9.19
C GLU A 29 1.33 -8.68 -8.04
N LYS A 30 1.83 -7.91 -7.08
CA LYS A 30 2.57 -8.50 -5.97
C LYS A 30 1.70 -8.59 -4.73
N SER A 31 1.55 -9.79 -4.18
CA SER A 31 0.81 -9.92 -2.93
C SER A 31 1.54 -9.08 -1.89
N PHE A 32 0.83 -8.24 -1.17
CA PHE A 32 1.42 -7.42 -0.16
C PHE A 32 2.15 -8.33 0.83
N VAL A 33 1.38 -9.26 1.37
CA VAL A 33 1.85 -10.21 2.39
C VAL A 33 2.91 -11.18 1.89
N ASP A 34 2.63 -11.84 0.77
CA ASP A 34 3.51 -12.87 0.24
C ASP A 34 4.63 -12.33 -0.64
N ASP A 35 4.31 -11.37 -1.51
CA ASP A 35 5.33 -10.82 -2.41
C ASP A 35 5.99 -9.58 -1.83
N LEU A 36 5.22 -8.75 -1.11
CA LEU A 36 5.81 -7.55 -0.50
C LEU A 36 6.06 -7.77 1.00
N ASP A 37 6.09 -9.06 1.39
CA ASP A 37 6.35 -9.46 2.78
C ASP A 37 5.60 -8.57 3.77
N VAL A 38 4.31 -8.37 3.53
CA VAL A 38 3.49 -7.53 4.42
C VAL A 38 2.78 -8.36 5.49
N ASP A 39 3.30 -8.27 6.72
CA ASP A 39 2.65 -8.94 7.85
C ASP A 39 1.57 -7.99 8.36
N SER A 40 0.91 -8.33 9.46
CA SER A 40 -0.13 -7.44 9.97
C SER A 40 0.46 -6.08 10.33
N LEU A 41 1.66 -6.10 10.92
CA LEU A 41 2.33 -4.85 11.30
C LEU A 41 2.69 -4.04 10.06
N SER A 42 3.15 -4.71 9.02
CA SER A 42 3.55 -4.02 7.78
C SER A 42 2.36 -3.29 7.20
N MET A 43 1.21 -3.96 7.13
CA MET A 43 0.01 -3.35 6.61
C MET A 43 -0.49 -2.30 7.60
N VAL A 44 -0.42 -2.57 8.90
CA VAL A 44 -0.88 -1.60 9.90
C VAL A 44 -0.05 -0.32 9.75
N GLU A 45 1.26 -0.48 9.67
CA GLU A 45 2.15 0.66 9.51
C GLU A 45 1.91 1.35 8.16
N ILE A 46 1.71 0.52 7.13
CA ILE A 46 1.44 1.04 5.77
C ILE A 46 0.12 1.79 5.72
N ILE A 47 -0.87 1.25 6.39
CA ILE A 47 -2.18 1.84 6.48
C ILE A 47 -2.07 3.22 7.13
N TYR A 48 -1.19 3.31 8.15
CA TYR A 48 -0.96 4.56 8.85
C TYR A 48 -0.27 5.56 7.94
N ALA A 49 0.81 5.12 7.28
CA ALA A 49 1.55 5.99 6.36
C ALA A 49 0.67 6.37 5.18
N CYS A 50 -0.11 5.42 4.72
CA CYS A 50 -1.02 5.63 3.61
C CYS A 50 -2.16 6.58 3.99
N ASP A 51 -2.66 6.43 5.22
CA ASP A 51 -3.74 7.27 5.73
C ASP A 51 -3.30 8.71 5.89
N GLU A 52 -2.01 8.92 6.16
CA GLU A 52 -1.48 10.27 6.34
C GLU A 52 -0.91 10.83 5.04
N LYS A 53 -0.16 9.98 4.33
CA LYS A 53 0.46 10.37 3.07
C LYS A 53 -0.56 10.57 1.95
N PHE A 54 -1.56 9.68 1.89
CA PHE A 54 -2.61 9.77 0.84
C PHE A 54 -3.96 10.17 1.42
N GLY A 55 -4.09 10.25 2.74
CA GLY A 55 -5.39 10.57 3.35
C GLY A 55 -6.33 9.36 3.20
N VAL A 56 -5.74 8.15 3.13
CA VAL A 56 -6.52 6.91 2.95
C VAL A 56 -6.55 6.07 4.23
N GLU A 57 -7.62 6.22 5.00
CA GLU A 57 -7.77 5.45 6.24
C GLU A 57 -8.40 4.09 5.95
N ILE A 58 -7.56 3.07 5.79
CA ILE A 58 -8.04 1.70 5.52
C ILE A 58 -8.72 1.12 6.77
N PRO A 59 -10.04 0.94 6.77
CA PRO A 59 -10.75 0.30 7.91
C PRO A 59 -10.36 -1.16 7.98
N ASP A 60 -10.69 -1.78 9.10
CA ASP A 60 -10.38 -3.19 9.31
C ASP A 60 -10.81 -4.03 8.11
N GLU A 61 -11.97 -3.67 7.53
CA GLU A 61 -12.49 -4.39 6.37
C GLU A 61 -11.58 -4.23 5.15
N GLU A 62 -11.08 -3.00 4.92
CA GLU A 62 -10.18 -2.77 3.77
C GLU A 62 -8.83 -3.40 3.98
N SER A 63 -8.29 -3.26 5.18
CA SER A 63 -6.96 -3.79 5.50
C SER A 63 -6.89 -5.27 5.22
N LYS A 64 -7.90 -6.01 5.68
CA LYS A 64 -7.93 -7.45 5.45
C LYS A 64 -8.14 -7.74 3.95
N ASN A 65 -8.91 -6.88 3.26
CA ASN A 65 -9.13 -7.05 1.82
C ASN A 65 -7.82 -6.78 1.09
N ILE A 66 -7.13 -5.72 1.51
CA ILE A 66 -5.86 -5.32 0.97
C ILE A 66 -4.80 -6.37 1.31
N LYS A 67 -4.69 -7.35 0.44
CA LYS A 67 -3.71 -8.43 0.60
C LYS A 67 -2.75 -8.44 -0.58
N ILE A 68 -3.16 -7.82 -1.69
CA ILE A 68 -2.34 -7.71 -2.86
C ILE A 68 -2.27 -6.24 -3.26
N VAL A 69 -1.33 -5.92 -4.12
CA VAL A 69 -1.14 -4.55 -4.55
C VAL A 69 -2.41 -4.03 -5.23
N GLY A 70 -3.05 -4.87 -6.01
CA GLY A 70 -4.26 -4.49 -6.73
C GLY A 70 -5.30 -3.90 -5.78
N ASP A 71 -5.48 -4.52 -4.62
CA ASP A 71 -6.45 -4.02 -3.65
C ASP A 71 -5.89 -2.84 -2.88
N ALA A 72 -4.65 -2.99 -2.37
CA ALA A 72 -4.03 -1.93 -1.60
C ALA A 72 -3.97 -0.65 -2.41
N VAL A 73 -3.23 -0.71 -3.51
CA VAL A 73 -3.02 0.43 -4.37
C VAL A 73 -4.32 0.97 -4.94
N ASN A 74 -5.21 0.08 -5.43
CA ASN A 74 -6.47 0.57 -6.01
C ASN A 74 -7.24 1.37 -4.95
N TYR A 75 -7.19 0.89 -3.71
CA TYR A 75 -7.86 1.57 -2.61
C TYR A 75 -7.20 2.94 -2.37
N ILE A 76 -5.86 2.97 -2.33
CA ILE A 76 -5.15 4.22 -2.10
C ILE A 76 -5.54 5.24 -3.17
N ILE A 77 -5.49 4.83 -4.43
CA ILE A 77 -5.89 5.72 -5.52
C ILE A 77 -7.40 6.01 -5.46
N GLU A 78 -8.15 5.15 -4.77
CA GLU A 78 -9.60 5.32 -4.67
C GLU A 78 -9.90 6.66 -4.04
N HIS A 79 -9.16 6.97 -2.98
CA HIS A 79 -9.34 8.27 -2.28
C HIS A 79 -8.35 9.30 -2.79
N GLN A 80 -7.28 8.85 -3.48
CA GLN A 80 -6.29 9.79 -4.01
C GLN A 80 -6.83 10.51 -5.22
N SER A 81 -6.16 11.60 -5.53
CA SER A 81 -6.53 12.41 -6.69
C SER A 81 -5.46 13.45 -6.99
N MET A 1 -1.05 14.88 -6.67
CA MET A 1 -1.78 14.19 -7.78
C MET A 1 -1.06 12.89 -8.13
N ALA A 2 -1.47 11.80 -7.51
CA ALA A 2 -0.86 10.49 -7.75
C ALA A 2 -1.89 9.51 -8.29
N ASP A 3 -1.63 8.96 -9.48
CA ASP A 3 -2.52 7.96 -10.05
C ASP A 3 -2.19 6.61 -9.40
N LYS A 4 -2.97 5.58 -9.70
CA LYS A 4 -2.75 4.26 -9.09
C LYS A 4 -1.28 3.83 -9.25
N ASP A 5 -0.71 4.09 -10.42
CA ASP A 5 0.71 3.77 -10.65
C ASP A 5 1.55 4.56 -9.65
N GLN A 6 1.18 5.84 -9.47
CA GLN A 6 1.86 6.71 -8.54
C GLN A 6 1.64 6.24 -7.12
N ILE A 7 0.46 5.64 -6.81
CA ILE A 7 0.21 5.11 -5.49
C ILE A 7 1.30 4.10 -5.21
N LEU A 8 1.71 3.31 -6.18
CA LEU A 8 2.81 2.37 -5.95
C LEU A 8 4.14 3.07 -5.83
N ALA A 9 4.32 4.22 -6.48
CA ALA A 9 5.59 4.94 -6.34
C ALA A 9 5.65 5.53 -4.92
N ASP A 10 4.56 6.18 -4.55
CA ASP A 10 4.41 6.78 -3.23
C ASP A 10 4.37 5.69 -2.14
N MET A 11 3.62 4.62 -2.41
CA MET A 11 3.51 3.47 -1.51
C MET A 11 4.81 2.71 -1.49
N ALA A 12 5.56 2.75 -2.59
CA ALA A 12 6.84 2.06 -2.67
C ALA A 12 7.76 2.65 -1.61
N ASP A 13 7.64 3.96 -1.43
CA ASP A 13 8.43 4.68 -0.43
C ASP A 13 8.02 4.22 0.97
N ILE A 14 6.71 4.26 1.23
CA ILE A 14 6.15 3.85 2.52
C ILE A 14 6.51 2.38 2.79
N VAL A 15 6.31 1.58 1.77
CA VAL A 15 6.57 0.16 1.80
C VAL A 15 8.06 -0.08 2.07
N ASN A 16 8.90 0.61 1.31
CA ASN A 16 10.34 0.55 1.50
C ASN A 16 10.71 1.14 2.87
N ASP A 17 9.80 1.95 3.41
CA ASP A 17 10.03 2.59 4.69
C ASP A 17 9.59 1.70 5.87
N ILE A 18 8.58 0.86 5.63
CA ILE A 18 8.04 -0.03 6.68
C ILE A 18 8.58 -1.46 6.51
N THR A 19 8.31 -2.07 5.35
CA THR A 19 8.78 -3.42 5.08
C THR A 19 10.15 -3.38 4.39
N GLY A 20 10.48 -2.23 3.79
CA GLY A 20 11.76 -2.09 3.09
C GLY A 20 11.72 -2.79 1.74
N VAL A 21 10.51 -2.96 1.20
CA VAL A 21 10.32 -3.59 -0.10
C VAL A 21 10.72 -2.58 -1.20
N ASP A 22 11.23 -3.10 -2.33
CA ASP A 22 11.75 -2.26 -3.41
C ASP A 22 10.72 -1.51 -4.21
N GLN A 23 11.14 -0.32 -4.68
CA GLN A 23 10.31 0.50 -5.55
C GLN A 23 10.23 -0.20 -6.92
N SER A 24 11.23 -1.02 -7.20
CA SER A 24 11.28 -1.82 -8.41
C SER A 24 10.27 -2.96 -8.31
N GLU A 25 10.23 -3.53 -7.10
CA GLU A 25 9.37 -4.66 -6.79
C GLU A 25 7.88 -4.29 -6.75
N VAL A 26 7.54 -3.07 -6.35
CA VAL A 26 6.14 -2.66 -6.25
C VAL A 26 5.42 -2.77 -7.61
N THR A 27 4.55 -3.79 -7.75
CA THR A 27 3.80 -3.99 -8.99
C THR A 27 2.36 -4.38 -8.67
N PHE A 28 1.45 -4.06 -9.60
CA PHE A 28 0.02 -4.36 -9.43
C PHE A 28 -0.27 -5.86 -9.20
N GLU A 29 0.75 -6.73 -9.30
CA GLU A 29 0.53 -8.17 -9.13
C GLU A 29 1.31 -8.78 -7.97
N LYS A 30 1.82 -7.96 -7.07
CA LYS A 30 2.60 -8.50 -5.95
C LYS A 30 1.73 -8.58 -4.72
N SER A 31 1.60 -9.77 -4.14
CA SER A 31 0.84 -9.89 -2.90
C SER A 31 1.55 -9.01 -1.89
N PHE A 32 0.81 -8.19 -1.13
CA PHE A 32 1.43 -7.35 -0.15
C PHE A 32 2.20 -8.24 0.83
N VAL A 33 1.44 -9.16 1.42
CA VAL A 33 1.96 -10.08 2.44
C VAL A 33 3.01 -11.06 1.91
N ASP A 34 2.68 -11.73 0.83
CA ASP A 34 3.55 -12.76 0.27
C ASP A 34 4.63 -12.21 -0.65
N ASP A 35 4.24 -11.33 -1.58
CA ASP A 35 5.19 -10.79 -2.52
C ASP A 35 5.91 -9.55 -1.99
N LEU A 36 5.20 -8.69 -1.22
CA LEU A 36 5.83 -7.48 -0.68
C LEU A 36 6.17 -7.68 0.81
N ASP A 37 6.16 -8.95 1.25
CA ASP A 37 6.49 -9.31 2.63
C ASP A 37 5.77 -8.42 3.64
N VAL A 38 4.45 -8.25 3.45
CA VAL A 38 3.66 -7.41 4.36
C VAL A 38 3.02 -8.24 5.48
N ASP A 39 3.59 -8.11 6.68
CA ASP A 39 3.04 -8.76 7.86
C ASP A 39 1.90 -7.89 8.36
N SER A 40 1.20 -8.32 9.42
CA SER A 40 0.09 -7.51 9.93
C SER A 40 0.62 -6.13 10.34
N LEU A 41 1.82 -6.10 10.93
CA LEU A 41 2.43 -4.84 11.34
C LEU A 41 2.76 -3.99 10.11
N SER A 42 3.24 -4.66 9.05
CA SER A 42 3.62 -3.96 7.83
C SER A 42 2.42 -3.26 7.25
N MET A 43 1.30 -3.98 7.14
CA MET A 43 0.08 -3.41 6.63
C MET A 43 -0.47 -2.39 7.60
N VAL A 44 -0.41 -2.66 8.90
CA VAL A 44 -0.91 -1.69 9.89
C VAL A 44 -0.12 -0.39 9.76
N GLU A 45 1.20 -0.51 9.70
CA GLU A 45 2.06 0.67 9.56
C GLU A 45 1.80 1.35 8.22
N ILE A 46 1.62 0.53 7.18
CA ILE A 46 1.34 1.05 5.83
C ILE A 46 -0.02 1.75 5.79
N ILE A 47 -0.97 1.17 6.48
CA ILE A 47 -2.32 1.71 6.57
C ILE A 47 -2.24 3.10 7.20
N TYR A 48 -1.39 3.22 8.23
CA TYR A 48 -1.20 4.48 8.92
C TYR A 48 -0.46 5.48 8.03
N ALA A 49 0.58 4.99 7.35
CA ALA A 49 1.37 5.83 6.45
C ALA A 49 0.55 6.30 5.27
N CYS A 50 -0.30 5.41 4.75
CA CYS A 50 -1.15 5.77 3.61
C CYS A 50 -2.29 6.69 4.06
N ASP A 51 -2.74 6.50 5.30
CA ASP A 51 -3.80 7.32 5.89
C ASP A 51 -3.33 8.76 6.03
N GLU A 52 -2.05 8.93 6.31
CA GLU A 52 -1.47 10.27 6.48
C GLU A 52 -0.87 10.80 5.18
N LYS A 53 -0.14 9.94 4.47
CA LYS A 53 0.51 10.33 3.21
C LYS A 53 -0.51 10.55 2.09
N PHE A 54 -1.50 9.65 1.98
CA PHE A 54 -2.53 9.77 0.92
C PHE A 54 -3.89 10.19 1.47
N GLY A 55 -4.02 10.29 2.80
CA GLY A 55 -5.32 10.64 3.39
C GLY A 55 -6.28 9.45 3.23
N VAL A 56 -5.71 8.23 3.19
CA VAL A 56 -6.52 7.01 3.00
C VAL A 56 -6.57 6.17 4.29
N GLU A 57 -7.64 6.35 5.06
CA GLU A 57 -7.81 5.59 6.29
C GLU A 57 -8.44 4.24 5.97
N ILE A 58 -7.60 3.21 5.84
CA ILE A 58 -8.08 1.87 5.52
C ILE A 58 -8.86 1.28 6.71
N PRO A 59 -10.18 1.08 6.58
CA PRO A 59 -10.98 0.46 7.65
C PRO A 59 -10.56 -0.99 7.79
N ASP A 60 -10.99 -1.61 8.87
CA ASP A 60 -10.66 -3.01 9.12
C ASP A 60 -11.10 -3.86 7.91
N GLU A 61 -12.23 -3.47 7.30
CA GLU A 61 -12.74 -4.17 6.13
C GLU A 61 -11.72 -4.12 4.99
N GLU A 62 -11.09 -2.95 4.78
CA GLU A 62 -10.09 -2.85 3.70
C GLU A 62 -8.84 -3.59 4.10
N SER A 63 -8.28 -3.26 5.25
CA SER A 63 -7.04 -3.87 5.74
C SER A 63 -6.98 -5.37 5.45
N LYS A 64 -8.05 -6.09 5.78
CA LYS A 64 -8.08 -7.52 5.53
C LYS A 64 -8.18 -7.81 4.02
N ASN A 65 -8.95 -6.95 3.30
CA ASN A 65 -9.10 -7.13 1.84
C ASN A 65 -7.76 -6.84 1.13
N ILE A 66 -7.09 -5.78 1.58
CA ILE A 66 -5.83 -5.35 1.04
C ILE A 66 -4.75 -6.37 1.40
N LYS A 67 -4.62 -7.36 0.53
CA LYS A 67 -3.63 -8.42 0.69
C LYS A 67 -2.70 -8.45 -0.51
N ILE A 68 -3.11 -7.79 -1.61
CA ILE A 68 -2.31 -7.70 -2.81
C ILE A 68 -2.24 -6.23 -3.20
N VAL A 69 -1.34 -5.91 -4.11
CA VAL A 69 -1.15 -4.55 -4.57
C VAL A 69 -2.45 -4.01 -5.19
N GLY A 70 -3.10 -4.86 -5.97
CA GLY A 70 -4.33 -4.47 -6.65
C GLY A 70 -5.35 -3.87 -5.69
N ASP A 71 -5.56 -4.52 -4.54
CA ASP A 71 -6.52 -4.03 -3.56
C ASP A 71 -5.96 -2.84 -2.78
N ALA A 72 -4.72 -2.98 -2.30
CA ALA A 72 -4.09 -1.93 -1.52
C ALA A 72 -4.04 -0.64 -2.33
N VAL A 73 -3.29 -0.71 -3.44
CA VAL A 73 -3.07 0.43 -4.29
C VAL A 73 -4.35 0.98 -4.87
N ASN A 74 -5.25 0.10 -5.35
CA ASN A 74 -6.50 0.60 -5.95
C ASN A 74 -7.27 1.41 -4.90
N TYR A 75 -7.26 0.92 -3.66
CA TYR A 75 -7.93 1.63 -2.58
C TYR A 75 -7.25 2.99 -2.33
N ILE A 76 -5.91 2.98 -2.28
CA ILE A 76 -5.18 4.23 -2.03
C ILE A 76 -5.54 5.26 -3.10
N ILE A 77 -5.48 4.85 -4.37
CA ILE A 77 -5.86 5.75 -5.45
C ILE A 77 -7.36 6.07 -5.42
N GLU A 78 -8.13 5.21 -4.74
CA GLU A 78 -9.57 5.40 -4.65
C GLU A 78 -9.88 6.75 -4.01
N HIS A 79 -9.14 7.05 -2.94
CA HIS A 79 -9.34 8.34 -2.24
C HIS A 79 -8.31 9.37 -2.73
N GLN A 80 -7.25 8.90 -3.41
CA GLN A 80 -6.23 9.83 -3.90
C GLN A 80 -6.75 10.61 -5.08
N SER A 81 -6.04 11.69 -5.36
CA SER A 81 -6.39 12.54 -6.49
C SER A 81 -5.28 13.53 -6.79
N MET A 1 -1.09 14.95 -6.27
CA MET A 1 -1.95 14.13 -7.18
C MET A 1 -1.16 12.92 -7.67
N ALA A 2 -1.57 11.73 -7.21
CA ALA A 2 -0.89 10.49 -7.60
C ALA A 2 -1.88 9.49 -8.18
N ASP A 3 -1.63 9.05 -9.41
CA ASP A 3 -2.47 8.04 -10.06
C ASP A 3 -2.16 6.69 -9.43
N LYS A 4 -2.96 5.66 -9.72
CA LYS A 4 -2.74 4.33 -9.12
C LYS A 4 -1.29 3.89 -9.31
N ASP A 5 -0.72 4.15 -10.50
CA ASP A 5 0.67 3.81 -10.74
C ASP A 5 1.54 4.58 -9.75
N GLN A 6 1.19 5.86 -9.55
CA GLN A 6 1.89 6.72 -8.63
C GLN A 6 1.67 6.23 -7.20
N ILE A 7 0.48 5.65 -6.89
CA ILE A 7 0.21 5.12 -5.57
C ILE A 7 1.30 4.10 -5.28
N LEU A 8 1.73 3.32 -6.27
CA LEU A 8 2.81 2.38 -6.05
C LEU A 8 4.14 3.08 -5.90
N ALA A 9 4.36 4.21 -6.59
CA ALA A 9 5.62 4.92 -6.41
C ALA A 9 5.67 5.47 -4.98
N ASP A 10 4.58 6.13 -4.59
CA ASP A 10 4.42 6.71 -3.28
C ASP A 10 4.36 5.62 -2.18
N MET A 11 3.59 4.56 -2.47
CA MET A 11 3.46 3.41 -1.57
C MET A 11 4.76 2.66 -1.50
N ALA A 12 5.50 2.65 -2.60
CA ALA A 12 6.79 1.97 -2.66
C ALA A 12 7.70 2.59 -1.61
N ASP A 13 7.59 3.91 -1.47
CA ASP A 13 8.38 4.63 -0.48
C ASP A 13 7.99 4.19 0.93
N ILE A 14 6.69 4.23 1.21
CA ILE A 14 6.14 3.84 2.51
C ILE A 14 6.48 2.37 2.79
N VAL A 15 6.27 1.56 1.77
CA VAL A 15 6.51 0.14 1.80
C VAL A 15 7.99 -0.13 2.07
N ASN A 16 8.85 0.56 1.32
CA ASN A 16 10.29 0.49 1.51
C ASN A 16 10.66 1.12 2.85
N ASP A 17 9.76 1.95 3.38
CA ASP A 17 10.00 2.62 4.65
C ASP A 17 9.56 1.77 5.85
N ILE A 18 8.57 0.90 5.63
CA ILE A 18 8.04 0.04 6.69
C ILE A 18 8.59 -1.39 6.57
N THR A 19 8.32 -2.02 5.43
CA THR A 19 8.80 -3.38 5.19
C THR A 19 10.17 -3.34 4.51
N GLY A 20 10.49 -2.20 3.87
CA GLY A 20 11.77 -2.08 3.16
C GLY A 20 11.72 -2.78 1.81
N VAL A 21 10.50 -2.99 1.31
CA VAL A 21 10.28 -3.63 0.03
C VAL A 21 10.63 -2.60 -1.09
N ASP A 22 11.22 -3.12 -2.18
CA ASP A 22 11.73 -2.28 -3.27
C ASP A 22 10.68 -1.59 -4.11
N GLN A 23 11.08 -0.41 -4.59
CA GLN A 23 10.25 0.37 -5.51
C GLN A 23 10.20 -0.38 -6.85
N SER A 24 11.25 -1.16 -7.10
CA SER A 24 11.35 -2.00 -8.29
C SER A 24 10.35 -3.15 -8.15
N GLU A 25 10.30 -3.67 -6.92
CA GLU A 25 9.44 -4.79 -6.57
C GLU A 25 7.95 -4.44 -6.61
N VAL A 26 7.60 -3.20 -6.27
CA VAL A 26 6.18 -2.80 -6.24
C VAL A 26 5.51 -2.92 -7.62
N THR A 27 4.48 -3.77 -7.73
CA THR A 27 3.75 -3.96 -8.98
C THR A 27 2.29 -4.30 -8.69
N PHE A 28 1.42 -3.96 -9.64
CA PHE A 28 -0.02 -4.22 -9.49
C PHE A 28 -0.34 -5.71 -9.22
N GLU A 29 0.65 -6.59 -9.36
CA GLU A 29 0.43 -8.04 -9.16
C GLU A 29 1.21 -8.65 -8.00
N LYS A 30 1.82 -7.83 -7.14
CA LYS A 30 2.58 -8.39 -6.03
C LYS A 30 1.72 -8.49 -4.79
N SER A 31 1.60 -9.68 -4.22
CA SER A 31 0.86 -9.82 -2.98
C SER A 31 1.58 -8.97 -1.93
N PHE A 32 0.86 -8.14 -1.21
CA PHE A 32 1.46 -7.32 -0.20
C PHE A 32 2.19 -8.23 0.79
N VAL A 33 1.42 -9.16 1.34
CA VAL A 33 1.89 -10.10 2.36
C VAL A 33 2.95 -11.09 1.85
N ASP A 34 2.65 -11.73 0.73
CA ASP A 34 3.52 -12.76 0.19
C ASP A 34 4.64 -12.21 -0.69
N ASP A 35 4.31 -11.29 -1.59
CA ASP A 35 5.31 -10.74 -2.50
C ASP A 35 5.99 -9.51 -1.92
N LEU A 36 5.25 -8.69 -1.17
CA LEU A 36 5.85 -7.49 -0.58
C LEU A 36 6.15 -7.71 0.91
N ASP A 37 6.10 -9.00 1.33
CA ASP A 37 6.39 -9.37 2.72
C ASP A 37 5.66 -8.47 3.71
N VAL A 38 4.36 -8.28 3.49
CA VAL A 38 3.56 -7.42 4.37
C VAL A 38 2.88 -8.25 5.48
N ASP A 39 3.42 -8.13 6.68
CA ASP A 39 2.84 -8.77 7.85
C ASP A 39 1.70 -7.87 8.34
N SER A 40 0.98 -8.28 9.39
CA SER A 40 -0.11 -7.44 9.88
C SER A 40 0.44 -6.08 10.31
N LEU A 41 1.62 -6.07 10.93
CA LEU A 41 2.24 -4.82 11.34
C LEU A 41 2.63 -3.99 10.12
N SER A 42 3.13 -4.65 9.08
CA SER A 42 3.56 -3.97 7.87
C SER A 42 2.38 -3.24 7.26
N MET A 43 1.25 -3.95 7.13
CA MET A 43 0.06 -3.34 6.59
C MET A 43 -0.48 -2.30 7.56
N VAL A 44 -0.45 -2.58 8.86
CA VAL A 44 -0.94 -1.60 9.84
C VAL A 44 -0.13 -0.30 9.72
N GLU A 45 1.20 -0.44 9.67
CA GLU A 45 2.06 0.74 9.53
C GLU A 45 1.80 1.41 8.19
N ILE A 46 1.61 0.60 7.15
CA ILE A 46 1.33 1.13 5.79
C ILE A 46 -0.02 1.83 5.76
N ILE A 47 -0.97 1.27 6.46
CA ILE A 47 -2.31 1.80 6.56
C ILE A 47 -2.23 3.19 7.21
N TYR A 48 -1.37 3.32 8.22
CA TYR A 48 -1.18 4.56 8.92
C TYR A 48 -0.47 5.56 8.02
N ALA A 49 0.59 5.09 7.34
CA ALA A 49 1.36 5.93 6.44
C ALA A 49 0.53 6.39 5.26
N CYS A 50 -0.32 5.51 4.75
CA CYS A 50 -1.18 5.87 3.62
C CYS A 50 -2.32 6.77 4.07
N ASP A 51 -2.77 6.58 5.31
CA ASP A 51 -3.84 7.40 5.88
C ASP A 51 -3.38 8.85 6.00
N GLU A 52 -2.09 9.02 6.26
CA GLU A 52 -1.51 10.36 6.42
C GLU A 52 -0.92 10.89 5.10
N LYS A 53 -0.18 10.02 4.41
CA LYS A 53 0.46 10.38 3.14
C LYS A 53 -0.55 10.58 2.01
N PHE A 54 -1.53 9.67 1.92
CA PHE A 54 -2.56 9.77 0.85
C PHE A 54 -3.94 10.16 1.40
N GLY A 55 -4.08 10.26 2.72
CA GLY A 55 -5.40 10.58 3.30
C GLY A 55 -6.31 9.35 3.15
N VAL A 56 -5.72 8.14 3.15
CA VAL A 56 -6.47 6.90 2.97
C VAL A 56 -6.53 6.08 4.26
N GLU A 57 -7.65 6.17 4.96
CA GLU A 57 -7.83 5.41 6.19
C GLU A 57 -8.44 4.04 5.87
N ILE A 58 -7.59 3.00 5.92
CA ILE A 58 -8.03 1.64 5.63
C ILE A 58 -8.65 1.00 6.88
N PRO A 59 -9.98 0.85 6.95
CA PRO A 59 -10.65 0.17 8.08
C PRO A 59 -10.25 -1.30 8.08
N ASP A 60 -10.54 -1.98 9.17
CA ASP A 60 -10.23 -3.40 9.30
C ASP A 60 -10.73 -4.16 8.05
N GLU A 61 -11.89 -3.76 7.54
CA GLU A 61 -12.47 -4.38 6.36
C GLU A 61 -11.56 -4.18 5.14
N GLU A 62 -11.00 -2.98 5.00
CA GLU A 62 -10.10 -2.71 3.86
C GLU A 62 -8.75 -3.36 4.05
N SER A 63 -8.22 -3.28 5.25
CA SER A 63 -6.89 -3.82 5.56
C SER A 63 -6.83 -5.30 5.24
N LYS A 64 -7.86 -6.02 5.66
CA LYS A 64 -7.97 -7.46 5.39
C LYS A 64 -8.17 -7.69 3.90
N ASN A 65 -8.96 -6.82 3.25
CA ASN A 65 -9.18 -6.94 1.80
C ASN A 65 -7.86 -6.70 1.08
N ILE A 66 -7.13 -5.70 1.56
CA ILE A 66 -5.85 -5.31 1.03
C ILE A 66 -4.79 -6.36 1.38
N LYS A 67 -4.63 -7.32 0.48
CA LYS A 67 -3.64 -8.39 0.64
C LYS A 67 -2.69 -8.39 -0.55
N ILE A 68 -3.12 -7.77 -1.66
CA ILE A 68 -2.31 -7.66 -2.84
C ILE A 68 -2.25 -6.19 -3.24
N VAL A 69 -1.35 -5.87 -4.14
CA VAL A 69 -1.18 -4.50 -4.58
C VAL A 69 -2.47 -4.00 -5.22
N GLY A 70 -3.11 -4.85 -6.00
CA GLY A 70 -4.35 -4.49 -6.68
C GLY A 70 -5.36 -3.87 -5.71
N ASP A 71 -5.56 -4.51 -4.56
CA ASP A 71 -6.51 -4.00 -3.57
C ASP A 71 -5.95 -2.82 -2.81
N ALA A 72 -4.70 -2.96 -2.33
CA ALA A 72 -4.07 -1.91 -1.56
C ALA A 72 -4.01 -0.63 -2.37
N VAL A 73 -3.27 -0.69 -3.47
CA VAL A 73 -3.06 0.44 -4.33
C VAL A 73 -4.35 0.99 -4.92
N ASN A 74 -5.24 0.12 -5.40
CA ASN A 74 -6.50 0.62 -5.98
C ASN A 74 -7.25 1.42 -4.93
N TYR A 75 -7.22 0.93 -3.68
CA TYR A 75 -7.87 1.61 -2.59
C TYR A 75 -7.20 2.97 -2.35
N ILE A 76 -5.86 2.98 -2.32
CA ILE A 76 -5.13 4.23 -2.07
C ILE A 76 -5.50 5.26 -3.14
N ILE A 77 -5.46 4.87 -4.40
CA ILE A 77 -5.84 5.77 -5.48
C ILE A 77 -7.34 6.09 -5.42
N GLU A 78 -8.11 5.23 -4.75
CA GLU A 78 -9.55 5.42 -4.64
C GLU A 78 -9.83 6.76 -3.97
N HIS A 79 -9.09 7.04 -2.91
CA HIS A 79 -9.26 8.32 -2.19
C HIS A 79 -8.26 9.36 -2.68
N GLN A 80 -7.22 8.92 -3.41
CA GLN A 80 -6.22 9.85 -3.92
C GLN A 80 -6.76 10.62 -5.09
N SER A 81 -6.07 11.71 -5.38
CA SER A 81 -6.43 12.57 -6.51
C SER A 81 -5.33 13.57 -6.81
N MET A 1 -1.81 14.30 -5.73
CA MET A 1 -1.91 14.16 -7.20
C MET A 1 -1.10 12.93 -7.65
N ALA A 2 -1.61 11.74 -7.28
CA ALA A 2 -0.93 10.49 -7.63
C ALA A 2 -1.92 9.48 -8.21
N ASP A 3 -1.64 9.04 -9.44
CA ASP A 3 -2.47 8.02 -10.09
C ASP A 3 -2.16 6.68 -9.44
N LYS A 4 -2.96 5.65 -9.72
CA LYS A 4 -2.76 4.33 -9.11
C LYS A 4 -1.31 3.88 -9.28
N ASP A 5 -0.73 4.14 -10.46
CA ASP A 5 0.67 3.79 -10.68
C ASP A 5 1.53 4.58 -9.69
N GLN A 6 1.17 5.86 -9.52
CA GLN A 6 1.85 6.73 -8.61
C GLN A 6 1.64 6.25 -7.17
N ILE A 7 0.45 5.67 -6.87
CA ILE A 7 0.20 5.13 -5.54
C ILE A 7 1.29 4.11 -5.26
N LEU A 8 1.71 3.34 -6.25
CA LEU A 8 2.81 2.39 -6.03
C LEU A 8 4.13 3.09 -5.89
N ALA A 9 4.32 4.26 -6.51
CA ALA A 9 5.58 4.99 -6.34
C ALA A 9 5.63 5.58 -4.92
N ASP A 10 4.52 6.21 -4.55
CA ASP A 10 4.33 6.80 -3.24
C ASP A 10 4.33 5.71 -2.16
N MET A 11 3.59 4.63 -2.45
CA MET A 11 3.52 3.46 -1.56
C MET A 11 4.84 2.75 -1.56
N ALA A 12 5.59 2.83 -2.66
CA ALA A 12 6.89 2.21 -2.78
C ALA A 12 7.78 2.76 -1.67
N ASP A 13 7.61 4.05 -1.44
CA ASP A 13 8.37 4.76 -0.41
C ASP A 13 7.97 4.29 0.98
N ILE A 14 6.66 4.32 1.26
CA ILE A 14 6.11 3.90 2.55
C ILE A 14 6.46 2.44 2.80
N VAL A 15 6.22 1.64 1.78
CA VAL A 15 6.47 0.21 1.79
C VAL A 15 7.95 -0.05 2.03
N ASN A 16 8.80 0.63 1.26
CA ASN A 16 10.24 0.56 1.43
C ASN A 16 10.64 1.18 2.78
N ASP A 17 9.75 2.00 3.34
CA ASP A 17 10.01 2.67 4.60
C ASP A 17 9.63 1.79 5.80
N ILE A 18 8.62 0.94 5.62
CA ILE A 18 8.12 0.06 6.68
C ILE A 18 8.66 -1.36 6.52
N THR A 19 8.36 -1.98 5.38
CA THR A 19 8.83 -3.32 5.09
C THR A 19 10.20 -3.28 4.41
N GLY A 20 10.52 -2.13 3.79
CA GLY A 20 11.79 -2.00 3.07
C GLY A 20 11.75 -2.77 1.77
N VAL A 21 10.53 -2.90 1.24
CA VAL A 21 10.27 -3.56 -0.01
C VAL A 21 10.63 -2.60 -1.16
N ASP A 22 11.26 -3.15 -2.22
CA ASP A 22 11.76 -2.33 -3.32
C ASP A 22 10.68 -1.61 -4.09
N GLN A 23 11.03 -0.38 -4.49
CA GLN A 23 10.14 0.45 -5.29
C GLN A 23 9.89 -0.28 -6.62
N SER A 24 10.88 -1.06 -7.03
CA SER A 24 10.82 -1.89 -8.23
C SER A 24 9.87 -3.07 -7.98
N GLU A 25 9.98 -3.63 -6.77
CA GLU A 25 9.20 -4.78 -6.38
C GLU A 25 7.72 -4.49 -6.19
N VAL A 26 7.35 -3.22 -5.92
CA VAL A 26 5.95 -2.88 -5.70
C VAL A 26 5.13 -2.79 -7.01
N THR A 27 4.97 -3.93 -7.70
CA THR A 27 4.19 -3.99 -8.94
C THR A 27 2.71 -4.25 -8.63
N PHE A 28 1.85 -3.92 -9.59
CA PHE A 28 0.40 -4.09 -9.45
C PHE A 28 -0.03 -5.55 -9.24
N GLU A 29 0.89 -6.50 -9.38
CA GLU A 29 0.57 -7.93 -9.26
C GLU A 29 1.29 -8.64 -8.10
N LYS A 30 1.75 -7.88 -7.12
CA LYS A 30 2.47 -8.49 -5.99
C LYS A 30 1.60 -8.61 -4.78
N SER A 31 1.47 -9.81 -4.22
CA SER A 31 0.76 -9.95 -2.96
C SER A 31 1.50 -9.11 -1.94
N PHE A 32 0.80 -8.26 -1.20
CA PHE A 32 1.43 -7.44 -0.20
C PHE A 32 2.16 -8.34 0.78
N VAL A 33 1.40 -9.26 1.35
CA VAL A 33 1.89 -10.19 2.37
C VAL A 33 2.91 -11.19 1.84
N ASP A 34 2.56 -11.84 0.74
CA ASP A 34 3.39 -12.89 0.17
C ASP A 34 4.52 -12.36 -0.70
N ASP A 35 4.20 -11.45 -1.60
CA ASP A 35 5.20 -10.93 -2.52
C ASP A 35 5.92 -9.70 -1.97
N LEU A 36 5.20 -8.84 -1.22
CA LEU A 36 5.83 -7.66 -0.64
C LEU A 36 6.15 -7.89 0.85
N ASP A 37 6.10 -9.17 1.27
CA ASP A 37 6.42 -9.55 2.65
C ASP A 37 5.70 -8.62 3.65
N VAL A 38 4.41 -8.41 3.44
CA VAL A 38 3.64 -7.53 4.33
C VAL A 38 2.97 -8.34 5.46
N ASP A 39 3.53 -8.19 6.66
CA ASP A 39 2.96 -8.81 7.85
C ASP A 39 1.83 -7.92 8.33
N SER A 40 1.11 -8.32 9.37
CA SER A 40 0.02 -7.49 9.88
C SER A 40 0.57 -6.13 10.29
N LEU A 41 1.75 -6.12 10.91
CA LEU A 41 2.38 -4.86 11.33
C LEU A 41 2.75 -4.04 10.10
N SER A 42 3.24 -4.70 9.05
CA SER A 42 3.64 -4.00 7.83
C SER A 42 2.46 -3.27 7.23
N MET A 43 1.33 -3.97 7.10
CA MET A 43 0.12 -3.37 6.57
C MET A 43 -0.44 -2.36 7.55
N VAL A 44 -0.39 -2.64 8.85
CA VAL A 44 -0.90 -1.68 9.84
C VAL A 44 -0.08 -0.38 9.73
N GLU A 45 1.23 -0.52 9.68
CA GLU A 45 2.11 0.64 9.55
C GLU A 45 1.87 1.34 8.21
N ILE A 46 1.70 0.53 7.16
CA ILE A 46 1.44 1.06 5.81
C ILE A 46 0.11 1.79 5.77
N ILE A 47 -0.88 1.23 6.42
CA ILE A 47 -2.20 1.81 6.50
C ILE A 47 -2.10 3.19 7.16
N TYR A 48 -1.23 3.28 8.18
CA TYR A 48 -1.02 4.52 8.91
C TYR A 48 -0.34 5.54 8.02
N ALA A 49 0.77 5.14 7.38
CA ALA A 49 1.52 6.03 6.48
C ALA A 49 0.67 6.41 5.28
N CYS A 50 -0.07 5.44 4.78
CA CYS A 50 -0.96 5.63 3.65
C CYS A 50 -2.11 6.57 4.01
N ASP A 51 -2.63 6.41 5.22
CA ASP A 51 -3.73 7.23 5.72
C ASP A 51 -3.32 8.70 5.82
N GLU A 52 -2.08 8.92 6.22
CA GLU A 52 -1.58 10.29 6.39
C GLU A 52 -0.98 10.84 5.08
N LYS A 53 -0.25 10.00 4.38
CA LYS A 53 0.39 10.39 3.11
C LYS A 53 -0.64 10.59 2.00
N PHE A 54 -1.62 9.70 1.93
CA PHE A 54 -2.67 9.79 0.88
C PHE A 54 -4.03 10.19 1.43
N GLY A 55 -4.18 10.29 2.75
CA GLY A 55 -5.49 10.59 3.32
C GLY A 55 -6.41 9.37 3.19
N VAL A 56 -5.80 8.17 3.12
CA VAL A 56 -6.56 6.92 2.95
C VAL A 56 -6.55 6.08 4.24
N GLU A 57 -7.56 6.27 5.07
CA GLU A 57 -7.66 5.51 6.31
C GLU A 57 -8.36 4.18 6.03
N ILE A 58 -7.55 3.13 5.80
CA ILE A 58 -8.08 1.80 5.49
C ILE A 58 -8.83 1.21 6.70
N PRO A 59 -10.15 1.06 6.64
CA PRO A 59 -10.91 0.42 7.74
C PRO A 59 -10.42 -1.00 7.90
N ASP A 60 -10.80 -1.62 8.99
CA ASP A 60 -10.40 -3.01 9.26
C ASP A 60 -10.83 -3.90 8.09
N GLU A 61 -12.00 -3.60 7.52
CA GLU A 61 -12.52 -4.37 6.39
C GLU A 61 -11.61 -4.25 5.18
N GLU A 62 -11.11 -3.03 4.90
CA GLU A 62 -10.22 -2.84 3.74
C GLU A 62 -8.85 -3.43 4.01
N SER A 63 -8.32 -3.23 5.20
CA SER A 63 -6.99 -3.71 5.55
C SER A 63 -6.87 -5.21 5.35
N LYS A 64 -7.90 -5.96 5.73
CA LYS A 64 -7.88 -7.41 5.55
C LYS A 64 -8.06 -7.75 4.06
N ASN A 65 -8.87 -6.94 3.34
CA ASN A 65 -9.08 -7.15 1.91
C ASN A 65 -7.77 -6.86 1.16
N ILE A 66 -7.11 -5.79 1.57
CA ILE A 66 -5.86 -5.35 1.00
C ILE A 66 -4.77 -6.39 1.33
N LYS A 67 -4.68 -7.38 0.45
CA LYS A 67 -3.68 -8.44 0.59
C LYS A 67 -2.73 -8.44 -0.60
N ILE A 68 -3.14 -7.80 -1.70
CA ILE A 68 -2.33 -7.69 -2.88
C ILE A 68 -2.25 -6.23 -3.26
N VAL A 69 -1.34 -5.91 -4.15
CA VAL A 69 -1.14 -4.53 -4.58
C VAL A 69 -2.40 -4.00 -5.23
N GLY A 70 -3.08 -4.83 -5.99
CA GLY A 70 -4.29 -4.42 -6.70
C GLY A 70 -5.32 -3.85 -5.73
N ASP A 71 -5.50 -4.48 -4.57
CA ASP A 71 -6.46 -4.00 -3.59
C ASP A 71 -5.91 -2.82 -2.81
N ALA A 72 -4.66 -2.96 -2.32
CA ALA A 72 -4.05 -1.91 -1.55
C ALA A 72 -3.99 -0.63 -2.36
N VAL A 73 -3.26 -0.68 -3.46
CA VAL A 73 -3.06 0.45 -4.33
C VAL A 73 -4.36 0.99 -4.90
N ASN A 74 -5.25 0.13 -5.39
CA ASN A 74 -6.50 0.62 -5.96
C ASN A 74 -7.26 1.42 -4.92
N TYR A 75 -7.23 0.93 -3.68
CA TYR A 75 -7.89 1.63 -2.58
C TYR A 75 -7.23 2.99 -2.35
N ILE A 76 -5.89 3.01 -2.31
CA ILE A 76 -5.17 4.26 -2.08
C ILE A 76 -5.55 5.28 -3.14
N ILE A 77 -5.49 4.88 -4.41
CA ILE A 77 -5.88 5.78 -5.49
C ILE A 77 -7.38 6.09 -5.44
N GLU A 78 -8.14 5.22 -4.77
CA GLU A 78 -9.59 5.41 -4.66
C GLU A 78 -9.89 6.75 -4.01
N HIS A 79 -9.14 7.05 -2.94
CA HIS A 79 -9.34 8.33 -2.24
C HIS A 79 -8.32 9.36 -2.72
N GLN A 80 -7.27 8.91 -3.43
CA GLN A 80 -6.26 9.85 -3.94
C GLN A 80 -6.78 10.59 -5.13
N SER A 81 -6.11 11.68 -5.43
CA SER A 81 -6.46 12.51 -6.58
C SER A 81 -5.36 13.51 -6.90
N MET A 1 -1.47 14.70 -5.47
CA MET A 1 -1.99 14.23 -6.79
C MET A 1 -1.20 13.00 -7.24
N ALA A 2 -1.70 11.82 -6.88
CA ALA A 2 -1.04 10.56 -7.24
C ALA A 2 -2.01 9.58 -7.86
N ASP A 3 -1.73 9.19 -9.12
CA ASP A 3 -2.56 8.20 -9.81
C ASP A 3 -2.21 6.83 -9.25
N LYS A 4 -3.01 5.79 -9.56
CA LYS A 4 -2.76 4.45 -9.03
C LYS A 4 -1.29 4.05 -9.23
N ASP A 5 -0.72 4.40 -10.38
CA ASP A 5 0.70 4.10 -10.63
C ASP A 5 1.54 4.85 -9.59
N GLN A 6 1.15 6.12 -9.36
CA GLN A 6 1.81 6.95 -8.38
C GLN A 6 1.60 6.39 -6.99
N ILE A 7 0.43 5.77 -6.71
CA ILE A 7 0.18 5.15 -5.42
C ILE A 7 1.28 4.14 -5.17
N LEU A 8 1.71 3.42 -6.21
CA LEU A 8 2.81 2.47 -6.02
C LEU A 8 4.14 3.19 -5.87
N ALA A 9 4.28 4.39 -6.43
CA ALA A 9 5.54 5.15 -6.24
C ALA A 9 5.59 5.68 -4.80
N ASP A 10 4.46 6.23 -4.38
CA ASP A 10 4.29 6.76 -3.03
C ASP A 10 4.29 5.60 -2.02
N MET A 11 3.60 4.51 -2.37
CA MET A 11 3.56 3.30 -1.55
C MET A 11 4.91 2.63 -1.59
N ALA A 12 5.63 2.81 -2.69
CA ALA A 12 6.96 2.24 -2.86
C ALA A 12 7.85 2.76 -1.74
N ASP A 13 7.67 4.04 -1.45
CA ASP A 13 8.43 4.72 -0.40
C ASP A 13 8.05 4.20 0.97
N ILE A 14 6.75 4.21 1.25
CA ILE A 14 6.20 3.75 2.52
C ILE A 14 6.57 2.28 2.74
N VAL A 15 6.36 1.50 1.70
CA VAL A 15 6.64 0.09 1.71
C VAL A 15 8.13 -0.12 1.95
N ASN A 16 8.96 0.57 1.18
CA ASN A 16 10.41 0.53 1.36
C ASN A 16 10.78 1.11 2.73
N ASP A 17 9.87 1.89 3.32
CA ASP A 17 10.11 2.52 4.60
C ASP A 17 9.71 1.61 5.78
N ILE A 18 8.70 0.76 5.57
CA ILE A 18 8.20 -0.12 6.63
C ILE A 18 8.73 -1.55 6.43
N THR A 19 8.42 -2.16 5.29
CA THR A 19 8.89 -3.51 4.98
C THR A 19 10.24 -3.46 4.29
N GLY A 20 10.55 -2.29 3.70
CA GLY A 20 11.81 -2.13 2.97
C GLY A 20 11.73 -2.80 1.60
N VAL A 21 10.51 -3.11 1.15
CA VAL A 21 10.30 -3.70 -0.16
C VAL A 21 10.61 -2.63 -1.21
N ASP A 22 11.29 -3.04 -2.29
CA ASP A 22 11.75 -2.13 -3.32
C ASP A 22 10.65 -1.42 -4.07
N GLN A 23 11.00 -0.23 -4.53
CA GLN A 23 10.09 0.58 -5.32
C GLN A 23 9.74 -0.21 -6.59
N SER A 24 10.74 -0.95 -7.06
CA SER A 24 10.62 -1.83 -8.21
C SER A 24 9.75 -3.03 -7.83
N GLU A 25 9.97 -3.52 -6.61
CA GLU A 25 9.26 -4.68 -6.09
C GLU A 25 7.78 -4.42 -5.84
N VAL A 26 7.36 -3.14 -5.74
CA VAL A 26 5.95 -2.85 -5.50
C VAL A 26 5.16 -2.72 -6.82
N THR A 27 4.85 -3.88 -7.44
CA THR A 27 4.12 -3.90 -8.71
C THR A 27 2.65 -4.26 -8.47
N PHE A 28 1.80 -3.86 -9.42
CA PHE A 28 0.36 -4.11 -9.35
C PHE A 28 -0.02 -5.59 -9.20
N GLU A 29 0.96 -6.51 -9.31
CA GLU A 29 0.66 -7.96 -9.21
C GLU A 29 1.36 -8.66 -8.05
N LYS A 30 1.86 -7.89 -7.08
CA LYS A 30 2.58 -8.50 -5.97
C LYS A 30 1.71 -8.57 -4.73
N SER A 31 1.55 -9.77 -4.19
CA SER A 31 0.81 -9.89 -2.94
C SER A 31 1.52 -9.03 -1.91
N PHE A 32 0.80 -8.19 -1.20
CA PHE A 32 1.39 -7.35 -0.19
C PHE A 32 2.11 -8.26 0.82
N VAL A 33 1.34 -9.18 1.36
CA VAL A 33 1.80 -10.10 2.41
C VAL A 33 2.86 -11.10 1.91
N ASP A 34 2.55 -11.78 0.82
CA ASP A 34 3.43 -12.82 0.30
C ASP A 34 4.55 -12.31 -0.59
N ASP A 35 4.25 -11.35 -1.45
CA ASP A 35 5.26 -10.83 -2.38
C ASP A 35 5.93 -9.58 -1.83
N LEU A 36 5.19 -8.73 -1.11
CA LEU A 36 5.80 -7.53 -0.54
C LEU A 36 6.10 -7.74 0.95
N ASP A 37 6.09 -9.01 1.38
CA ASP A 37 6.39 -9.39 2.76
C ASP A 37 5.61 -8.51 3.75
N VAL A 38 4.32 -8.36 3.52
CA VAL A 38 3.49 -7.52 4.40
C VAL A 38 2.81 -8.35 5.50
N ASP A 39 3.34 -8.21 6.72
CA ASP A 39 2.75 -8.85 7.88
C ASP A 39 1.61 -7.95 8.35
N SER A 40 0.86 -8.36 9.37
CA SER A 40 -0.24 -7.51 9.83
C SER A 40 0.31 -6.15 10.26
N LEU A 41 1.46 -6.16 10.94
CA LEU A 41 2.09 -4.92 11.38
C LEU A 41 2.50 -4.10 10.15
N SER A 42 3.00 -4.79 9.11
CA SER A 42 3.45 -4.13 7.90
C SER A 42 2.31 -3.35 7.29
N MET A 43 1.15 -4.01 7.12
CA MET A 43 0.00 -3.35 6.57
C MET A 43 -0.51 -2.30 7.55
N VAL A 44 -0.46 -2.58 8.85
CA VAL A 44 -0.91 -1.58 9.84
C VAL A 44 -0.07 -0.32 9.70
N GLU A 45 1.26 -0.48 9.65
CA GLU A 45 2.15 0.66 9.50
C GLU A 45 1.96 1.32 8.13
N ILE A 46 1.79 0.49 7.11
CA ILE A 46 1.58 0.99 5.73
C ILE A 46 0.28 1.75 5.64
N ILE A 47 -0.74 1.22 6.27
CA ILE A 47 -2.05 1.84 6.31
C ILE A 47 -1.92 3.19 7.00
N TYR A 48 -1.12 3.25 8.06
CA TYR A 48 -0.91 4.48 8.80
C TYR A 48 -0.25 5.53 7.91
N ALA A 49 0.84 5.14 7.25
CA ALA A 49 1.57 6.04 6.35
C ALA A 49 0.77 6.36 5.10
N CYS A 50 0.08 5.37 4.58
CA CYS A 50 -0.72 5.53 3.38
C CYS A 50 -1.95 6.39 3.63
N ASP A 51 -2.60 6.18 4.75
CA ASP A 51 -3.79 6.95 5.13
C ASP A 51 -3.44 8.44 5.28
N GLU A 52 -2.25 8.69 5.85
CA GLU A 52 -1.80 10.06 6.09
C GLU A 52 -1.11 10.67 4.86
N LYS A 53 -0.22 9.90 4.23
CA LYS A 53 0.52 10.38 3.06
C LYS A 53 -0.43 10.63 1.89
N PHE A 54 -1.38 9.70 1.73
CA PHE A 54 -2.37 9.83 0.64
C PHE A 54 -3.68 10.47 1.12
N GLY A 55 -3.84 10.63 2.46
CA GLY A 55 -5.08 11.18 3.01
C GLY A 55 -6.22 10.16 2.86
N VAL A 56 -5.84 8.87 2.88
CA VAL A 56 -6.77 7.76 2.72
C VAL A 56 -7.07 7.14 4.10
N GLU A 57 -7.92 6.11 4.15
CA GLU A 57 -8.27 5.46 5.41
C GLU A 57 -8.69 4.00 5.19
N ILE A 58 -7.79 3.06 5.50
CA ILE A 58 -8.10 1.62 5.35
C ILE A 58 -8.62 1.07 6.69
N PRO A 59 -9.94 0.94 6.86
CA PRO A 59 -10.51 0.32 8.08
C PRO A 59 -10.07 -1.13 8.13
N ASP A 60 -10.29 -1.76 9.27
CA ASP A 60 -9.90 -3.16 9.45
C ASP A 60 -10.48 -3.99 8.30
N GLU A 61 -11.69 -3.64 7.85
CA GLU A 61 -12.33 -4.34 6.74
C GLU A 61 -11.51 -4.21 5.45
N GLU A 62 -11.02 -2.99 5.17
CA GLU A 62 -10.23 -2.79 3.95
C GLU A 62 -8.86 -3.43 4.06
N SER A 63 -8.23 -3.26 5.21
CA SER A 63 -6.89 -3.80 5.44
C SER A 63 -6.84 -5.30 5.18
N LYS A 64 -7.84 -6.03 5.69
CA LYS A 64 -7.86 -7.47 5.48
C LYS A 64 -8.13 -7.76 3.99
N ASN A 65 -8.95 -6.91 3.34
CA ASN A 65 -9.21 -7.08 1.91
C ASN A 65 -7.91 -6.82 1.14
N ILE A 66 -7.21 -5.77 1.54
CA ILE A 66 -5.95 -5.39 0.96
C ILE A 66 -4.89 -6.43 1.30
N LYS A 67 -4.72 -7.37 0.37
CA LYS A 67 -3.73 -8.44 0.53
C LYS A 67 -2.75 -8.43 -0.64
N ILE A 68 -3.16 -7.80 -1.74
CA ILE A 68 -2.32 -7.69 -2.91
C ILE A 68 -2.24 -6.21 -3.29
N VAL A 69 -1.30 -5.89 -4.14
CA VAL A 69 -1.09 -4.51 -4.57
C VAL A 69 -2.36 -3.98 -5.25
N GLY A 70 -3.00 -4.83 -6.03
CA GLY A 70 -4.21 -4.43 -6.74
C GLY A 70 -5.26 -3.89 -5.79
N ASP A 71 -5.45 -4.53 -4.64
CA ASP A 71 -6.44 -4.07 -3.68
C ASP A 71 -5.91 -2.88 -2.89
N ALA A 72 -4.67 -3.02 -2.39
CA ALA A 72 -4.08 -1.95 -1.62
C ALA A 72 -4.02 -0.66 -2.42
N VAL A 73 -3.26 -0.71 -3.51
CA VAL A 73 -3.05 0.43 -4.36
C VAL A 73 -4.34 0.97 -4.94
N ASN A 74 -5.22 0.08 -5.45
CA ASN A 74 -6.47 0.58 -6.03
C ASN A 74 -7.27 1.32 -4.96
N TYR A 75 -7.25 0.78 -3.74
CA TYR A 75 -7.94 1.41 -2.62
C TYR A 75 -7.34 2.80 -2.37
N ILE A 76 -6.01 2.86 -2.30
CA ILE A 76 -5.33 4.13 -2.06
C ILE A 76 -5.80 5.16 -3.08
N ILE A 77 -5.52 4.93 -4.37
CA ILE A 77 -5.96 5.84 -5.45
C ILE A 77 -7.47 6.09 -5.43
N GLU A 78 -8.20 5.17 -4.81
CA GLU A 78 -9.66 5.28 -4.75
C GLU A 78 -10.05 6.55 -4.04
N HIS A 79 -9.39 6.80 -2.90
CA HIS A 79 -9.64 8.03 -2.12
C HIS A 79 -8.50 9.04 -2.34
N GLN A 80 -7.40 8.58 -2.96
CA GLN A 80 -6.25 9.41 -3.22
C GLN A 80 -6.46 10.16 -4.53
N SER A 81 -5.97 11.39 -4.53
CA SER A 81 -6.08 12.25 -5.71
C SER A 81 -5.22 13.49 -5.56
N MET A 1 -0.84 15.06 -6.72
CA MET A 1 -1.76 14.11 -7.39
C MET A 1 -0.99 12.87 -7.83
N ALA A 2 -1.49 11.70 -7.43
CA ALA A 2 -0.84 10.43 -7.78
C ALA A 2 -1.84 9.44 -8.34
N ASP A 3 -1.59 8.99 -9.57
CA ASP A 3 -2.45 7.97 -10.20
C ASP A 3 -2.15 6.63 -9.54
N LYS A 4 -2.96 5.60 -9.80
CA LYS A 4 -2.76 4.29 -9.19
C LYS A 4 -1.31 3.83 -9.36
N ASP A 5 -0.75 4.07 -10.55
CA ASP A 5 0.66 3.72 -10.79
C ASP A 5 1.54 4.51 -9.81
N GLN A 6 1.19 5.79 -9.64
CA GLN A 6 1.89 6.67 -8.73
C GLN A 6 1.66 6.21 -7.29
N ILE A 7 0.48 5.62 -6.99
CA ILE A 7 0.21 5.12 -5.67
C ILE A 7 1.29 4.12 -5.34
N LEU A 8 1.73 3.31 -6.32
CA LEU A 8 2.82 2.38 -6.08
C LEU A 8 4.14 3.08 -5.93
N ALA A 9 4.38 4.17 -6.66
CA ALA A 9 5.66 4.88 -6.50
C ALA A 9 5.74 5.48 -5.08
N ASP A 10 4.64 6.12 -4.69
CA ASP A 10 4.53 6.75 -3.39
C ASP A 10 4.41 5.68 -2.28
N MET A 11 3.58 4.66 -2.53
CA MET A 11 3.42 3.52 -1.60
C MET A 11 4.72 2.78 -1.50
N ALA A 12 5.46 2.71 -2.61
CA ALA A 12 6.74 2.03 -2.64
C ALA A 12 7.65 2.67 -1.60
N ASP A 13 7.52 3.99 -1.47
CA ASP A 13 8.32 4.71 -0.49
C ASP A 13 7.95 4.26 0.93
N ILE A 14 6.65 4.28 1.23
CA ILE A 14 6.12 3.87 2.54
C ILE A 14 6.48 2.39 2.78
N VAL A 15 6.25 1.61 1.76
CA VAL A 15 6.48 0.18 1.73
C VAL A 15 7.96 -0.11 2.00
N ASN A 16 8.82 0.61 1.29
CA ASN A 16 10.26 0.52 1.47
C ASN A 16 10.65 1.15 2.83
N ASP A 17 9.75 1.98 3.37
CA ASP A 17 10.00 2.66 4.63
C ASP A 17 9.59 1.80 5.83
N ILE A 18 8.57 0.95 5.64
CA ILE A 18 8.06 0.09 6.71
C ILE A 18 8.56 -1.34 6.55
N THR A 19 8.25 -1.96 5.40
CA THR A 19 8.69 -3.32 5.15
C THR A 19 10.06 -3.31 4.48
N GLY A 20 10.41 -2.17 3.86
CA GLY A 20 11.69 -2.06 3.17
C GLY A 20 11.64 -2.77 1.82
N VAL A 21 10.43 -2.94 1.30
CA VAL A 21 10.20 -3.57 0.03
C VAL A 21 10.58 -2.57 -1.09
N ASP A 22 11.17 -3.09 -2.17
CA ASP A 22 11.71 -2.26 -3.26
C ASP A 22 10.67 -1.55 -4.10
N GLN A 23 11.09 -0.37 -4.58
CA GLN A 23 10.27 0.42 -5.49
C GLN A 23 10.22 -0.32 -6.84
N SER A 24 11.26 -1.11 -7.09
CA SER A 24 11.36 -1.94 -8.28
C SER A 24 10.35 -3.09 -8.17
N GLU A 25 10.29 -3.63 -6.95
CA GLU A 25 9.42 -4.75 -6.61
C GLU A 25 7.94 -4.40 -6.64
N VAL A 26 7.58 -3.15 -6.28
CA VAL A 26 6.17 -2.76 -6.24
C VAL A 26 5.50 -2.88 -7.63
N THR A 27 4.54 -3.81 -7.75
CA THR A 27 3.82 -4.02 -9.01
C THR A 27 2.36 -4.37 -8.73
N PHE A 28 1.50 -4.03 -9.68
CA PHE A 28 0.05 -4.28 -9.54
C PHE A 28 -0.28 -5.76 -9.27
N GLU A 29 0.70 -6.65 -9.37
CA GLU A 29 0.46 -8.09 -9.17
C GLU A 29 1.22 -8.70 -7.99
N LYS A 30 1.85 -7.88 -7.15
CA LYS A 30 2.60 -8.44 -6.01
C LYS A 30 1.72 -8.47 -4.78
N SER A 31 1.54 -9.65 -4.20
CA SER A 31 0.78 -9.73 -2.95
C SER A 31 1.50 -8.88 -1.93
N PHE A 32 0.81 -8.02 -1.18
CA PHE A 32 1.46 -7.23 -0.18
C PHE A 32 2.15 -8.18 0.80
N VAL A 33 1.33 -9.06 1.37
CA VAL A 33 1.76 -10.01 2.39
C VAL A 33 2.75 -11.06 1.87
N ASP A 34 2.39 -11.72 0.77
CA ASP A 34 3.21 -12.79 0.23
C ASP A 34 4.33 -12.33 -0.69
N ASP A 35 4.04 -11.34 -1.55
CA ASP A 35 5.06 -10.87 -2.49
C ASP A 35 5.83 -9.66 -1.95
N LEU A 36 5.16 -8.78 -1.20
CA LEU A 36 5.83 -7.61 -0.64
C LEU A 36 6.13 -7.85 0.85
N ASP A 37 6.07 -9.12 1.27
CA ASP A 37 6.35 -9.52 2.65
C ASP A 37 5.67 -8.59 3.65
N VAL A 38 4.38 -8.37 3.46
CA VAL A 38 3.62 -7.48 4.37
C VAL A 38 2.97 -8.28 5.50
N ASP A 39 3.56 -8.15 6.69
CA ASP A 39 3.02 -8.78 7.88
C ASP A 39 1.89 -7.90 8.39
N SER A 40 1.18 -8.33 9.44
CA SER A 40 0.09 -7.51 9.96
C SER A 40 0.62 -6.14 10.39
N LEU A 41 1.81 -6.12 10.98
CA LEU A 41 2.43 -4.86 11.41
C LEU A 41 2.77 -4.02 10.18
N SER A 42 3.26 -4.67 9.12
CA SER A 42 3.64 -3.96 7.91
C SER A 42 2.44 -3.25 7.32
N MET A 43 1.32 -3.98 7.19
CA MET A 43 0.11 -3.39 6.68
C MET A 43 -0.46 -2.39 7.67
N VAL A 44 -0.40 -2.67 8.97
CA VAL A 44 -0.90 -1.72 9.96
C VAL A 44 -0.13 -0.40 9.85
N GLU A 45 1.19 -0.51 9.81
CA GLU A 45 2.04 0.67 9.68
C GLU A 45 1.80 1.36 8.34
N ILE A 46 1.64 0.55 7.29
CA ILE A 46 1.38 1.07 5.94
C ILE A 46 0.03 1.76 5.88
N ILE A 47 -0.94 1.17 6.54
CA ILE A 47 -2.29 1.71 6.61
C ILE A 47 -2.23 3.09 7.26
N TYR A 48 -1.40 3.22 8.30
CA TYR A 48 -1.22 4.47 9.00
C TYR A 48 -0.50 5.47 8.12
N ALA A 49 0.56 5.01 7.45
CA ALA A 49 1.34 5.86 6.55
C ALA A 49 0.51 6.32 5.37
N CYS A 50 -0.32 5.42 4.84
CA CYS A 50 -1.15 5.77 3.70
C CYS A 50 -2.30 6.68 4.13
N ASP A 51 -2.78 6.48 5.37
CA ASP A 51 -3.86 7.29 5.93
C ASP A 51 -3.42 8.74 6.08
N GLU A 52 -2.14 8.92 6.38
CA GLU A 52 -1.59 10.26 6.57
C GLU A 52 -0.97 10.82 5.28
N LYS A 53 -0.22 9.97 4.59
CA LYS A 53 0.45 10.37 3.35
C LYS A 53 -0.56 10.60 2.21
N PHE A 54 -1.58 9.73 2.12
CA PHE A 54 -2.59 9.85 1.04
C PHE A 54 -3.96 10.25 1.57
N GLY A 55 -4.13 10.30 2.90
CA GLY A 55 -5.45 10.61 3.46
C GLY A 55 -6.38 9.40 3.27
N VAL A 56 -5.78 8.20 3.18
CA VAL A 56 -6.53 6.96 2.95
C VAL A 56 -6.59 6.11 4.21
N GLU A 57 -7.68 6.23 4.96
CA GLU A 57 -7.86 5.46 6.18
C GLU A 57 -8.46 4.09 5.86
N ILE A 58 -7.60 3.07 5.79
CA ILE A 58 -8.05 1.71 5.50
C ILE A 58 -8.73 1.11 6.75
N PRO A 59 -10.05 0.92 6.75
CA PRO A 59 -10.74 0.28 7.89
C PRO A 59 -10.34 -1.17 7.97
N ASP A 60 -10.62 -1.80 9.08
CA ASP A 60 -10.29 -3.22 9.28
C ASP A 60 -10.76 -4.04 8.08
N GLU A 61 -11.90 -3.63 7.50
CA GLU A 61 -12.46 -4.31 6.34
C GLU A 61 -11.53 -4.19 5.14
N GLU A 62 -11.01 -2.98 4.90
CA GLU A 62 -10.10 -2.76 3.77
C GLU A 62 -8.74 -3.37 4.02
N SER A 63 -8.23 -3.22 5.22
CA SER A 63 -6.90 -3.71 5.57
C SER A 63 -6.79 -5.21 5.34
N LYS A 64 -7.84 -5.94 5.69
CA LYS A 64 -7.84 -7.39 5.49
C LYS A 64 -8.03 -7.69 4.00
N ASN A 65 -8.83 -6.87 3.30
CA ASN A 65 -9.02 -7.07 1.86
C ASN A 65 -7.70 -6.78 1.13
N ILE A 66 -7.04 -5.71 1.56
CA ILE A 66 -5.79 -5.27 1.01
C ILE A 66 -4.68 -6.28 1.38
N LYS A 67 -4.53 -7.28 0.52
CA LYS A 67 -3.49 -8.29 0.69
C LYS A 67 -2.60 -8.34 -0.55
N ILE A 68 -3.03 -7.65 -1.61
CA ILE A 68 -2.27 -7.58 -2.83
C ILE A 68 -2.22 -6.13 -3.26
N VAL A 69 -1.31 -5.82 -4.17
CA VAL A 69 -1.14 -4.46 -4.64
C VAL A 69 -2.43 -3.96 -5.27
N GLY A 70 -3.09 -4.82 -6.03
CA GLY A 70 -4.33 -4.45 -6.72
C GLY A 70 -5.35 -3.86 -5.75
N ASP A 71 -5.51 -4.48 -4.58
CA ASP A 71 -6.47 -3.98 -3.59
C ASP A 71 -5.91 -2.80 -2.83
N ALA A 72 -4.67 -2.94 -2.35
CA ALA A 72 -4.04 -1.88 -1.58
C ALA A 72 -4.00 -0.60 -2.40
N VAL A 73 -3.27 -0.68 -3.51
CA VAL A 73 -3.07 0.45 -4.38
C VAL A 73 -4.36 1.00 -4.97
N ASN A 74 -5.26 0.12 -5.44
CA ASN A 74 -6.52 0.62 -6.00
C ASN A 74 -7.27 1.42 -4.95
N TYR A 75 -7.21 0.94 -3.70
CA TYR A 75 -7.86 1.63 -2.60
C TYR A 75 -7.19 3.00 -2.38
N ILE A 76 -5.85 3.03 -2.36
CA ILE A 76 -5.13 4.28 -2.14
C ILE A 76 -5.51 5.30 -3.20
N ILE A 77 -5.46 4.89 -4.47
CA ILE A 77 -5.86 5.78 -5.55
C ILE A 77 -7.37 6.08 -5.49
N GLU A 78 -8.12 5.21 -4.80
CA GLU A 78 -9.57 5.39 -4.69
C GLU A 78 -9.86 6.72 -4.05
N HIS A 79 -9.13 7.03 -2.98
CA HIS A 79 -9.32 8.32 -2.27
C HIS A 79 -8.28 9.33 -2.72
N GLN A 80 -7.21 8.87 -3.40
CA GLN A 80 -6.18 9.80 -3.86
C GLN A 80 -6.67 10.57 -5.06
N SER A 81 -5.98 11.65 -5.33
CA SER A 81 -6.30 12.50 -6.47
C SER A 81 -5.22 13.54 -6.72
N MET A 1 -1.74 14.27 -4.80
CA MET A 1 -1.91 14.19 -6.28
C MET A 1 -1.12 12.99 -6.81
N ALA A 2 -1.76 11.82 -6.81
CA ALA A 2 -1.11 10.60 -7.29
C ALA A 2 -2.11 9.65 -7.93
N ASP A 3 -1.75 9.15 -9.12
CA ASP A 3 -2.56 8.18 -9.83
C ASP A 3 -2.22 6.80 -9.28
N LYS A 4 -3.02 5.76 -9.60
CA LYS A 4 -2.76 4.41 -9.08
C LYS A 4 -1.30 4.02 -9.27
N ASP A 5 -0.73 4.38 -10.43
CA ASP A 5 0.69 4.10 -10.69
C ASP A 5 1.53 4.84 -9.65
N GLN A 6 1.16 6.10 -9.42
CA GLN A 6 1.84 6.94 -8.44
C GLN A 6 1.60 6.39 -7.04
N ILE A 7 0.45 5.73 -6.77
CA ILE A 7 0.20 5.14 -5.47
C ILE A 7 1.30 4.14 -5.23
N LEU A 8 1.73 3.41 -6.26
CA LEU A 8 2.83 2.48 -6.09
C LEU A 8 4.15 3.22 -5.95
N ALA A 9 4.27 4.43 -6.51
CA ALA A 9 5.51 5.20 -6.35
C ALA A 9 5.60 5.71 -4.90
N ASP A 10 4.46 6.24 -4.43
CA ASP A 10 4.33 6.74 -3.07
C ASP A 10 4.33 5.59 -2.06
N MET A 11 3.62 4.51 -2.42
CA MET A 11 3.57 3.29 -1.60
C MET A 11 4.92 2.60 -1.69
N ALA A 12 5.64 2.80 -2.79
CA ALA A 12 6.97 2.24 -2.96
C ALA A 12 7.84 2.75 -1.82
N ASP A 13 7.66 4.03 -1.54
CA ASP A 13 8.39 4.71 -0.48
C ASP A 13 7.97 4.19 0.89
N ILE A 14 6.66 4.19 1.15
CA ILE A 14 6.11 3.73 2.42
C ILE A 14 6.52 2.28 2.65
N VAL A 15 6.33 1.49 1.62
CA VAL A 15 6.62 0.08 1.63
C VAL A 15 8.12 -0.11 1.91
N ASN A 16 8.94 0.62 1.14
CA ASN A 16 10.38 0.60 1.35
C ASN A 16 10.72 1.19 2.73
N ASP A 17 9.77 1.94 3.29
CA ASP A 17 9.97 2.58 4.58
C ASP A 17 9.57 1.68 5.76
N ILE A 18 8.58 0.81 5.54
CA ILE A 18 8.08 -0.08 6.60
C ILE A 18 8.64 -1.49 6.44
N THR A 19 8.38 -2.12 5.29
CA THR A 19 8.88 -3.46 5.02
C THR A 19 10.25 -3.38 4.34
N GLY A 20 10.53 -2.22 3.71
CA GLY A 20 11.78 -2.05 3.00
C GLY A 20 11.72 -2.70 1.61
N VAL A 21 10.51 -3.10 1.20
CA VAL A 21 10.31 -3.70 -0.10
C VAL A 21 10.60 -2.60 -1.15
N ASP A 22 11.30 -2.99 -2.21
CA ASP A 22 11.76 -2.06 -3.24
C ASP A 22 10.65 -1.39 -4.01
N GLN A 23 11.00 -0.19 -4.51
CA GLN A 23 10.10 0.58 -5.34
C GLN A 23 9.81 -0.24 -6.60
N SER A 24 10.85 -0.95 -7.04
CA SER A 24 10.77 -1.84 -8.17
C SER A 24 9.93 -3.06 -7.82
N GLU A 25 10.12 -3.54 -6.58
CA GLU A 25 9.42 -4.70 -6.08
C GLU A 25 7.93 -4.45 -5.88
N VAL A 26 7.50 -3.19 -5.77
CA VAL A 26 6.07 -2.91 -5.59
C VAL A 26 5.39 -2.79 -6.97
N THR A 27 4.61 -3.82 -7.35
CA THR A 27 3.93 -3.85 -8.64
C THR A 27 2.47 -4.29 -8.47
N PHE A 28 1.63 -3.85 -9.39
CA PHE A 28 0.19 -4.16 -9.35
C PHE A 28 -0.12 -5.67 -9.19
N GLU A 29 0.89 -6.55 -9.30
CA GLU A 29 0.65 -8.00 -9.21
C GLU A 29 1.37 -8.67 -8.05
N LYS A 30 1.86 -7.90 -7.09
CA LYS A 30 2.59 -8.49 -5.97
C LYS A 30 1.72 -8.57 -4.74
N SER A 31 1.57 -9.77 -4.19
CA SER A 31 0.84 -9.90 -2.93
C SER A 31 1.55 -9.03 -1.92
N PHE A 32 0.81 -8.20 -1.18
CA PHE A 32 1.41 -7.37 -0.18
C PHE A 32 2.13 -8.25 0.82
N VAL A 33 1.37 -9.18 1.37
CA VAL A 33 1.84 -10.09 2.41
C VAL A 33 2.89 -11.09 1.90
N ASP A 34 2.57 -11.75 0.80
CA ASP A 34 3.42 -12.79 0.25
C ASP A 34 4.55 -12.27 -0.61
N ASP A 35 4.25 -11.34 -1.51
CA ASP A 35 5.28 -10.80 -2.40
C ASP A 35 5.96 -9.56 -1.84
N LEU A 36 5.21 -8.72 -1.10
CA LEU A 36 5.82 -7.52 -0.53
C LEU A 36 6.11 -7.72 0.97
N ASP A 37 6.11 -8.99 1.39
CA ASP A 37 6.40 -9.38 2.78
C ASP A 37 5.64 -8.49 3.77
N VAL A 38 4.34 -8.33 3.53
CA VAL A 38 3.51 -7.50 4.42
C VAL A 38 2.85 -8.33 5.52
N ASP A 39 3.38 -8.19 6.73
CA ASP A 39 2.81 -8.83 7.90
C ASP A 39 1.71 -7.92 8.44
N SER A 40 1.07 -8.29 9.54
CA SER A 40 0.01 -7.44 10.09
C SER A 40 0.59 -6.08 10.47
N LEU A 41 1.80 -6.08 11.03
CA LEU A 41 2.45 -4.82 11.40
C LEU A 41 2.76 -4.00 10.15
N SER A 42 3.20 -4.69 9.09
CA SER A 42 3.56 -4.03 7.85
C SER A 42 2.36 -3.31 7.28
N MET A 43 1.23 -4.03 7.18
CA MET A 43 0.01 -3.45 6.67
C MET A 43 -0.51 -2.40 7.63
N VAL A 44 -0.43 -2.65 8.95
CA VAL A 44 -0.89 -1.65 9.92
C VAL A 44 -0.09 -0.37 9.75
N GLU A 45 1.23 -0.50 9.68
CA GLU A 45 2.10 0.66 9.50
C GLU A 45 1.84 1.31 8.15
N ILE A 46 1.63 0.47 7.13
CA ILE A 46 1.36 0.96 5.76
C ILE A 46 0.01 1.68 5.70
N ILE A 47 -0.95 1.14 6.41
CA ILE A 47 -2.29 1.69 6.47
C ILE A 47 -2.20 3.10 7.08
N TYR A 48 -1.35 3.22 8.11
CA TYR A 48 -1.15 4.50 8.78
C TYR A 48 -0.41 5.46 7.85
N ALA A 49 0.64 4.95 7.21
CA ALA A 49 1.45 5.74 6.29
C ALA A 49 0.64 6.20 5.09
N CYS A 50 -0.21 5.32 4.58
CA CYS A 50 -1.04 5.67 3.42
C CYS A 50 -2.16 6.63 3.83
N ASP A 51 -2.65 6.45 5.07
CA ASP A 51 -3.70 7.30 5.61
C ASP A 51 -3.21 8.74 5.75
N GLU A 52 -1.92 8.89 6.02
CA GLU A 52 -1.31 10.21 6.19
C GLU A 52 -0.69 10.73 4.89
N LYS A 53 0.01 9.83 4.20
CA LYS A 53 0.68 10.19 2.95
C LYS A 53 -0.34 10.48 1.85
N PHE A 54 -1.40 9.67 1.80
CA PHE A 54 -2.45 9.85 0.77
C PHE A 54 -3.77 10.37 1.35
N GLY A 55 -3.90 10.42 2.68
CA GLY A 55 -5.17 10.82 3.28
C GLY A 55 -6.19 9.70 3.05
N VAL A 56 -5.69 8.45 3.00
CA VAL A 56 -6.55 7.29 2.72
C VAL A 56 -6.54 6.29 3.88
N GLU A 57 -7.59 6.33 4.68
CA GLU A 57 -7.72 5.43 5.82
C GLU A 57 -8.28 4.08 5.39
N ILE A 58 -7.57 3.01 5.77
CA ILE A 58 -7.99 1.64 5.46
C ILE A 58 -8.63 0.99 6.71
N PRO A 59 -9.94 1.09 6.88
CA PRO A 59 -10.63 0.41 8.01
C PRO A 59 -10.20 -1.05 8.07
N ASP A 60 -10.51 -1.71 9.16
CA ASP A 60 -10.18 -3.12 9.34
C ASP A 60 -10.70 -3.95 8.16
N GLU A 61 -11.88 -3.55 7.66
CA GLU A 61 -12.50 -4.22 6.53
C GLU A 61 -11.64 -4.10 5.27
N GLU A 62 -11.08 -2.91 5.07
CA GLU A 62 -10.24 -2.66 3.90
C GLU A 62 -8.91 -3.34 4.02
N SER A 63 -8.29 -3.20 5.18
CA SER A 63 -6.97 -3.77 5.45
C SER A 63 -6.95 -5.26 5.17
N LYS A 64 -8.00 -5.97 5.58
CA LYS A 64 -8.05 -7.40 5.31
C LYS A 64 -8.31 -7.64 3.83
N ASN A 65 -9.08 -6.75 3.19
CA ASN A 65 -9.32 -6.87 1.74
C ASN A 65 -7.99 -6.66 1.00
N ILE A 66 -7.25 -5.65 1.47
CA ILE A 66 -5.96 -5.31 0.93
C ILE A 66 -4.93 -6.37 1.29
N LYS A 67 -4.73 -7.30 0.37
CA LYS A 67 -3.76 -8.38 0.55
C LYS A 67 -2.76 -8.40 -0.60
N ILE A 68 -3.16 -7.80 -1.74
CA ILE A 68 -2.31 -7.70 -2.89
C ILE A 68 -2.24 -6.23 -3.29
N VAL A 69 -1.30 -5.91 -4.15
CA VAL A 69 -1.11 -4.53 -4.59
C VAL A 69 -2.37 -4.02 -5.27
N GLY A 70 -3.01 -4.87 -6.06
CA GLY A 70 -4.21 -4.49 -6.78
C GLY A 70 -5.27 -3.92 -5.83
N ASP A 71 -5.46 -4.56 -4.69
CA ASP A 71 -6.45 -4.08 -3.71
C ASP A 71 -5.91 -2.90 -2.93
N ALA A 72 -4.67 -3.03 -2.44
CA ALA A 72 -4.06 -1.97 -1.65
C ALA A 72 -4.00 -0.68 -2.46
N VAL A 73 -3.24 -0.73 -3.55
CA VAL A 73 -3.04 0.41 -4.39
C VAL A 73 -4.32 0.94 -4.97
N ASN A 74 -5.20 0.06 -5.48
CA ASN A 74 -6.46 0.55 -6.04
C ASN A 74 -7.25 1.29 -4.97
N TYR A 75 -7.24 0.75 -3.75
CA TYR A 75 -7.92 1.40 -2.63
C TYR A 75 -7.32 2.78 -2.40
N ILE A 76 -5.97 2.85 -2.34
CA ILE A 76 -5.31 4.11 -2.11
C ILE A 76 -5.78 5.15 -3.14
N ILE A 77 -5.51 4.90 -4.43
CA ILE A 77 -5.95 5.81 -5.50
C ILE A 77 -7.47 6.04 -5.49
N GLU A 78 -8.18 5.12 -4.86
CA GLU A 78 -9.65 5.23 -4.81
C GLU A 78 -10.03 6.50 -4.10
N HIS A 79 -9.38 6.76 -2.98
CA HIS A 79 -9.64 8.00 -2.21
C HIS A 79 -8.50 9.00 -2.40
N GLN A 80 -7.39 8.53 -3.02
CA GLN A 80 -6.24 9.37 -3.27
C GLN A 80 -6.45 10.15 -4.57
N SER A 81 -5.99 11.39 -4.55
CA SER A 81 -6.11 12.25 -5.72
C SER A 81 -5.22 13.48 -5.58
N MET A 1 -2.09 14.22 -7.11
CA MET A 1 -2.45 13.77 -8.49
C MET A 1 -1.63 12.52 -8.83
N ALA A 2 -1.77 11.48 -8.01
CA ALA A 2 -1.05 10.23 -8.23
C ALA A 2 -1.95 9.16 -8.80
N ASP A 3 -1.59 8.65 -9.98
CA ASP A 3 -2.36 7.57 -10.61
C ASP A 3 -2.06 6.29 -9.85
N LYS A 4 -2.84 5.23 -10.08
CA LYS A 4 -2.64 3.97 -9.36
C LYS A 4 -1.17 3.55 -9.42
N ASP A 5 -0.53 3.80 -10.58
CA ASP A 5 0.90 3.51 -10.74
C ASP A 5 1.70 4.34 -9.74
N GLN A 6 1.31 5.61 -9.64
CA GLN A 6 1.94 6.54 -8.72
C GLN A 6 1.66 6.12 -7.28
N ILE A 7 0.47 5.53 -7.01
CA ILE A 7 0.16 5.03 -5.69
C ILE A 7 1.25 4.03 -5.33
N LEU A 8 1.70 3.24 -6.29
CA LEU A 8 2.80 2.32 -6.01
C LEU A 8 4.12 3.07 -5.90
N ALA A 9 4.23 4.24 -6.53
CA ALA A 9 5.47 5.03 -6.41
C ALA A 9 5.55 5.61 -4.99
N ASP A 10 4.47 6.24 -4.57
CA ASP A 10 4.38 6.83 -3.25
C ASP A 10 4.28 5.74 -2.18
N MET A 11 3.53 4.67 -2.49
CA MET A 11 3.42 3.52 -1.58
C MET A 11 4.74 2.78 -1.58
N ALA A 12 5.48 2.84 -2.67
CA ALA A 12 6.79 2.18 -2.74
C ALA A 12 7.68 2.78 -1.67
N ASP A 13 7.53 4.09 -1.48
CA ASP A 13 8.31 4.81 -0.46
C ASP A 13 7.93 4.32 0.92
N ILE A 14 6.62 4.32 1.21
CA ILE A 14 6.10 3.87 2.51
C ILE A 14 6.46 2.41 2.74
N VAL A 15 6.25 1.63 1.70
CA VAL A 15 6.50 0.21 1.70
C VAL A 15 7.99 -0.04 1.96
N ASN A 16 8.83 0.68 1.25
CA ASN A 16 10.28 0.63 1.43
C ASN A 16 10.63 1.25 2.80
N ASP A 17 9.72 2.04 3.35
CA ASP A 17 9.95 2.70 4.62
C ASP A 17 9.53 1.82 5.81
N ILE A 18 8.53 0.97 5.61
CA ILE A 18 8.03 0.09 6.67
C ILE A 18 8.56 -1.33 6.50
N THR A 19 8.26 -1.95 5.36
CA THR A 19 8.71 -3.30 5.08
C THR A 19 10.09 -3.26 4.41
N GLY A 20 10.43 -2.11 3.81
CA GLY A 20 11.70 -1.97 3.11
C GLY A 20 11.67 -2.68 1.76
N VAL A 21 10.46 -2.90 1.26
CA VAL A 21 10.25 -3.54 -0.02
C VAL A 21 10.63 -2.55 -1.13
N ASP A 22 11.19 -3.07 -2.24
CA ASP A 22 11.72 -2.24 -3.31
C ASP A 22 10.69 -1.50 -4.14
N GLN A 23 11.10 -0.31 -4.59
CA GLN A 23 10.29 0.51 -5.47
C GLN A 23 10.22 -0.20 -6.83
N SER A 24 11.22 -1.04 -7.10
CA SER A 24 11.29 -1.84 -8.30
C SER A 24 10.28 -2.99 -8.19
N GLU A 25 10.23 -3.56 -6.99
CA GLU A 25 9.36 -4.68 -6.66
C GLU A 25 7.88 -4.33 -6.67
N VAL A 26 7.53 -3.10 -6.27
CA VAL A 26 6.12 -2.69 -6.21
C VAL A 26 5.43 -2.79 -7.60
N THR A 27 4.53 -3.78 -7.73
CA THR A 27 3.79 -3.99 -8.98
C THR A 27 2.34 -4.36 -8.70
N PHE A 28 1.46 -4.03 -9.63
CA PHE A 28 0.02 -4.30 -9.50
C PHE A 28 -0.30 -5.79 -9.24
N GLU A 29 0.70 -6.67 -9.37
CA GLU A 29 0.47 -8.11 -9.18
C GLU A 29 1.25 -8.73 -8.00
N LYS A 30 1.84 -7.92 -7.15
CA LYS A 30 2.60 -8.47 -6.03
C LYS A 30 1.75 -8.56 -4.78
N SER A 31 1.62 -9.74 -4.22
CA SER A 31 0.87 -9.87 -2.97
C SER A 31 1.58 -9.01 -1.94
N PHE A 32 0.84 -8.18 -1.19
CA PHE A 32 1.46 -7.36 -0.20
C PHE A 32 2.21 -8.25 0.78
N VAL A 33 1.45 -9.18 1.35
CA VAL A 33 1.95 -10.10 2.38
C VAL A 33 3.00 -11.09 1.87
N ASP A 34 2.69 -11.75 0.76
CA ASP A 34 3.58 -12.78 0.23
C ASP A 34 4.66 -12.25 -0.70
N ASP A 35 4.29 -11.32 -1.58
CA ASP A 35 5.25 -10.78 -2.53
C ASP A 35 5.97 -9.54 -1.99
N LEU A 36 5.24 -8.70 -1.23
CA LEU A 36 5.86 -7.50 -0.68
C LEU A 36 6.20 -7.73 0.82
N ASP A 37 6.18 -8.99 1.24
CA ASP A 37 6.49 -9.38 2.62
C ASP A 37 5.77 -8.49 3.62
N VAL A 38 4.45 -8.33 3.43
CA VAL A 38 3.66 -7.50 4.33
C VAL A 38 3.03 -8.32 5.46
N ASP A 39 3.60 -8.18 6.65
CA ASP A 39 3.05 -8.83 7.84
C ASP A 39 1.91 -7.96 8.34
N SER A 40 1.20 -8.40 9.38
CA SER A 40 0.09 -7.59 9.89
C SER A 40 0.61 -6.22 10.31
N LEU A 41 1.80 -6.19 10.92
CA LEU A 41 2.40 -4.93 11.33
C LEU A 41 2.74 -4.08 10.11
N SER A 42 3.24 -4.73 9.05
CA SER A 42 3.61 -4.01 7.84
C SER A 42 2.41 -3.30 7.25
N MET A 43 1.30 -4.03 7.13
CA MET A 43 0.08 -3.44 6.62
C MET A 43 -0.49 -2.44 7.61
N VAL A 44 -0.43 -2.74 8.91
CA VAL A 44 -0.94 -1.79 9.92
C VAL A 44 -0.16 -0.49 9.81
N GLU A 45 1.16 -0.59 9.75
CA GLU A 45 2.02 0.58 9.63
C GLU A 45 1.75 1.29 8.30
N ILE A 46 1.59 0.50 7.24
CA ILE A 46 1.30 1.03 5.90
C ILE A 46 -0.06 1.72 5.86
N ILE A 47 -1.01 1.15 6.55
CA ILE A 47 -2.35 1.67 6.64
C ILE A 47 -2.28 3.07 7.29
N TYR A 48 -1.42 3.19 8.30
CA TYR A 48 -1.21 4.44 9.00
C TYR A 48 -0.48 5.43 8.11
N ALA A 49 0.56 4.94 7.42
CA ALA A 49 1.35 5.78 6.53
C ALA A 49 0.53 6.28 5.36
N CYS A 50 -0.33 5.42 4.82
CA CYS A 50 -1.17 5.81 3.69
C CYS A 50 -2.30 6.74 4.17
N ASP A 51 -2.74 6.52 5.41
CA ASP A 51 -3.78 7.33 6.03
C ASP A 51 -3.30 8.77 6.23
N GLU A 52 -2.02 8.91 6.52
CA GLU A 52 -1.41 10.23 6.76
C GLU A 52 -0.82 10.82 5.48
N LYS A 53 -0.07 9.99 4.75
CA LYS A 53 0.58 10.42 3.52
C LYS A 53 -0.44 10.71 2.42
N PHE A 54 -1.49 9.87 2.35
CA PHE A 54 -2.51 10.02 1.28
C PHE A 54 -3.90 10.36 1.83
N GLY A 55 -4.07 10.40 3.15
CA GLY A 55 -5.39 10.68 3.71
C GLY A 55 -6.30 9.46 3.49
N VAL A 56 -5.69 8.27 3.38
CA VAL A 56 -6.45 7.04 3.13
C VAL A 56 -6.52 6.19 4.41
N GLU A 57 -7.61 6.34 5.15
CA GLU A 57 -7.80 5.57 6.38
C GLU A 57 -8.43 4.22 6.02
N ILE A 58 -7.57 3.21 5.88
CA ILE A 58 -8.05 1.87 5.54
C ILE A 58 -8.84 1.27 6.72
N PRO A 59 -10.15 1.07 6.57
CA PRO A 59 -10.96 0.42 7.63
C PRO A 59 -10.57 -1.03 7.75
N ASP A 60 -11.03 -1.66 8.82
CA ASP A 60 -10.74 -3.08 9.05
C ASP A 60 -11.17 -3.90 7.83
N GLU A 61 -12.26 -3.45 7.19
CA GLU A 61 -12.77 -4.13 6.00
C GLU A 61 -11.71 -4.08 4.89
N GLU A 62 -11.05 -2.93 4.72
CA GLU A 62 -10.01 -2.81 3.70
C GLU A 62 -8.77 -3.55 4.13
N SER A 63 -8.24 -3.21 5.30
CA SER A 63 -6.99 -3.83 5.80
C SER A 63 -6.90 -5.32 5.49
N LYS A 64 -7.98 -6.04 5.81
CA LYS A 64 -8.02 -7.47 5.54
C LYS A 64 -8.14 -7.74 4.04
N ASN A 65 -8.90 -6.88 3.33
CA ASN A 65 -9.07 -7.05 1.87
C ASN A 65 -7.74 -6.77 1.15
N ILE A 66 -7.04 -5.73 1.60
CA ILE A 66 -5.78 -5.33 1.05
C ILE A 66 -4.71 -6.35 1.40
N LYS A 67 -4.60 -7.35 0.53
CA LYS A 67 -3.62 -8.42 0.67
C LYS A 67 -2.68 -8.43 -0.52
N ILE A 68 -3.11 -7.80 -1.62
CA ILE A 68 -2.31 -7.70 -2.82
C ILE A 68 -2.25 -6.23 -3.20
N VAL A 69 -1.35 -5.91 -4.12
CA VAL A 69 -1.17 -4.54 -4.56
C VAL A 69 -2.48 -4.02 -5.17
N GLY A 70 -3.13 -4.85 -5.96
CA GLY A 70 -4.37 -4.46 -6.63
C GLY A 70 -5.37 -3.84 -5.66
N ASP A 71 -5.57 -4.49 -4.52
CA ASP A 71 -6.52 -3.98 -3.52
C ASP A 71 -5.94 -2.79 -2.76
N ALA A 72 -4.70 -2.94 -2.28
CA ALA A 72 -4.06 -1.89 -1.51
C ALA A 72 -4.01 -0.60 -2.32
N VAL A 73 -3.29 -0.67 -3.43
CA VAL A 73 -3.06 0.46 -4.29
C VAL A 73 -4.35 1.01 -4.88
N ASN A 74 -5.26 0.14 -5.35
CA ASN A 74 -6.52 0.64 -5.93
C ASN A 74 -7.27 1.47 -4.88
N TYR A 75 -7.26 0.99 -3.63
CA TYR A 75 -7.91 1.71 -2.54
C TYR A 75 -7.22 3.05 -2.30
N ILE A 76 -5.87 3.04 -2.30
CA ILE A 76 -5.14 4.27 -2.06
C ILE A 76 -5.51 5.30 -3.13
N ILE A 77 -5.49 4.90 -4.40
CA ILE A 77 -5.89 5.82 -5.46
C ILE A 77 -7.39 6.15 -5.35
N GLU A 78 -8.15 5.31 -4.64
CA GLU A 78 -9.58 5.53 -4.49
C GLU A 78 -9.81 6.89 -3.85
N HIS A 79 -9.01 7.18 -2.84
CA HIS A 79 -9.12 8.49 -2.14
C HIS A 79 -8.05 9.45 -2.65
N GLN A 80 -7.01 8.92 -3.34
CA GLN A 80 -5.95 9.79 -3.86
C GLN A 80 -6.39 10.48 -5.12
N SER A 81 -5.75 11.61 -5.39
CA SER A 81 -6.03 12.40 -6.59
C SER A 81 -5.14 13.65 -6.61
N MET A 1 -0.98 14.92 -6.26
CA MET A 1 -1.81 14.20 -7.26
C MET A 1 -1.08 12.94 -7.71
N ALA A 2 -1.50 11.79 -7.17
CA ALA A 2 -0.88 10.52 -7.52
C ALA A 2 -1.89 9.54 -8.10
N ASP A 3 -1.66 9.11 -9.33
CA ASP A 3 -2.51 8.13 -9.98
C ASP A 3 -2.19 6.76 -9.40
N LYS A 4 -2.99 5.73 -9.68
CA LYS A 4 -2.75 4.40 -9.14
C LYS A 4 -1.29 3.97 -9.34
N ASP A 5 -0.73 4.27 -10.51
CA ASP A 5 0.68 3.95 -10.76
C ASP A 5 1.54 4.72 -9.75
N GLN A 6 1.19 5.99 -9.55
CA GLN A 6 1.87 6.85 -8.61
C GLN A 6 1.65 6.34 -7.19
N ILE A 7 0.49 5.71 -6.90
CA ILE A 7 0.24 5.15 -5.58
C ILE A 7 1.33 4.14 -5.32
N LEU A 8 1.75 3.38 -6.33
CA LEU A 8 2.85 2.43 -6.12
C LEU A 8 4.17 3.13 -5.99
N ALA A 9 4.34 4.30 -6.60
CA ALA A 9 5.61 5.04 -6.44
C ALA A 9 5.67 5.62 -5.02
N ASP A 10 4.55 6.19 -4.59
CA ASP A 10 4.39 6.77 -3.28
C ASP A 10 4.35 5.66 -2.21
N MET A 11 3.63 4.58 -2.53
CA MET A 11 3.54 3.39 -1.66
C MET A 11 4.88 2.68 -1.68
N ALA A 12 5.62 2.80 -2.78
CA ALA A 12 6.93 2.19 -2.91
C ALA A 12 7.82 2.73 -1.79
N ASP A 13 7.66 4.03 -1.56
CA ASP A 13 8.40 4.72 -0.51
C ASP A 13 7.99 4.23 0.86
N ILE A 14 6.68 4.25 1.13
CA ILE A 14 6.12 3.82 2.41
C ILE A 14 6.49 2.36 2.66
N VAL A 15 6.29 1.56 1.62
CA VAL A 15 6.57 0.14 1.65
C VAL A 15 8.05 -0.08 1.92
N ASN A 16 8.89 0.62 1.17
CA ASN A 16 10.33 0.57 1.36
C ASN A 16 10.70 1.16 2.73
N ASP A 17 9.77 1.96 3.29
CA ASP A 17 10.01 2.60 4.57
C ASP A 17 9.58 1.72 5.75
N ILE A 18 8.56 0.88 5.53
CA ILE A 18 8.04 0.01 6.59
C ILE A 18 8.56 -1.42 6.42
N THR A 19 8.28 -2.04 5.28
CA THR A 19 8.74 -3.39 5.02
C THR A 19 10.11 -3.36 4.33
N GLY A 20 10.44 -2.21 3.74
CA GLY A 20 11.72 -2.07 3.03
C GLY A 20 11.67 -2.76 1.66
N VAL A 21 10.46 -3.02 1.18
CA VAL A 21 10.27 -3.63 -0.12
C VAL A 21 10.59 -2.58 -1.20
N ASP A 22 11.27 -3.05 -2.27
CA ASP A 22 11.74 -2.15 -3.33
C ASP A 22 10.65 -1.47 -4.11
N GLN A 23 11.00 -0.27 -4.58
CA GLN A 23 10.11 0.52 -5.42
C GLN A 23 9.79 -0.29 -6.68
N SER A 24 10.79 -1.05 -7.11
CA SER A 24 10.69 -1.95 -8.24
C SER A 24 9.80 -3.14 -7.87
N GLU A 25 10.00 -3.62 -6.63
CA GLU A 25 9.28 -4.77 -6.11
C GLU A 25 7.80 -4.49 -5.87
N VAL A 26 7.38 -3.22 -5.81
CA VAL A 26 5.96 -2.92 -5.57
C VAL A 26 5.16 -2.82 -6.90
N THR A 27 4.95 -3.98 -7.55
CA THR A 27 4.21 -4.04 -8.81
C THR A 27 2.73 -4.33 -8.55
N PHE A 28 1.89 -3.97 -9.52
CA PHE A 28 0.44 -4.17 -9.42
C PHE A 28 0.03 -5.65 -9.25
N GLU A 29 0.99 -6.59 -9.34
CA GLU A 29 0.67 -8.03 -9.23
C GLU A 29 1.36 -8.71 -8.05
N LYS A 30 1.85 -7.95 -7.09
CA LYS A 30 2.56 -8.55 -5.96
C LYS A 30 1.68 -8.60 -4.73
N SER A 31 1.50 -9.79 -4.17
CA SER A 31 0.76 -9.88 -2.92
C SER A 31 1.49 -9.04 -1.90
N PHE A 32 0.79 -8.17 -1.18
CA PHE A 32 1.39 -7.35 -0.19
C PHE A 32 2.12 -8.24 0.82
N VAL A 33 1.36 -9.17 1.37
CA VAL A 33 1.84 -10.07 2.41
C VAL A 33 2.87 -11.09 1.92
N ASP A 34 2.54 -11.78 0.84
CA ASP A 34 3.40 -12.84 0.32
C ASP A 34 4.53 -12.34 -0.57
N ASP A 35 4.23 -11.37 -1.44
CA ASP A 35 5.25 -10.85 -2.36
C ASP A 35 5.92 -9.60 -1.84
N LEU A 36 5.18 -8.74 -1.13
CA LEU A 36 5.79 -7.52 -0.57
C LEU A 36 6.12 -7.73 0.91
N ASP A 37 6.10 -9.00 1.35
CA ASP A 37 6.41 -9.36 2.73
C ASP A 37 5.66 -8.47 3.73
N VAL A 38 4.36 -8.30 3.49
CA VAL A 38 3.55 -7.47 4.39
C VAL A 38 2.88 -8.30 5.49
N ASP A 39 3.42 -8.20 6.70
CA ASP A 39 2.83 -8.86 7.85
C ASP A 39 1.77 -7.93 8.42
N SER A 40 1.13 -8.29 9.53
CA SER A 40 0.09 -7.44 10.09
C SER A 40 0.66 -6.07 10.46
N LEU A 41 1.88 -6.05 11.01
CA LEU A 41 2.51 -4.79 11.38
C LEU A 41 2.82 -3.98 10.13
N SER A 42 3.28 -4.65 9.07
CA SER A 42 3.63 -3.98 7.83
C SER A 42 2.41 -3.28 7.25
N MET A 43 1.29 -3.99 7.18
CA MET A 43 0.06 -3.43 6.68
C MET A 43 -0.48 -2.40 7.65
N VAL A 44 -0.40 -2.66 8.96
CA VAL A 44 -0.88 -1.69 9.94
C VAL A 44 -0.09 -0.38 9.79
N GLU A 45 1.23 -0.50 9.72
CA GLU A 45 2.09 0.67 9.56
C GLU A 45 1.82 1.35 8.21
N ILE A 46 1.63 0.52 7.17
CA ILE A 46 1.34 1.04 5.81
C ILE A 46 -0.01 1.73 5.76
N ILE A 47 -0.98 1.16 6.45
CA ILE A 47 -2.31 1.69 6.53
C ILE A 47 -2.25 3.09 7.15
N TYR A 48 -1.39 3.22 8.17
CA TYR A 48 -1.21 4.48 8.86
C TYR A 48 -0.49 5.47 7.96
N ALA A 49 0.56 4.97 7.28
CA ALA A 49 1.35 5.80 6.37
C ALA A 49 0.52 6.28 5.19
N CYS A 50 -0.33 5.41 4.68
CA CYS A 50 -1.18 5.77 3.54
C CYS A 50 -2.33 6.69 4.01
N ASP A 51 -2.80 6.44 5.23
CA ASP A 51 -3.87 7.23 5.85
C ASP A 51 -3.42 8.68 5.99
N GLU A 52 -2.13 8.87 6.27
CA GLU A 52 -1.56 10.20 6.48
C GLU A 52 -0.96 10.77 5.18
N LYS A 53 -0.16 9.95 4.50
CA LYS A 53 0.51 10.36 3.27
C LYS A 53 -0.49 10.62 2.14
N PHE A 54 -1.47 9.72 1.99
CA PHE A 54 -2.49 9.88 0.93
C PHE A 54 -3.84 10.33 1.47
N GLY A 55 -4.01 10.36 2.79
CA GLY A 55 -5.31 10.72 3.38
C GLY A 55 -6.30 9.58 3.11
N VAL A 56 -5.77 8.35 3.04
CA VAL A 56 -6.60 7.17 2.73
C VAL A 56 -6.67 6.22 3.93
N GLU A 57 -7.79 6.29 4.64
CA GLU A 57 -8.00 5.44 5.82
C GLU A 57 -8.49 4.04 5.45
N ILE A 58 -7.63 3.04 5.70
CA ILE A 58 -7.99 1.64 5.45
C ILE A 58 -8.54 1.03 6.74
N PRO A 59 -9.86 0.96 6.92
CA PRO A 59 -10.45 0.32 8.12
C PRO A 59 -10.11 -1.16 8.12
N ASP A 60 -10.30 -1.79 9.25
CA ASP A 60 -10.01 -3.22 9.39
C ASP A 60 -10.62 -4.01 8.23
N GLU A 61 -11.78 -3.54 7.75
CA GLU A 61 -12.44 -4.18 6.62
C GLU A 61 -11.61 -4.05 5.35
N GLU A 62 -11.04 -2.87 5.11
CA GLU A 62 -10.23 -2.66 3.91
C GLU A 62 -8.89 -3.34 4.03
N SER A 63 -8.27 -3.20 5.19
CA SER A 63 -6.95 -3.77 5.45
C SER A 63 -6.93 -5.26 5.19
N LYS A 64 -8.01 -5.97 5.59
CA LYS A 64 -8.07 -7.40 5.35
C LYS A 64 -8.27 -7.66 3.85
N ASN A 65 -9.06 -6.79 3.19
CA ASN A 65 -9.28 -6.92 1.74
C ASN A 65 -7.96 -6.68 1.01
N ILE A 66 -7.23 -5.64 1.46
CA ILE A 66 -5.95 -5.29 0.92
C ILE A 66 -4.91 -6.34 1.27
N LYS A 67 -4.73 -7.28 0.36
CA LYS A 67 -3.76 -8.36 0.53
C LYS A 67 -2.78 -8.37 -0.63
N ILE A 68 -3.17 -7.75 -1.76
CA ILE A 68 -2.33 -7.66 -2.92
C ILE A 68 -2.25 -6.18 -3.31
N VAL A 69 -1.30 -5.87 -4.18
CA VAL A 69 -1.09 -4.50 -4.61
C VAL A 69 -2.35 -3.97 -5.29
N GLY A 70 -3.01 -4.82 -6.07
CA GLY A 70 -4.20 -4.42 -6.78
C GLY A 70 -5.26 -3.85 -5.85
N ASP A 71 -5.46 -4.50 -4.69
CA ASP A 71 -6.44 -4.03 -3.72
C ASP A 71 -5.91 -2.85 -2.94
N ALA A 72 -4.67 -2.98 -2.45
CA ALA A 72 -4.06 -1.92 -1.67
C ALA A 72 -4.01 -0.63 -2.47
N VAL A 73 -3.25 -0.68 -3.57
CA VAL A 73 -3.03 0.46 -4.41
C VAL A 73 -4.32 0.99 -4.99
N ASN A 74 -5.20 0.11 -5.50
CA ASN A 74 -6.46 0.61 -6.07
C ASN A 74 -7.24 1.35 -4.99
N TYR A 75 -7.23 0.81 -3.77
CA TYR A 75 -7.91 1.45 -2.65
C TYR A 75 -7.29 2.83 -2.42
N ILE A 76 -5.95 2.88 -2.39
CA ILE A 76 -5.28 4.15 -2.15
C ILE A 76 -5.75 5.17 -3.18
N ILE A 77 -5.45 4.95 -4.46
CA ILE A 77 -5.90 5.87 -5.54
C ILE A 77 -7.40 6.12 -5.51
N GLU A 78 -8.12 5.22 -4.85
CA GLU A 78 -9.59 5.34 -4.77
C GLU A 78 -9.95 6.62 -4.07
N HIS A 79 -9.28 6.87 -2.94
CA HIS A 79 -9.52 8.12 -2.16
C HIS A 79 -8.30 9.06 -2.30
N GLN A 80 -7.24 8.58 -2.93
CA GLN A 80 -6.03 9.35 -3.12
C GLN A 80 -6.14 10.18 -4.38
N SER A 81 -5.54 11.37 -4.33
CA SER A 81 -5.57 12.28 -5.47
C SER A 81 -4.67 13.49 -5.21
N MET A 1 -2.89 13.22 -4.98
CA MET A 1 -2.06 13.83 -6.07
C MET A 1 -1.21 12.74 -6.75
N ALA A 2 -1.74 11.51 -6.80
CA ALA A 2 -1.03 10.40 -7.42
C ALA A 2 -2.01 9.42 -8.07
N ASP A 3 -1.68 8.97 -9.28
CA ASP A 3 -2.49 7.98 -9.99
C ASP A 3 -2.19 6.61 -9.39
N LYS A 4 -3.03 5.60 -9.66
CA LYS A 4 -2.83 4.27 -9.08
C LYS A 4 -1.38 3.80 -9.29
N ASP A 5 -0.82 4.05 -10.48
CA ASP A 5 0.57 3.69 -10.74
C ASP A 5 1.47 4.44 -9.76
N GLN A 6 1.15 5.73 -9.58
CA GLN A 6 1.87 6.59 -8.66
C GLN A 6 1.63 6.14 -7.21
N ILE A 7 0.44 5.55 -6.91
CA ILE A 7 0.16 5.05 -5.59
C ILE A 7 1.24 4.03 -5.27
N LEU A 8 1.66 3.23 -6.25
CA LEU A 8 2.73 2.26 -6.02
C LEU A 8 4.08 2.93 -5.87
N ALA A 9 4.36 3.99 -6.62
CA ALA A 9 5.65 4.66 -6.47
C ALA A 9 5.74 5.26 -5.06
N ASP A 10 4.65 5.93 -4.69
CA ASP A 10 4.52 6.57 -3.39
C ASP A 10 4.40 5.53 -2.27
N MET A 11 3.54 4.52 -2.48
CA MET A 11 3.36 3.42 -1.52
C MET A 11 4.64 2.66 -1.37
N ALA A 12 5.36 2.49 -2.49
CA ALA A 12 6.62 1.78 -2.49
C ALA A 12 7.57 2.45 -1.52
N ASP A 13 7.48 3.76 -1.45
CA ASP A 13 8.31 4.51 -0.52
C ASP A 13 7.96 4.09 0.91
N ILE A 14 6.66 4.09 1.19
CA ILE A 14 6.13 3.72 2.51
C ILE A 14 6.49 2.27 2.81
N VAL A 15 6.30 1.42 1.81
CA VAL A 15 6.53 0.00 1.91
C VAL A 15 8.04 -0.25 2.13
N ASN A 16 8.85 0.52 1.41
CA ASN A 16 10.31 0.49 1.55
C ASN A 16 10.69 1.14 2.88
N ASP A 17 9.80 1.97 3.40
CA ASP A 17 10.04 2.66 4.65
C ASP A 17 9.65 1.80 5.86
N ILE A 18 8.67 0.91 5.67
CA ILE A 18 8.18 0.04 6.74
C ILE A 18 8.73 -1.39 6.58
N THR A 19 8.45 -2.02 5.44
CA THR A 19 8.92 -3.37 5.17
C THR A 19 10.28 -3.33 4.46
N GLY A 20 10.63 -2.16 3.89
CA GLY A 20 11.90 -2.03 3.16
C GLY A 20 11.84 -2.74 1.81
N VAL A 21 10.63 -2.86 1.27
CA VAL A 21 10.41 -3.49 -0.03
C VAL A 21 10.67 -2.44 -1.13
N ASP A 22 11.25 -2.90 -2.25
CA ASP A 22 11.66 -2.00 -3.34
C ASP A 22 10.54 -1.47 -4.22
N GLN A 23 10.80 -0.28 -4.75
CA GLN A 23 9.90 0.36 -5.70
C GLN A 23 9.86 -0.50 -6.97
N SER A 24 11.01 -1.06 -7.29
CA SER A 24 11.16 -1.98 -8.41
C SER A 24 10.29 -3.19 -8.14
N GLU A 25 10.32 -3.62 -6.88
CA GLU A 25 9.57 -4.77 -6.42
C GLU A 25 8.05 -4.53 -6.42
N VAL A 26 7.61 -3.26 -6.24
CA VAL A 26 6.16 -2.98 -6.22
C VAL A 26 5.55 -3.08 -7.62
N THR A 27 4.40 -3.76 -7.73
CA THR A 27 3.71 -3.92 -9.00
C THR A 27 2.24 -4.28 -8.75
N PHE A 28 1.38 -3.95 -9.70
CA PHE A 28 -0.06 -4.24 -9.57
C PHE A 28 -0.37 -5.71 -9.26
N GLU A 29 0.64 -6.59 -9.39
CA GLU A 29 0.44 -8.03 -9.14
C GLU A 29 1.24 -8.60 -7.97
N LYS A 30 1.85 -7.74 -7.15
CA LYS A 30 2.66 -8.25 -6.03
C LYS A 30 1.80 -8.37 -4.79
N SER A 31 1.73 -9.56 -4.21
CA SER A 31 1.00 -9.72 -2.97
C SER A 31 1.69 -8.84 -1.95
N PHE A 32 0.96 -8.03 -1.19
CA PHE A 32 1.58 -7.21 -0.19
C PHE A 32 2.33 -8.11 0.78
N VAL A 33 1.58 -9.04 1.34
CA VAL A 33 2.08 -9.98 2.35
C VAL A 33 3.16 -10.94 1.83
N ASP A 34 2.88 -11.59 0.70
CA ASP A 34 3.80 -12.59 0.17
C ASP A 34 4.85 -12.01 -0.75
N ASP A 35 4.45 -11.09 -1.64
CA ASP A 35 5.41 -10.51 -2.57
C ASP A 35 6.10 -9.29 -1.99
N LEU A 36 5.36 -8.47 -1.22
CA LEU A 36 5.95 -7.28 -0.62
C LEU A 36 6.28 -7.53 0.87
N ASP A 37 6.26 -8.81 1.27
CA ASP A 37 6.57 -9.22 2.65
C ASP A 37 5.84 -8.35 3.68
N VAL A 38 4.54 -8.14 3.44
CA VAL A 38 3.74 -7.32 4.36
C VAL A 38 3.02 -8.19 5.41
N ASP A 39 3.53 -8.19 6.64
CA ASP A 39 2.88 -8.91 7.72
C ASP A 39 1.80 -8.01 8.28
N SER A 40 1.13 -8.41 9.36
CA SER A 40 0.07 -7.58 9.92
C SER A 40 0.64 -6.22 10.35
N LEU A 41 1.84 -6.22 10.93
CA LEU A 41 2.47 -4.97 11.36
C LEU A 41 2.79 -4.10 10.16
N SER A 42 3.29 -4.72 9.09
CA SER A 42 3.66 -4.00 7.89
C SER A 42 2.45 -3.31 7.30
N MET A 43 1.33 -4.03 7.20
CA MET A 43 0.11 -3.46 6.67
C MET A 43 -0.45 -2.44 7.65
N VAL A 44 -0.38 -2.72 8.96
CA VAL A 44 -0.89 -1.76 9.95
C VAL A 44 -0.10 -0.46 9.83
N GLU A 45 1.21 -0.58 9.78
CA GLU A 45 2.08 0.60 9.66
C GLU A 45 1.88 1.27 8.30
N ILE A 46 1.73 0.46 7.26
CA ILE A 46 1.51 0.97 5.89
C ILE A 46 0.16 1.67 5.79
N ILE A 47 -0.83 1.09 6.45
CA ILE A 47 -2.17 1.63 6.49
C ILE A 47 -2.13 3.02 7.14
N TYR A 48 -1.30 3.13 8.19
CA TYR A 48 -1.13 4.39 8.90
C TYR A 48 -0.41 5.39 8.03
N ALA A 49 0.67 4.93 7.38
CA ALA A 49 1.46 5.79 6.50
C ALA A 49 0.65 6.24 5.30
N CYS A 50 -0.17 5.33 4.76
CA CYS A 50 -1.00 5.67 3.60
C CYS A 50 -2.15 6.60 4.03
N ASP A 51 -2.62 6.40 5.27
CA ASP A 51 -3.70 7.22 5.84
C ASP A 51 -3.26 8.66 5.98
N GLU A 52 -1.98 8.86 6.32
CA GLU A 52 -1.43 10.20 6.51
C GLU A 52 -0.81 10.75 5.22
N LYS A 53 -0.10 9.89 4.50
CA LYS A 53 0.56 10.27 3.26
C LYS A 53 -0.46 10.55 2.15
N PHE A 54 -1.50 9.71 2.08
CA PHE A 54 -2.53 9.87 1.02
C PHE A 54 -3.89 10.30 1.58
N GLY A 55 -4.03 10.36 2.91
CA GLY A 55 -5.33 10.69 3.50
C GLY A 55 -6.29 9.51 3.33
N VAL A 56 -5.73 8.29 3.22
CA VAL A 56 -6.54 7.08 3.00
C VAL A 56 -6.58 6.21 4.27
N GLU A 57 -7.59 6.41 5.10
CA GLU A 57 -7.73 5.60 6.32
C GLU A 57 -8.42 4.29 5.98
N ILE A 58 -7.60 3.25 5.74
CA ILE A 58 -8.13 1.93 5.37
C ILE A 58 -9.01 1.35 6.49
N PRO A 59 -10.33 1.22 6.25
CA PRO A 59 -11.23 0.59 7.24
C PRO A 59 -10.81 -0.84 7.49
N ASP A 60 -11.35 -1.42 8.55
CA ASP A 60 -11.05 -2.81 8.90
C ASP A 60 -11.36 -3.71 7.70
N GLU A 61 -12.45 -3.39 6.99
CA GLU A 61 -12.86 -4.17 5.82
C GLU A 61 -11.76 -4.14 4.75
N GLU A 62 -11.16 -2.97 4.54
CA GLU A 62 -10.08 -2.85 3.56
C GLU A 62 -8.84 -3.55 4.06
N SER A 63 -8.37 -3.15 5.24
CA SER A 63 -7.14 -3.71 5.82
C SER A 63 -7.00 -5.20 5.57
N LYS A 64 -8.04 -5.95 5.91
CA LYS A 64 -8.02 -7.41 5.70
C LYS A 64 -8.10 -7.75 4.21
N ASN A 65 -8.84 -6.94 3.44
CA ASN A 65 -8.97 -7.18 1.99
C ASN A 65 -7.65 -6.89 1.27
N ILE A 66 -7.00 -5.80 1.67
CA ILE A 66 -5.74 -5.36 1.13
C ILE A 66 -4.65 -6.34 1.49
N LYS A 67 -4.49 -7.33 0.64
CA LYS A 67 -3.46 -8.36 0.79
C LYS A 67 -2.55 -8.36 -0.42
N ILE A 68 -3.01 -7.75 -1.53
CA ILE A 68 -2.24 -7.64 -2.73
C ILE A 68 -2.22 -6.17 -3.15
N VAL A 69 -1.35 -5.86 -4.08
CA VAL A 69 -1.21 -4.48 -4.56
C VAL A 69 -2.54 -4.00 -5.15
N GLY A 70 -3.19 -4.86 -5.92
CA GLY A 70 -4.44 -4.51 -6.57
C GLY A 70 -5.43 -3.90 -5.60
N ASP A 71 -5.62 -4.53 -4.45
CA ASP A 71 -6.55 -4.03 -3.44
C ASP A 71 -5.99 -2.82 -2.70
N ALA A 72 -4.75 -2.95 -2.23
CA ALA A 72 -4.12 -1.88 -1.47
C ALA A 72 -4.08 -0.61 -2.30
N VAL A 73 -3.35 -0.67 -3.41
CA VAL A 73 -3.16 0.44 -4.28
C VAL A 73 -4.45 0.98 -4.85
N ASN A 74 -5.35 0.11 -5.32
CA ASN A 74 -6.61 0.59 -5.90
C ASN A 74 -7.37 1.41 -4.87
N TYR A 75 -7.33 0.97 -3.62
CA TYR A 75 -7.99 1.70 -2.54
C TYR A 75 -7.29 3.06 -2.32
N ILE A 76 -5.96 3.05 -2.29
CA ILE A 76 -5.22 4.29 -2.07
C ILE A 76 -5.58 5.30 -3.17
N ILE A 77 -5.54 4.88 -4.42
CA ILE A 77 -5.93 5.74 -5.53
C ILE A 77 -7.43 6.07 -5.48
N GLU A 78 -8.19 5.24 -4.78
CA GLU A 78 -9.63 5.43 -4.67
C GLU A 78 -9.92 6.80 -4.07
N HIS A 79 -9.17 7.13 -3.03
CA HIS A 79 -9.34 8.45 -2.36
C HIS A 79 -8.28 9.43 -2.85
N GLN A 80 -7.22 8.93 -3.50
CA GLN A 80 -6.17 9.82 -4.00
C GLN A 80 -6.63 10.54 -5.23
N SER A 81 -5.91 11.61 -5.53
CA SER A 81 -6.21 12.41 -6.72
C SER A 81 -5.08 13.39 -7.01
N MET A 1 -1.72 14.15 -5.82
CA MET A 1 -1.80 14.15 -7.31
C MET A 1 -1.11 12.90 -7.86
N ALA A 2 -1.36 11.77 -7.20
CA ALA A 2 -0.77 10.49 -7.61
C ALA A 2 -1.84 9.54 -8.14
N ASP A 3 -1.62 9.04 -9.37
CA ASP A 3 -2.55 8.06 -9.94
C ASP A 3 -2.22 6.70 -9.35
N LYS A 4 -3.02 5.68 -9.64
CA LYS A 4 -2.80 4.34 -9.09
C LYS A 4 -1.34 3.89 -9.29
N ASP A 5 -0.79 4.14 -10.48
CA ASP A 5 0.60 3.79 -10.75
C ASP A 5 1.49 4.55 -9.77
N GLN A 6 1.17 5.83 -9.58
CA GLN A 6 1.91 6.67 -8.66
C GLN A 6 1.66 6.21 -7.22
N ILE A 7 0.48 5.61 -6.91
CA ILE A 7 0.22 5.10 -5.59
C ILE A 7 1.30 4.07 -5.31
N LEU A 8 1.73 3.31 -6.30
CA LEU A 8 2.81 2.35 -6.09
C LEU A 8 4.14 3.03 -5.94
N ALA A 9 4.36 4.18 -6.60
CA ALA A 9 5.64 4.90 -6.44
C ALA A 9 5.69 5.52 -5.03
N ASP A 10 4.55 6.06 -4.62
CA ASP A 10 4.38 6.68 -3.33
C ASP A 10 4.36 5.59 -2.24
N MET A 11 3.59 4.53 -2.50
CA MET A 11 3.51 3.37 -1.62
C MET A 11 4.85 2.65 -1.62
N ALA A 12 5.58 2.77 -2.72
CA ALA A 12 6.91 2.18 -2.84
C ALA A 12 7.77 2.75 -1.73
N ASP A 13 7.58 4.05 -1.50
CA ASP A 13 8.30 4.76 -0.46
C ASP A 13 7.89 4.27 0.93
N ILE A 14 6.57 4.25 1.18
CA ILE A 14 6.03 3.81 2.47
C ILE A 14 6.46 2.36 2.72
N VAL A 15 6.27 1.56 1.70
CA VAL A 15 6.59 0.14 1.70
C VAL A 15 8.07 -0.05 1.97
N ASN A 16 8.90 0.67 1.21
CA ASN A 16 10.34 0.66 1.40
C ASN A 16 10.69 1.26 2.76
N ASP A 17 9.75 2.04 3.32
CA ASP A 17 9.97 2.69 4.60
C ASP A 17 9.58 1.78 5.79
N ILE A 18 8.57 0.93 5.59
CA ILE A 18 8.10 0.04 6.66
C ILE A 18 8.64 -1.38 6.48
N THR A 19 8.34 -2.00 5.35
CA THR A 19 8.83 -3.35 5.07
C THR A 19 10.18 -3.28 4.38
N GLY A 20 10.51 -2.12 3.80
CA GLY A 20 11.77 -1.96 3.09
C GLY A 20 11.74 -2.69 1.75
N VAL A 21 10.53 -2.94 1.25
CA VAL A 21 10.34 -3.62 -0.02
C VAL A 21 10.67 -2.62 -1.14
N ASP A 22 11.28 -3.13 -2.23
CA ASP A 22 11.75 -2.28 -3.32
C ASP A 22 10.67 -1.58 -4.10
N GLN A 23 11.01 -0.36 -4.52
CA GLN A 23 10.12 0.46 -5.34
C GLN A 23 9.86 -0.31 -6.65
N SER A 24 10.86 -1.07 -7.06
CA SER A 24 10.79 -1.92 -8.24
C SER A 24 9.86 -3.10 -7.96
N GLU A 25 10.00 -3.64 -6.75
CA GLU A 25 9.24 -4.80 -6.31
C GLU A 25 7.75 -4.51 -6.12
N VAL A 26 7.37 -3.25 -5.91
CA VAL A 26 5.95 -2.92 -5.68
C VAL A 26 5.13 -2.83 -7.00
N THR A 27 5.00 -3.96 -7.70
CA THR A 27 4.24 -4.03 -8.94
C THR A 27 2.74 -4.28 -8.64
N PHE A 28 1.89 -3.95 -9.60
CA PHE A 28 0.44 -4.12 -9.47
C PHE A 28 -0.01 -5.58 -9.26
N GLU A 29 0.93 -6.52 -9.39
CA GLU A 29 0.60 -7.96 -9.25
C GLU A 29 1.32 -8.65 -8.08
N LYS A 30 1.77 -7.89 -7.11
CA LYS A 30 2.49 -8.49 -5.98
C LYS A 30 1.62 -8.59 -4.75
N SER A 31 1.49 -9.78 -4.19
CA SER A 31 0.76 -9.91 -2.94
C SER A 31 1.50 -9.07 -1.91
N PHE A 32 0.80 -8.21 -1.19
CA PHE A 32 1.42 -7.39 -0.19
C PHE A 32 2.16 -8.29 0.80
N VAL A 33 1.41 -9.21 1.37
CA VAL A 33 1.90 -10.12 2.40
C VAL A 33 2.93 -11.13 1.89
N ASP A 34 2.61 -11.81 0.80
CA ASP A 34 3.47 -12.85 0.26
C ASP A 34 4.57 -12.34 -0.64
N ASP A 35 4.24 -11.39 -1.52
CA ASP A 35 5.23 -10.87 -2.46
C ASP A 35 5.93 -9.62 -1.93
N LEU A 36 5.20 -8.77 -1.19
CA LEU A 36 5.83 -7.56 -0.63
C LEU A 36 6.17 -7.77 0.85
N ASP A 37 6.15 -9.04 1.28
CA ASP A 37 6.47 -9.41 2.66
C ASP A 37 5.74 -8.50 3.66
N VAL A 38 4.44 -8.35 3.45
CA VAL A 38 3.65 -7.49 4.34
C VAL A 38 3.02 -8.30 5.47
N ASP A 39 3.59 -8.13 6.66
CA ASP A 39 3.06 -8.77 7.87
C ASP A 39 1.94 -7.87 8.39
N SER A 40 1.27 -8.29 9.46
CA SER A 40 0.18 -7.47 10.00
C SER A 40 0.73 -6.10 10.39
N LEU A 41 1.94 -6.06 10.96
CA LEU A 41 2.56 -4.80 11.34
C LEU A 41 2.86 -3.98 10.09
N SER A 42 3.33 -4.64 9.04
CA SER A 42 3.69 -3.95 7.80
C SER A 42 2.47 -3.26 7.23
N MET A 43 1.36 -4.01 7.13
CA MET A 43 0.12 -3.43 6.62
C MET A 43 -0.44 -2.41 7.59
N VAL A 44 -0.36 -2.68 8.90
CA VAL A 44 -0.87 -1.71 9.88
C VAL A 44 -0.09 -0.41 9.75
N GLU A 45 1.23 -0.51 9.70
CA GLU A 45 2.09 0.68 9.55
C GLU A 45 1.84 1.34 8.20
N ILE A 46 1.68 0.51 7.16
CA ILE A 46 1.41 1.00 5.80
C ILE A 46 0.06 1.71 5.72
N ILE A 47 -0.91 1.14 6.40
CA ILE A 47 -2.25 1.68 6.47
C ILE A 47 -2.18 3.08 7.11
N TYR A 48 -1.35 3.19 8.14
CA TYR A 48 -1.16 4.44 8.86
C TYR A 48 -0.44 5.45 7.97
N ALA A 49 0.63 4.97 7.30
CA ALA A 49 1.41 5.83 6.42
C ALA A 49 0.60 6.28 5.22
N CYS A 50 -0.20 5.38 4.67
CA CYS A 50 -1.02 5.72 3.51
C CYS A 50 -2.17 6.65 3.93
N ASP A 51 -2.66 6.44 5.16
CA ASP A 51 -3.74 7.25 5.73
C ASP A 51 -3.29 8.71 5.89
N GLU A 52 -2.04 8.89 6.28
CA GLU A 52 -1.49 10.23 6.51
C GLU A 52 -0.88 10.81 5.24
N LYS A 53 -0.14 9.98 4.52
CA LYS A 53 0.53 10.38 3.28
C LYS A 53 -0.49 10.69 2.18
N PHE A 54 -1.56 9.89 2.12
CA PHE A 54 -2.60 10.08 1.06
C PHE A 54 -3.97 10.45 1.61
N GLY A 55 -4.12 10.50 2.94
CA GLY A 55 -5.44 10.82 3.53
C GLY A 55 -6.40 9.64 3.30
N VAL A 56 -5.85 8.42 3.23
CA VAL A 56 -6.64 7.22 2.95
C VAL A 56 -6.59 6.25 4.14
N GLU A 57 -7.54 6.39 5.06
CA GLU A 57 -7.59 5.52 6.24
C GLU A 57 -8.32 4.22 5.94
N ILE A 58 -7.55 3.16 5.70
CA ILE A 58 -8.10 1.84 5.41
C ILE A 58 -8.87 1.28 6.61
N PRO A 59 -10.19 1.14 6.54
CA PRO A 59 -10.98 0.51 7.62
C PRO A 59 -10.50 -0.92 7.79
N ASP A 60 -10.89 -1.54 8.89
CA ASP A 60 -10.50 -2.92 9.17
C ASP A 60 -10.93 -3.82 8.00
N GLU A 61 -12.09 -3.54 7.42
CA GLU A 61 -12.60 -4.32 6.29
C GLU A 61 -11.66 -4.22 5.08
N GLU A 62 -11.17 -3.01 4.80
CA GLU A 62 -10.26 -2.80 3.67
C GLU A 62 -8.90 -3.38 3.93
N SER A 63 -8.39 -3.21 5.14
CA SER A 63 -7.07 -3.70 5.51
C SER A 63 -6.95 -5.19 5.27
N LYS A 64 -7.96 -5.93 5.70
CA LYS A 64 -7.97 -7.39 5.49
C LYS A 64 -8.15 -7.71 4.01
N ASN A 65 -8.95 -6.88 3.30
CA ASN A 65 -9.15 -7.09 1.86
C ASN A 65 -7.84 -6.83 1.12
N ILE A 66 -7.17 -5.75 1.53
CA ILE A 66 -5.90 -5.33 0.97
C ILE A 66 -4.83 -6.36 1.31
N LYS A 67 -4.70 -7.35 0.44
CA LYS A 67 -3.70 -8.40 0.59
C LYS A 67 -2.74 -8.41 -0.59
N ILE A 68 -3.15 -7.78 -1.69
CA ILE A 68 -2.33 -7.67 -2.88
C ILE A 68 -2.24 -6.20 -3.27
N VAL A 69 -1.32 -5.89 -4.15
CA VAL A 69 -1.12 -4.52 -4.59
C VAL A 69 -2.40 -3.98 -5.24
N GLY A 70 -3.06 -4.83 -6.01
CA GLY A 70 -4.27 -4.42 -6.71
C GLY A 70 -5.31 -3.85 -5.75
N ASP A 71 -5.50 -4.50 -4.61
CA ASP A 71 -6.48 -4.03 -3.63
C ASP A 71 -5.93 -2.84 -2.86
N ALA A 72 -4.69 -2.98 -2.36
CA ALA A 72 -4.08 -1.92 -1.58
C ALA A 72 -4.02 -0.63 -2.39
N VAL A 73 -3.28 -0.68 -3.49
CA VAL A 73 -3.07 0.46 -4.35
C VAL A 73 -4.36 1.00 -4.92
N ASN A 74 -5.23 0.12 -5.43
CA ASN A 74 -6.49 0.60 -6.01
C ASN A 74 -7.28 1.37 -4.95
N TYR A 75 -7.26 0.84 -3.72
CA TYR A 75 -7.95 1.49 -2.62
C TYR A 75 -7.32 2.86 -2.37
N ILE A 76 -5.97 2.90 -2.31
CA ILE A 76 -5.29 4.17 -2.07
C ILE A 76 -5.77 5.20 -3.09
N ILE A 77 -5.48 4.97 -4.38
CA ILE A 77 -5.93 5.87 -5.45
C ILE A 77 -7.43 6.09 -5.45
N GLU A 78 -8.15 5.19 -4.77
CA GLU A 78 -9.62 5.28 -4.72
C GLU A 78 -10.01 6.59 -4.08
N HIS A 79 -9.36 6.90 -2.97
CA HIS A 79 -9.61 8.18 -2.26
C HIS A 79 -8.41 9.13 -2.42
N GLN A 80 -7.31 8.62 -2.98
CA GLN A 80 -6.10 9.40 -3.17
C GLN A 80 -6.19 10.17 -4.49
N SER A 81 -5.60 11.35 -4.49
CA SER A 81 -5.59 12.20 -5.68
C SER A 81 -4.65 13.39 -5.48
N MET A 1 -1.09 14.71 -6.37
CA MET A 1 -1.66 14.12 -7.61
C MET A 1 -0.92 12.84 -7.96
N ALA A 2 -1.47 11.70 -7.53
CA ALA A 2 -0.85 10.40 -7.80
C ALA A 2 -1.86 9.40 -8.36
N ASP A 3 -1.60 8.91 -9.57
CA ASP A 3 -2.45 7.90 -10.19
C ASP A 3 -2.13 6.56 -9.54
N LYS A 4 -2.94 5.53 -9.80
CA LYS A 4 -2.73 4.22 -9.19
C LYS A 4 -1.27 3.77 -9.36
N ASP A 5 -0.68 4.04 -10.53
CA ASP A 5 0.72 3.71 -10.77
C ASP A 5 1.58 4.49 -9.76
N GLN A 6 1.23 5.77 -9.60
CA GLN A 6 1.91 6.64 -8.66
C GLN A 6 1.68 6.14 -7.24
N ILE A 7 0.49 5.57 -6.94
CA ILE A 7 0.21 5.03 -5.63
C ILE A 7 1.29 4.01 -5.32
N LEU A 8 1.73 3.23 -6.29
CA LEU A 8 2.83 2.31 -6.03
C LEU A 8 4.14 3.04 -5.89
N ALA A 9 4.30 4.20 -6.56
CA ALA A 9 5.54 4.95 -6.41
C ALA A 9 5.63 5.52 -4.98
N ASP A 10 4.55 6.16 -4.55
CA ASP A 10 4.47 6.74 -3.23
C ASP A 10 4.35 5.65 -2.15
N MET A 11 3.57 4.60 -2.45
CA MET A 11 3.44 3.45 -1.55
C MET A 11 4.75 2.70 -1.51
N ALA A 12 5.50 2.75 -2.61
CA ALA A 12 6.79 2.08 -2.67
C ALA A 12 7.69 2.70 -1.62
N ASP A 13 7.55 4.02 -1.45
CA ASP A 13 8.34 4.74 -0.46
C ASP A 13 7.97 4.28 0.95
N ILE A 14 6.68 4.29 1.24
CA ILE A 14 6.15 3.86 2.54
C ILE A 14 6.51 2.39 2.79
N VAL A 15 6.29 1.60 1.75
CA VAL A 15 6.54 0.17 1.76
C VAL A 15 8.02 -0.07 2.02
N ASN A 16 8.87 0.63 1.29
CA ASN A 16 10.31 0.58 1.48
C ASN A 16 10.68 1.18 2.84
N ASP A 17 9.77 2.01 3.38
CA ASP A 17 10.02 2.67 4.65
C ASP A 17 9.61 1.80 5.84
N ILE A 18 8.60 0.94 5.64
CA ILE A 18 8.10 0.07 6.71
C ILE A 18 8.61 -1.36 6.53
N THR A 19 8.29 -1.97 5.38
CA THR A 19 8.75 -3.33 5.11
C THR A 19 10.12 -3.30 4.43
N GLY A 20 10.47 -2.15 3.85
CA GLY A 20 11.74 -2.02 3.15
C GLY A 20 11.71 -2.77 1.81
N VAL A 21 10.50 -2.92 1.28
CA VAL A 21 10.29 -3.58 0.01
C VAL A 21 10.67 -2.60 -1.12
N ASP A 22 11.22 -3.14 -2.21
CA ASP A 22 11.74 -2.31 -3.30
C ASP A 22 10.70 -1.59 -4.13
N GLN A 23 11.11 -0.39 -4.59
CA GLN A 23 10.28 0.41 -5.47
C GLN A 23 10.22 -0.29 -6.84
N SER A 24 11.22 -1.14 -7.10
CA SER A 24 11.29 -1.94 -8.30
C SER A 24 10.28 -3.09 -8.19
N GLU A 25 10.23 -3.64 -6.98
CA GLU A 25 9.37 -4.76 -6.65
C GLU A 25 7.88 -4.39 -6.67
N VAL A 26 7.54 -3.15 -6.29
CA VAL A 26 6.13 -2.73 -6.23
C VAL A 26 5.44 -2.84 -7.61
N THR A 27 4.54 -3.84 -7.74
CA THR A 27 3.81 -4.06 -9.00
C THR A 27 2.35 -4.41 -8.71
N PHE A 28 1.48 -4.07 -9.65
CA PHE A 28 0.03 -4.32 -9.52
C PHE A 28 -0.30 -5.81 -9.26
N GLU A 29 0.69 -6.70 -9.37
CA GLU A 29 0.44 -8.14 -9.19
C GLU A 29 1.20 -8.76 -8.01
N LYS A 30 1.81 -7.96 -7.15
CA LYS A 30 2.56 -8.53 -6.03
C LYS A 30 1.68 -8.59 -4.79
N SER A 31 1.54 -9.78 -4.21
CA SER A 31 0.79 -9.88 -2.96
C SER A 31 1.54 -9.04 -1.94
N PHE A 32 0.83 -8.19 -1.21
CA PHE A 32 1.45 -7.37 -0.22
C PHE A 32 2.19 -8.27 0.78
N VAL A 33 1.43 -9.20 1.34
CA VAL A 33 1.93 -10.12 2.36
C VAL A 33 2.97 -11.12 1.84
N ASP A 34 2.64 -11.80 0.75
CA ASP A 34 3.51 -12.85 0.21
C ASP A 34 4.61 -12.33 -0.70
N ASP A 35 4.31 -11.36 -1.56
CA ASP A 35 5.30 -10.83 -2.47
C ASP A 35 5.98 -9.58 -1.94
N LEU A 36 5.25 -8.73 -1.22
CA LEU A 36 5.85 -7.52 -0.66
C LEU A 36 6.18 -7.73 0.83
N ASP A 37 6.14 -9.02 1.25
CA ASP A 37 6.47 -9.40 2.63
C ASP A 37 5.75 -8.49 3.63
N VAL A 38 4.44 -8.32 3.43
CA VAL A 38 3.65 -7.46 4.32
C VAL A 38 3.01 -8.27 5.44
N ASP A 39 3.58 -8.11 6.64
CA ASP A 39 3.03 -8.74 7.83
C ASP A 39 1.92 -7.86 8.35
N SER A 40 1.23 -8.28 9.40
CA SER A 40 0.14 -7.46 9.93
C SER A 40 0.69 -6.09 10.34
N LEU A 41 1.89 -6.07 10.93
CA LEU A 41 2.51 -4.82 11.34
C LEU A 41 2.85 -3.98 10.10
N SER A 42 3.31 -4.64 9.04
CA SER A 42 3.69 -3.93 7.82
C SER A 42 2.48 -3.22 7.24
N MET A 43 1.36 -3.95 7.12
CA MET A 43 0.13 -3.37 6.61
C MET A 43 -0.43 -2.37 7.61
N VAL A 44 -0.35 -2.66 8.90
CA VAL A 44 -0.86 -1.71 9.91
C VAL A 44 -0.09 -0.40 9.80
N GLU A 45 1.23 -0.50 9.74
CA GLU A 45 2.08 0.69 9.62
C GLU A 45 1.83 1.38 8.28
N ILE A 46 1.68 0.57 7.22
CA ILE A 46 1.42 1.10 5.87
C ILE A 46 0.07 1.80 5.83
N ILE A 47 -0.90 1.20 6.49
CA ILE A 47 -2.24 1.74 6.57
C ILE A 47 -2.17 3.11 7.24
N TYR A 48 -1.35 3.22 8.29
CA TYR A 48 -1.16 4.46 9.01
C TYR A 48 -0.50 5.48 8.09
N ALA A 49 0.53 5.03 7.36
CA ALA A 49 1.25 5.90 6.44
C ALA A 49 0.36 6.36 5.31
N CYS A 50 -0.51 5.48 4.81
CA CYS A 50 -1.41 5.85 3.72
C CYS A 50 -2.55 6.74 4.25
N ASP A 51 -2.94 6.50 5.52
CA ASP A 51 -3.99 7.30 6.16
C ASP A 51 -3.57 8.77 6.20
N GLU A 52 -2.27 8.98 6.44
CA GLU A 52 -1.71 10.31 6.58
C GLU A 52 -1.09 10.87 5.28
N LYS A 53 -0.26 10.06 4.64
CA LYS A 53 0.43 10.45 3.41
C LYS A 53 -0.56 10.69 2.26
N PHE A 54 -1.59 9.84 2.18
CA PHE A 54 -2.58 9.97 1.08
C PHE A 54 -3.98 10.28 1.57
N GLY A 55 -4.18 10.31 2.89
CA GLY A 55 -5.53 10.57 3.43
C GLY A 55 -6.42 9.35 3.18
N VAL A 56 -5.80 8.15 3.11
CA VAL A 56 -6.55 6.92 2.85
C VAL A 56 -6.72 6.10 4.13
N GLU A 57 -7.89 6.20 4.72
CA GLU A 57 -8.21 5.45 5.92
C GLU A 57 -8.67 4.03 5.59
N ILE A 58 -7.80 3.05 5.82
CA ILE A 58 -8.13 1.64 5.56
C ILE A 58 -8.72 1.01 6.83
N PRO A 59 -10.05 0.93 6.95
CA PRO A 59 -10.69 0.24 8.11
C PRO A 59 -10.32 -1.22 8.10
N ASP A 60 -10.57 -1.89 9.20
CA ASP A 60 -10.27 -3.32 9.30
C ASP A 60 -10.81 -4.07 8.08
N GLU A 61 -11.96 -3.61 7.57
CA GLU A 61 -12.57 -4.22 6.39
C GLU A 61 -11.66 -4.07 5.17
N GLU A 62 -11.10 -2.86 4.99
CA GLU A 62 -10.21 -2.62 3.86
C GLU A 62 -8.86 -3.30 4.04
N SER A 63 -8.32 -3.19 5.25
CA SER A 63 -7.03 -3.74 5.57
C SER A 63 -6.97 -5.22 5.27
N LYS A 64 -8.00 -5.96 5.68
CA LYS A 64 -8.05 -7.40 5.42
C LYS A 64 -8.25 -7.64 3.93
N ASN A 65 -9.02 -6.75 3.26
CA ASN A 65 -9.22 -6.88 1.81
C ASN A 65 -7.90 -6.65 1.08
N ILE A 66 -7.18 -5.63 1.55
CA ILE A 66 -5.89 -5.24 1.01
C ILE A 66 -4.84 -6.29 1.38
N LYS A 67 -4.69 -7.26 0.49
CA LYS A 67 -3.69 -8.33 0.65
C LYS A 67 -2.74 -8.37 -0.53
N ILE A 68 -3.17 -7.75 -1.65
CA ILE A 68 -2.36 -7.68 -2.84
C ILE A 68 -2.28 -6.21 -3.25
N VAL A 69 -1.37 -5.92 -4.15
CA VAL A 69 -1.18 -4.55 -4.62
C VAL A 69 -2.47 -4.04 -5.25
N GLY A 70 -3.13 -4.89 -6.01
CA GLY A 70 -4.36 -4.50 -6.71
C GLY A 70 -5.38 -3.90 -5.74
N ASP A 71 -5.55 -4.54 -4.58
CA ASP A 71 -6.51 -4.03 -3.60
C ASP A 71 -5.94 -2.84 -2.84
N ALA A 72 -4.71 -2.99 -2.36
CA ALA A 72 -4.07 -1.94 -1.59
C ALA A 72 -4.01 -0.66 -2.40
N VAL A 73 -3.28 -0.73 -3.50
CA VAL A 73 -3.06 0.40 -4.38
C VAL A 73 -4.34 0.95 -4.96
N ASN A 74 -5.24 0.08 -5.43
CA ASN A 74 -6.50 0.58 -6.00
C ASN A 74 -7.24 1.40 -4.95
N TYR A 75 -7.21 0.90 -3.71
CA TYR A 75 -7.86 1.61 -2.60
C TYR A 75 -7.18 2.97 -2.40
N ILE A 76 -5.85 2.99 -2.36
CA ILE A 76 -5.11 4.23 -2.14
C ILE A 76 -5.47 5.25 -3.21
N ILE A 77 -5.46 4.85 -4.48
CA ILE A 77 -5.80 5.77 -5.56
C ILE A 77 -7.26 6.24 -5.45
N GLU A 78 -8.12 5.41 -4.85
CA GLU A 78 -9.52 5.78 -4.71
C GLU A 78 -9.65 7.06 -3.90
N HIS A 79 -8.87 7.17 -2.82
CA HIS A 79 -8.91 8.40 -2.00
C HIS A 79 -7.85 9.38 -2.49
N GLN A 80 -6.91 8.91 -3.34
CA GLN A 80 -5.88 9.81 -3.86
C GLN A 80 -6.46 10.65 -4.98
N SER A 81 -5.75 11.73 -5.29
CA SER A 81 -6.17 12.61 -6.36
C SER A 81 -5.08 13.64 -6.66
N MET A 1 -1.09 14.98 -6.89
CA MET A 1 -1.85 14.25 -7.93
C MET A 1 -1.15 12.93 -8.25
N ALA A 2 -1.55 11.86 -7.55
CA ALA A 2 -0.96 10.54 -7.76
C ALA A 2 -1.98 9.56 -8.29
N ASP A 3 -1.72 8.99 -9.48
CA ASP A 3 -2.62 7.99 -10.04
C ASP A 3 -2.27 6.65 -9.39
N LYS A 4 -3.04 5.60 -9.69
CA LYS A 4 -2.81 4.29 -9.09
C LYS A 4 -1.35 3.88 -9.25
N ASP A 5 -0.77 4.15 -10.42
CA ASP A 5 0.64 3.85 -10.65
C ASP A 5 1.48 4.64 -9.66
N GLN A 6 1.11 5.92 -9.48
CA GLN A 6 1.79 6.79 -8.55
C GLN A 6 1.60 6.29 -7.12
N ILE A 7 0.42 5.70 -6.81
CA ILE A 7 0.18 5.16 -5.50
C ILE A 7 1.28 4.15 -5.22
N LEU A 8 1.69 3.37 -6.23
CA LEU A 8 2.79 2.43 -6.03
C LEU A 8 4.12 3.12 -5.93
N ALA A 9 4.29 4.30 -6.54
CA ALA A 9 5.56 5.02 -6.41
C ALA A 9 5.65 5.61 -5.00
N ASP A 10 4.55 6.24 -4.60
CA ASP A 10 4.42 6.84 -3.29
C ASP A 10 4.41 5.73 -2.21
N MET A 11 3.68 4.64 -2.50
CA MET A 11 3.61 3.48 -1.61
C MET A 11 4.94 2.74 -1.66
N ALA A 12 5.66 2.85 -2.77
CA ALA A 12 6.97 2.22 -2.92
C ALA A 12 7.86 2.76 -1.81
N ASP A 13 7.71 4.05 -1.56
CA ASP A 13 8.46 4.76 -0.53
C ASP A 13 8.05 4.27 0.86
N ILE A 14 6.74 4.29 1.12
CA ILE A 14 6.18 3.88 2.40
C ILE A 14 6.55 2.42 2.66
N VAL A 15 6.35 1.62 1.64
CA VAL A 15 6.63 0.20 1.67
C VAL A 15 8.11 -0.02 1.93
N ASN A 16 8.95 0.67 1.16
CA ASN A 16 10.39 0.63 1.35
C ASN A 16 10.75 1.22 2.72
N ASP A 17 9.83 2.02 3.28
CA ASP A 17 10.05 2.68 4.56
C ASP A 17 9.65 1.79 5.74
N ILE A 18 8.63 0.94 5.54
CA ILE A 18 8.12 0.08 6.60
C ILE A 18 8.64 -1.35 6.44
N THR A 19 8.34 -1.97 5.30
CA THR A 19 8.80 -3.33 5.04
C THR A 19 10.16 -3.29 4.35
N GLY A 20 10.51 -2.15 3.75
CA GLY A 20 11.76 -2.02 3.03
C GLY A 20 11.72 -2.76 1.70
N VAL A 21 10.49 -3.00 1.21
CA VAL A 21 10.28 -3.67 -0.04
C VAL A 21 10.64 -2.68 -1.18
N ASP A 22 11.25 -3.19 -2.25
CA ASP A 22 11.74 -2.36 -3.34
C ASP A 22 10.67 -1.64 -4.10
N GLN A 23 11.02 -0.43 -4.54
CA GLN A 23 10.14 0.39 -5.35
C GLN A 23 9.83 -0.38 -6.65
N SER A 24 10.81 -1.17 -7.06
CA SER A 24 10.71 -2.03 -8.23
C SER A 24 9.76 -3.19 -7.92
N GLU A 25 9.92 -3.71 -6.71
CA GLU A 25 9.13 -4.84 -6.24
C GLU A 25 7.65 -4.52 -6.04
N VAL A 26 7.31 -3.25 -5.85
CA VAL A 26 5.91 -2.89 -5.63
C VAL A 26 5.10 -2.80 -6.95
N THR A 27 5.00 -3.92 -7.69
CA THR A 27 4.23 -3.91 -8.95
C THR A 27 2.76 -4.20 -8.63
N PHE A 28 1.90 -3.99 -9.62
CA PHE A 28 0.45 -4.17 -9.45
C PHE A 28 0.01 -5.63 -9.25
N GLU A 29 0.94 -6.58 -9.33
CA GLU A 29 0.59 -8.01 -9.19
C GLU A 29 1.23 -8.71 -7.99
N LYS A 30 1.94 -7.98 -7.16
CA LYS A 30 2.63 -8.62 -6.02
C LYS A 30 1.76 -8.63 -4.79
N SER A 31 1.57 -9.83 -4.22
CA SER A 31 0.82 -9.92 -2.98
C SER A 31 1.57 -9.10 -1.95
N PHE A 32 0.88 -8.23 -1.23
CA PHE A 32 1.49 -7.44 -0.21
C PHE A 32 2.21 -8.35 0.78
N VAL A 33 1.43 -9.25 1.36
CA VAL A 33 1.89 -10.18 2.39
C VAL A 33 2.91 -11.21 1.89
N ASP A 34 2.57 -11.88 0.79
CA ASP A 34 3.40 -12.95 0.27
C ASP A 34 4.54 -12.47 -0.63
N ASP A 35 4.25 -11.49 -1.48
CA ASP A 35 5.27 -11.00 -2.41
C ASP A 35 5.98 -9.76 -1.90
N LEU A 36 5.26 -8.88 -1.18
CA LEU A 36 5.89 -7.67 -0.64
C LEU A 36 6.21 -7.87 0.85
N ASP A 37 6.16 -9.14 1.29
CA ASP A 37 6.46 -9.52 2.67
C ASP A 37 5.73 -8.59 3.66
N VAL A 38 4.43 -8.41 3.44
CA VAL A 38 3.65 -7.54 4.32
C VAL A 38 3.00 -8.34 5.45
N ASP A 39 3.57 -8.19 6.65
CA ASP A 39 3.02 -8.81 7.83
C ASP A 39 1.88 -7.92 8.33
N SER A 40 1.17 -8.33 9.38
CA SER A 40 0.09 -7.50 9.89
C SER A 40 0.63 -6.14 10.28
N LEU A 41 1.82 -6.11 10.89
CA LEU A 41 2.45 -4.85 11.28
C LEU A 41 2.80 -4.03 10.05
N SER A 42 3.28 -4.70 9.00
CA SER A 42 3.68 -4.00 7.78
C SER A 42 2.48 -3.29 7.19
N MET A 43 1.35 -3.99 7.08
CA MET A 43 0.14 -3.41 6.56
C MET A 43 -0.41 -2.38 7.54
N VAL A 44 -0.35 -2.66 8.84
CA VAL A 44 -0.85 -1.71 9.83
C VAL A 44 -0.05 -0.40 9.72
N GLU A 45 1.27 -0.53 9.66
CA GLU A 45 2.12 0.64 9.53
C GLU A 45 1.88 1.33 8.19
N ILE A 46 1.71 0.52 7.14
CA ILE A 46 1.43 1.06 5.80
C ILE A 46 0.09 1.77 5.76
N ILE A 47 -0.88 1.19 6.45
CA ILE A 47 -2.21 1.74 6.54
C ILE A 47 -2.10 3.12 7.20
N TYR A 48 -1.28 3.21 8.24
CA TYR A 48 -1.06 4.46 8.95
C TYR A 48 -0.38 5.46 8.03
N ALA A 49 0.64 5.00 7.31
CA ALA A 49 1.37 5.85 6.39
C ALA A 49 0.47 6.32 5.26
N CYS A 50 -0.41 5.45 4.78
CA CYS A 50 -1.31 5.83 3.70
C CYS A 50 -2.45 6.73 4.23
N ASP A 51 -2.83 6.50 5.50
CA ASP A 51 -3.87 7.30 6.14
C ASP A 51 -3.45 8.76 6.16
N GLU A 52 -2.15 8.96 6.38
CA GLU A 52 -1.57 10.30 6.48
C GLU A 52 -1.00 10.81 5.15
N LYS A 53 -0.18 9.98 4.50
CA LYS A 53 0.47 10.35 3.24
C LYS A 53 -0.56 10.57 2.12
N PHE A 54 -1.52 9.66 2.00
CA PHE A 54 -2.54 9.78 0.94
C PHE A 54 -3.90 10.21 1.49
N GLY A 55 -4.03 10.33 2.82
CA GLY A 55 -5.32 10.67 3.41
C GLY A 55 -6.30 9.50 3.23
N VAL A 56 -5.75 8.28 3.16
CA VAL A 56 -6.57 7.08 2.94
C VAL A 56 -6.70 6.24 4.22
N GLU A 57 -7.81 6.43 4.92
CA GLU A 57 -8.08 5.68 6.14
C GLU A 57 -8.63 4.29 5.80
N ILE A 58 -7.73 3.28 5.78
CA ILE A 58 -8.15 1.91 5.47
C ILE A 58 -8.94 1.32 6.65
N PRO A 59 -10.26 1.06 6.49
CA PRO A 59 -11.05 0.43 7.56
C PRO A 59 -10.64 -1.02 7.70
N ASP A 60 -11.05 -1.63 8.79
CA ASP A 60 -10.74 -3.03 9.05
C ASP A 60 -11.13 -3.88 7.84
N GLU A 61 -12.22 -3.47 7.18
CA GLU A 61 -12.71 -4.16 5.99
C GLU A 61 -11.65 -4.12 4.89
N GLU A 62 -11.00 -2.97 4.71
CA GLU A 62 -9.95 -2.85 3.70
C GLU A 62 -8.70 -3.57 4.15
N SER A 63 -8.20 -3.23 5.33
CA SER A 63 -6.96 -3.83 5.86
C SER A 63 -6.85 -5.32 5.51
N LYS A 64 -7.90 -6.06 5.83
CA LYS A 64 -7.92 -7.50 5.54
C LYS A 64 -8.07 -7.75 4.04
N ASN A 65 -8.85 -6.91 3.35
CA ASN A 65 -9.02 -7.07 1.89
C ASN A 65 -7.70 -6.82 1.16
N ILE A 66 -7.00 -5.78 1.60
CA ILE A 66 -5.73 -5.38 1.06
C ILE A 66 -4.67 -6.43 1.38
N LYS A 67 -4.58 -7.40 0.48
CA LYS A 67 -3.59 -8.48 0.61
C LYS A 67 -2.66 -8.48 -0.59
N ILE A 68 -3.09 -7.83 -1.68
CA ILE A 68 -2.29 -7.71 -2.88
C ILE A 68 -2.23 -6.24 -3.25
N VAL A 69 -1.31 -5.90 -4.13
CA VAL A 69 -1.13 -4.52 -4.56
C VAL A 69 -2.42 -3.99 -5.19
N GLY A 70 -3.08 -4.83 -5.97
CA GLY A 70 -4.31 -4.43 -6.64
C GLY A 70 -5.33 -3.85 -5.68
N ASP A 71 -5.51 -4.50 -4.53
CA ASP A 71 -6.46 -4.02 -3.53
C ASP A 71 -5.91 -2.84 -2.76
N ALA A 72 -4.66 -2.98 -2.27
CA ALA A 72 -4.03 -1.94 -1.49
C ALA A 72 -4.00 -0.64 -2.29
N VAL A 73 -3.28 -0.68 -3.42
CA VAL A 73 -3.09 0.45 -4.26
C VAL A 73 -4.39 1.00 -4.83
N ASN A 74 -5.28 0.12 -5.32
CA ASN A 74 -6.53 0.62 -5.89
C ASN A 74 -7.29 1.43 -4.84
N TYR A 75 -7.27 0.95 -3.59
CA TYR A 75 -7.94 1.67 -2.51
C TYR A 75 -7.24 3.02 -2.27
N ILE A 76 -5.90 3.01 -2.24
CA ILE A 76 -5.17 4.25 -2.00
C ILE A 76 -5.54 5.28 -3.07
N ILE A 77 -5.50 4.87 -4.33
CA ILE A 77 -5.88 5.77 -5.42
C ILE A 77 -7.38 6.10 -5.36
N GLU A 78 -8.15 5.24 -4.67
CA GLU A 78 -9.59 5.44 -4.56
C GLU A 78 -9.87 6.79 -3.94
N HIS A 79 -9.13 7.10 -2.88
CA HIS A 79 -9.29 8.41 -2.19
C HIS A 79 -8.28 9.42 -2.70
N GLN A 80 -7.22 8.94 -3.39
CA GLN A 80 -6.21 9.86 -3.91
C GLN A 80 -6.73 10.62 -5.10
N SER A 81 -6.03 11.71 -5.39
CA SER A 81 -6.38 12.55 -6.53
C SER A 81 -5.29 13.57 -6.80
N MET A 1 -2.22 14.46 -6.09
CA MET A 1 -2.24 14.31 -7.58
C MET A 1 -1.49 13.04 -7.99
N ALA A 2 -1.71 11.96 -7.23
CA ALA A 2 -1.05 10.68 -7.51
C ALA A 2 -2.05 9.67 -8.05
N ASP A 3 -1.77 9.14 -9.25
CA ASP A 3 -2.63 8.13 -9.84
C ASP A 3 -2.27 6.77 -9.25
N LYS A 4 -3.04 5.73 -9.58
CA LYS A 4 -2.79 4.39 -9.03
C LYS A 4 -1.34 3.98 -9.22
N ASP A 5 -0.77 4.24 -10.40
CA ASP A 5 0.64 3.92 -10.63
C ASP A 5 1.49 4.72 -9.63
N GLN A 6 1.08 5.97 -9.42
CA GLN A 6 1.74 6.85 -8.48
C GLN A 6 1.57 6.30 -7.07
N ILE A 7 0.39 5.70 -6.75
CA ILE A 7 0.17 5.12 -5.44
C ILE A 7 1.27 4.11 -5.22
N LEU A 8 1.70 3.38 -6.24
CA LEU A 8 2.82 2.45 -6.07
C LEU A 8 4.12 3.19 -5.94
N ALA A 9 4.21 4.42 -6.49
CA ALA A 9 5.44 5.21 -6.34
C ALA A 9 5.54 5.69 -4.89
N ASP A 10 4.43 6.26 -4.40
CA ASP A 10 4.34 6.74 -3.04
C ASP A 10 4.35 5.56 -2.05
N MET A 11 3.62 4.50 -2.40
CA MET A 11 3.57 3.28 -1.60
C MET A 11 4.91 2.58 -1.68
N ALA A 12 5.62 2.76 -2.80
CA ALA A 12 6.95 2.18 -2.97
C ALA A 12 7.84 2.69 -1.85
N ASP A 13 7.67 3.98 -1.57
CA ASP A 13 8.42 4.65 -0.52
C ASP A 13 8.00 4.15 0.86
N ILE A 14 6.70 4.16 1.12
CA ILE A 14 6.15 3.72 2.40
C ILE A 14 6.55 2.26 2.64
N VAL A 15 6.36 1.47 1.61
CA VAL A 15 6.65 0.05 1.63
C VAL A 15 8.14 -0.14 1.91
N ASN A 16 8.96 0.58 1.16
CA ASN A 16 10.41 0.57 1.37
C ASN A 16 10.74 1.17 2.74
N ASP A 17 9.79 1.93 3.31
CA ASP A 17 9.99 2.57 4.59
C ASP A 17 9.58 1.68 5.77
N ILE A 18 8.59 0.81 5.55
CA ILE A 18 8.10 -0.08 6.61
C ILE A 18 8.64 -1.49 6.44
N THR A 19 8.37 -2.12 5.29
CA THR A 19 8.86 -3.46 5.02
C THR A 19 10.24 -3.39 4.36
N GLY A 20 10.54 -2.23 3.76
CA GLY A 20 11.81 -2.06 3.05
C GLY A 20 11.76 -2.73 1.69
N VAL A 21 10.55 -3.06 1.23
CA VAL A 21 10.36 -3.67 -0.07
C VAL A 21 10.66 -2.58 -1.13
N ASP A 22 11.35 -2.98 -2.19
CA ASP A 22 11.79 -2.05 -3.22
C ASP A 22 10.69 -1.41 -4.02
N GLN A 23 11.02 -0.22 -4.52
CA GLN A 23 10.11 0.53 -5.38
C GLN A 23 9.84 -0.32 -6.63
N SER A 24 10.89 -1.04 -7.04
CA SER A 24 10.83 -1.96 -8.16
C SER A 24 10.00 -3.17 -7.78
N GLU A 25 10.18 -3.60 -6.51
CA GLU A 25 9.48 -4.76 -5.98
C GLU A 25 7.99 -4.52 -5.82
N VAL A 26 7.54 -3.25 -5.76
CA VAL A 26 6.11 -2.97 -5.63
C VAL A 26 5.48 -2.86 -7.03
N THR A 27 4.58 -3.79 -7.36
CA THR A 27 3.92 -3.83 -8.66
C THR A 27 2.46 -4.26 -8.49
N PHE A 28 1.61 -3.85 -9.43
CA PHE A 28 0.18 -4.16 -9.38
C PHE A 28 -0.11 -5.67 -9.20
N GLU A 29 0.91 -6.54 -9.31
CA GLU A 29 0.68 -8.00 -9.19
C GLU A 29 1.44 -8.65 -8.04
N LYS A 30 1.92 -7.85 -7.09
CA LYS A 30 2.67 -8.43 -5.97
C LYS A 30 1.81 -8.51 -4.74
N SER A 31 1.65 -9.71 -4.18
CA SER A 31 0.90 -9.84 -2.94
C SER A 31 1.58 -8.96 -1.91
N PHE A 32 0.83 -8.15 -1.16
CA PHE A 32 1.44 -7.32 -0.16
C PHE A 32 2.17 -8.21 0.82
N VAL A 33 1.40 -9.14 1.38
CA VAL A 33 1.87 -10.06 2.41
C VAL A 33 2.94 -11.05 1.92
N ASP A 34 2.64 -11.71 0.81
CA ASP A 34 3.53 -12.75 0.29
C ASP A 34 4.61 -12.21 -0.64
N ASP A 35 4.25 -11.29 -1.54
CA ASP A 35 5.22 -10.76 -2.49
C ASP A 35 5.95 -9.54 -1.94
N LEU A 36 5.23 -8.70 -1.17
CA LEU A 36 5.86 -7.51 -0.60
C LEU A 36 6.18 -7.72 0.88
N ASP A 37 6.13 -8.99 1.32
CA ASP A 37 6.44 -9.37 2.70
C ASP A 37 5.70 -8.48 3.71
N VAL A 38 4.39 -8.32 3.50
CA VAL A 38 3.59 -7.48 4.40
C VAL A 38 2.94 -8.31 5.52
N ASP A 39 3.49 -8.14 6.72
CA ASP A 39 2.95 -8.80 7.91
C ASP A 39 1.83 -7.91 8.43
N SER A 40 1.15 -8.31 9.51
CA SER A 40 0.08 -7.48 10.05
C SER A 40 0.63 -6.11 10.44
N LEU A 41 1.84 -6.09 11.01
CA LEU A 41 2.48 -4.83 11.39
C LEU A 41 2.78 -4.01 10.14
N SER A 42 3.23 -4.69 9.09
CA SER A 42 3.59 -4.01 7.84
C SER A 42 2.37 -3.30 7.28
N MET A 43 1.26 -4.02 7.18
CA MET A 43 0.03 -3.44 6.67
C MET A 43 -0.49 -2.41 7.64
N VAL A 44 -0.41 -2.66 8.94
CA VAL A 44 -0.89 -1.68 9.92
C VAL A 44 -0.10 -0.38 9.77
N GLU A 45 1.22 -0.50 9.69
CA GLU A 45 2.09 0.66 9.53
C GLU A 45 1.84 1.32 8.17
N ILE A 46 1.66 0.49 7.16
CA ILE A 46 1.40 0.98 5.78
C ILE A 46 0.05 1.68 5.71
N ILE A 47 -0.92 1.12 6.39
CA ILE A 47 -2.26 1.67 6.45
C ILE A 47 -2.19 3.08 7.07
N TYR A 48 -1.35 3.21 8.09
CA TYR A 48 -1.15 4.48 8.77
C TYR A 48 -0.41 5.45 7.85
N ALA A 49 0.64 4.93 7.20
CA ALA A 49 1.44 5.74 6.28
C ALA A 49 0.62 6.20 5.10
N CYS A 50 -0.25 5.33 4.58
CA CYS A 50 -1.10 5.70 3.46
C CYS A 50 -2.20 6.67 3.91
N ASP A 51 -2.62 6.52 5.18
CA ASP A 51 -3.64 7.38 5.78
C ASP A 51 -3.13 8.83 5.85
N GLU A 52 -1.84 8.97 6.07
CA GLU A 52 -1.21 10.29 6.20
C GLU A 52 -0.62 10.77 4.88
N LYS A 53 0.04 9.86 4.16
CA LYS A 53 0.68 10.19 2.89
C LYS A 53 -0.35 10.47 1.81
N PHE A 54 -1.42 9.67 1.79
CA PHE A 54 -2.48 9.85 0.78
C PHE A 54 -3.79 10.37 1.37
N GLY A 55 -3.88 10.45 2.71
CA GLY A 55 -5.14 10.86 3.34
C GLY A 55 -6.18 9.75 3.18
N VAL A 56 -5.70 8.49 3.13
CA VAL A 56 -6.58 7.33 2.91
C VAL A 56 -6.53 6.37 4.10
N GLU A 57 -7.54 6.45 4.96
CA GLU A 57 -7.61 5.59 6.15
C GLU A 57 -8.34 4.29 5.84
N ILE A 58 -7.56 3.21 5.68
CA ILE A 58 -8.13 1.88 5.41
C ILE A 58 -8.87 1.35 6.66
N PRO A 59 -10.20 1.22 6.62
CA PRO A 59 -10.94 0.61 7.75
C PRO A 59 -10.40 -0.79 7.97
N ASP A 60 -10.71 -1.37 9.10
CA ASP A 60 -10.20 -2.71 9.40
C ASP A 60 -10.58 -3.69 8.28
N GLU A 61 -11.83 -3.62 7.81
CA GLU A 61 -12.30 -4.50 6.75
C GLU A 61 -11.52 -4.32 5.43
N GLU A 62 -11.23 -3.07 5.04
CA GLU A 62 -10.49 -2.83 3.79
C GLU A 62 -9.12 -3.44 3.86
N SER A 63 -8.44 -3.25 4.98
CA SER A 63 -7.10 -3.81 5.15
C SER A 63 -7.15 -5.33 4.91
N LYS A 64 -8.27 -5.96 5.30
CA LYS A 64 -8.41 -7.41 5.08
C LYS A 64 -8.46 -7.68 3.58
N ASN A 65 -9.17 -6.79 2.86
CA ASN A 65 -9.27 -6.91 1.40
C ASN A 65 -7.89 -6.65 0.80
N ILE A 66 -7.23 -5.64 1.35
CA ILE A 66 -5.92 -5.24 0.90
C ILE A 66 -4.87 -6.28 1.29
N LYS A 67 -4.70 -7.25 0.41
CA LYS A 67 -3.71 -8.32 0.60
C LYS A 67 -2.73 -8.35 -0.56
N ILE A 68 -3.12 -7.76 -1.69
CA ILE A 68 -2.28 -7.67 -2.86
C ILE A 68 -2.22 -6.20 -3.27
N VAL A 69 -1.27 -5.88 -4.14
CA VAL A 69 -1.10 -4.50 -4.59
C VAL A 69 -2.37 -4.01 -5.27
N GLY A 70 -2.99 -4.88 -6.05
CA GLY A 70 -4.20 -4.51 -6.79
C GLY A 70 -5.26 -3.95 -5.85
N ASP A 71 -5.46 -4.58 -4.71
CA ASP A 71 -6.45 -4.11 -3.74
C ASP A 71 -5.92 -2.93 -2.94
N ALA A 72 -4.68 -3.06 -2.44
CA ALA A 72 -4.09 -2.00 -1.65
C ALA A 72 -4.02 -0.71 -2.44
N VAL A 73 -3.25 -0.75 -3.54
CA VAL A 73 -3.05 0.40 -4.36
C VAL A 73 -4.34 0.93 -4.95
N ASN A 74 -5.21 0.05 -5.46
CA ASN A 74 -6.47 0.53 -6.05
C ASN A 74 -7.26 1.26 -4.97
N TYR A 75 -7.25 0.70 -3.76
CA TYR A 75 -7.94 1.32 -2.63
C TYR A 75 -7.35 2.70 -2.35
N ILE A 76 -6.01 2.77 -2.30
CA ILE A 76 -5.36 4.04 -2.05
C ILE A 76 -5.84 5.07 -3.06
N ILE A 77 -5.53 4.87 -4.34
CA ILE A 77 -5.98 5.78 -5.41
C ILE A 77 -7.49 6.00 -5.41
N GLU A 78 -8.21 5.08 -4.77
CA GLU A 78 -9.66 5.17 -4.72
C GLU A 78 -10.07 6.44 -4.01
N HIS A 79 -9.43 6.69 -2.87
CA HIS A 79 -9.70 7.92 -2.09
C HIS A 79 -8.54 8.91 -2.25
N GLN A 80 -7.46 8.46 -2.88
CA GLN A 80 -6.28 9.29 -3.08
C GLN A 80 -6.41 10.09 -4.37
N SER A 81 -5.84 11.28 -4.35
CA SER A 81 -5.86 12.16 -5.52
C SER A 81 -4.92 13.34 -5.32
N MET A 1 -2.03 14.68 -5.65
CA MET A 1 -2.28 14.40 -7.09
C MET A 1 -1.42 13.21 -7.52
N ALA A 2 -1.94 12.00 -7.28
CA ALA A 2 -1.23 10.77 -7.64
C ALA A 2 -2.19 9.74 -8.22
N ASP A 3 -1.86 9.22 -9.41
CA ASP A 3 -2.69 8.18 -10.03
C ASP A 3 -2.28 6.84 -9.41
N LYS A 4 -3.00 5.76 -9.74
CA LYS A 4 -2.71 4.45 -9.14
C LYS A 4 -1.21 4.12 -9.28
N ASP A 5 -0.61 4.50 -10.41
CA ASP A 5 0.83 4.27 -10.60
C ASP A 5 1.60 5.02 -9.53
N GLN A 6 1.16 6.25 -9.24
CA GLN A 6 1.76 7.08 -8.23
C GLN A 6 1.56 6.46 -6.86
N ILE A 7 0.39 5.82 -6.63
CA ILE A 7 0.14 5.18 -5.37
C ILE A 7 1.26 4.19 -5.14
N LEU A 8 1.72 3.46 -6.15
CA LEU A 8 2.85 2.56 -5.95
C LEU A 8 4.16 3.33 -5.83
N ALA A 9 4.24 4.54 -6.39
CA ALA A 9 5.48 5.33 -6.23
C ALA A 9 5.58 5.81 -4.78
N ASP A 10 4.49 6.42 -4.32
CA ASP A 10 4.39 6.92 -2.96
C ASP A 10 4.34 5.74 -1.96
N MET A 11 3.56 4.69 -2.30
CA MET A 11 3.48 3.48 -1.46
C MET A 11 4.81 2.78 -1.47
N ALA A 12 5.54 2.85 -2.59
CA ALA A 12 6.85 2.22 -2.69
C ALA A 12 7.74 2.79 -1.60
N ASP A 13 7.60 4.09 -1.39
CA ASP A 13 8.38 4.78 -0.36
C ASP A 13 8.01 4.29 1.02
N ILE A 14 6.71 4.31 1.32
CA ILE A 14 6.17 3.88 2.61
C ILE A 14 6.53 2.40 2.85
N VAL A 15 6.31 1.63 1.81
CA VAL A 15 6.55 0.19 1.80
C VAL A 15 8.04 -0.07 2.03
N ASN A 16 8.88 0.64 1.30
CA ASN A 16 10.33 0.57 1.46
C ASN A 16 10.73 1.18 2.81
N ASP A 17 9.85 2.01 3.37
CA ASP A 17 10.13 2.67 4.64
C ASP A 17 9.72 1.81 5.84
N ILE A 18 8.71 0.97 5.67
CA ILE A 18 8.20 0.11 6.75
C ILE A 18 8.72 -1.31 6.59
N THR A 19 8.40 -1.93 5.45
CA THR A 19 8.84 -3.28 5.18
C THR A 19 10.21 -3.27 4.49
N GLY A 20 10.54 -2.12 3.86
CA GLY A 20 11.81 -2.02 3.13
C GLY A 20 11.73 -2.74 1.79
N VAL A 21 10.49 -2.97 1.35
CA VAL A 21 10.21 -3.60 0.08
C VAL A 21 10.55 -2.61 -1.04
N ASP A 22 11.21 -3.10 -2.09
CA ASP A 22 11.71 -2.24 -3.17
C ASP A 22 10.64 -1.54 -3.97
N GLN A 23 10.99 -0.33 -4.40
CA GLN A 23 10.12 0.48 -5.23
C GLN A 23 9.85 -0.29 -6.54
N SER A 24 10.87 -1.05 -6.94
CA SER A 24 10.81 -1.90 -8.11
C SER A 24 9.87 -3.08 -7.84
N GLU A 25 10.00 -3.61 -6.61
CA GLU A 25 9.22 -4.75 -6.17
C GLU A 25 7.74 -4.45 -6.00
N VAL A 26 7.36 -3.19 -5.76
CA VAL A 26 5.95 -2.86 -5.55
C VAL A 26 5.15 -2.81 -6.89
N THR A 27 4.93 -3.99 -7.50
CA THR A 27 4.19 -4.09 -8.75
C THR A 27 2.70 -4.37 -8.47
N PHE A 28 1.85 -3.97 -9.41
CA PHE A 28 0.40 -4.15 -9.29
C PHE A 28 -0.04 -5.62 -9.14
N GLU A 29 0.91 -6.57 -9.28
CA GLU A 29 0.58 -8.00 -9.20
C GLU A 29 1.25 -8.74 -8.05
N LYS A 30 1.81 -8.02 -7.09
CA LYS A 30 2.50 -8.68 -5.97
C LYS A 30 1.63 -8.71 -4.74
N SER A 31 1.38 -9.89 -4.19
CA SER A 31 0.64 -9.97 -2.95
C SER A 31 1.41 -9.17 -1.93
N PHE A 32 0.76 -8.29 -1.15
CA PHE A 32 1.47 -7.53 -0.18
C PHE A 32 2.15 -8.47 0.80
N VAL A 33 1.32 -9.31 1.41
CA VAL A 33 1.74 -10.26 2.43
C VAL A 33 2.70 -11.34 1.93
N ASP A 34 2.31 -11.98 0.82
CA ASP A 34 3.10 -13.10 0.29
C ASP A 34 4.20 -12.67 -0.66
N ASP A 35 3.89 -11.75 -1.57
CA ASP A 35 4.88 -11.33 -2.55
C ASP A 35 5.73 -10.18 -2.03
N LEU A 36 5.14 -9.27 -1.25
CA LEU A 36 5.90 -8.14 -0.72
C LEU A 36 6.20 -8.32 0.78
N ASP A 37 6.00 -9.54 1.26
CA ASP A 37 6.29 -9.89 2.66
C ASP A 37 5.65 -8.88 3.62
N VAL A 38 4.36 -8.60 3.43
CA VAL A 38 3.65 -7.67 4.31
C VAL A 38 3.02 -8.40 5.49
N ASP A 39 3.62 -8.24 6.66
CA ASP A 39 3.09 -8.81 7.88
C ASP A 39 1.92 -7.93 8.32
N SER A 40 1.17 -8.35 9.34
CA SER A 40 0.04 -7.53 9.78
C SER A 40 0.55 -6.16 10.21
N LEU A 41 1.71 -6.14 10.87
CA LEU A 41 2.31 -4.87 11.30
C LEU A 41 2.70 -4.05 10.07
N SER A 42 3.20 -4.72 9.04
CA SER A 42 3.63 -4.04 7.82
C SER A 42 2.46 -3.30 7.20
N MET A 43 1.32 -3.99 7.06
CA MET A 43 0.14 -3.36 6.52
C MET A 43 -0.42 -2.34 7.50
N VAL A 44 -0.36 -2.63 8.81
CA VAL A 44 -0.86 -1.68 9.80
C VAL A 44 -0.07 -0.37 9.70
N GLU A 45 1.26 -0.50 9.65
CA GLU A 45 2.12 0.66 9.53
C GLU A 45 1.90 1.35 8.19
N ILE A 46 1.76 0.53 7.13
CA ILE A 46 1.53 1.05 5.78
C ILE A 46 0.19 1.77 5.70
N ILE A 47 -0.80 1.23 6.36
CA ILE A 47 -2.13 1.80 6.42
C ILE A 47 -2.04 3.17 7.07
N TYR A 48 -1.20 3.29 8.09
CA TYR A 48 -1.01 4.55 8.80
C TYR A 48 -0.35 5.59 7.89
N ALA A 49 0.77 5.20 7.27
CA ALA A 49 1.50 6.10 6.35
C ALA A 49 0.67 6.40 5.12
N CYS A 50 -0.02 5.40 4.62
CA CYS A 50 -0.88 5.53 3.44
C CYS A 50 -2.08 6.42 3.75
N ASP A 51 -2.63 6.23 4.94
CA ASP A 51 -3.78 6.99 5.42
C ASP A 51 -3.47 8.50 5.42
N GLU A 52 -2.26 8.82 5.88
CA GLU A 52 -1.81 10.21 6.01
C GLU A 52 -1.15 10.74 4.73
N LYS A 53 -0.28 9.93 4.12
CA LYS A 53 0.45 10.32 2.92
C LYS A 53 -0.51 10.57 1.76
N PHE A 54 -1.50 9.68 1.63
CA PHE A 54 -2.51 9.84 0.56
C PHE A 54 -3.84 10.37 1.09
N GLY A 55 -3.96 10.59 2.41
CA GLY A 55 -5.22 11.06 2.98
C GLY A 55 -6.29 9.97 2.86
N VAL A 56 -5.85 8.72 2.90
CA VAL A 56 -6.73 7.54 2.78
C VAL A 56 -7.05 7.05 4.21
N GLU A 57 -7.80 5.97 4.34
CA GLU A 57 -8.15 5.40 5.63
C GLU A 57 -8.61 3.95 5.46
N ILE A 58 -7.70 3.01 5.72
CA ILE A 58 -8.01 1.58 5.59
C ILE A 58 -8.45 1.01 6.94
N PRO A 59 -9.75 0.96 7.21
CA PRO A 59 -10.25 0.31 8.45
C PRO A 59 -9.80 -1.14 8.44
N ASP A 60 -9.93 -1.80 9.57
CA ASP A 60 -9.52 -3.19 9.69
C ASP A 60 -10.10 -4.00 8.52
N GLU A 61 -11.36 -3.72 8.17
CA GLU A 61 -12.02 -4.42 7.07
C GLU A 61 -11.30 -4.19 5.73
N GLU A 62 -10.90 -2.93 5.44
CA GLU A 62 -10.21 -2.67 4.17
C GLU A 62 -8.91 -3.43 4.09
N SER A 63 -8.12 -3.37 5.16
CA SER A 63 -6.84 -4.06 5.21
C SER A 63 -7.03 -5.54 4.84
N LYS A 64 -8.18 -6.11 5.22
CA LYS A 64 -8.45 -7.52 4.86
C LYS A 64 -8.57 -7.63 3.35
N ASN A 65 -9.24 -6.63 2.75
CA ASN A 65 -9.37 -6.60 1.29
C ASN A 65 -7.99 -6.35 0.68
N ILE A 66 -7.24 -5.47 1.33
CA ILE A 66 -5.90 -5.11 0.90
C ILE A 66 -4.89 -6.16 1.34
N LYS A 67 -4.70 -7.15 0.48
CA LYS A 67 -3.72 -8.20 0.70
C LYS A 67 -2.76 -8.29 -0.48
N ILE A 68 -3.13 -7.65 -1.60
CA ILE A 68 -2.30 -7.62 -2.77
C ILE A 68 -2.20 -6.15 -3.21
N VAL A 69 -1.23 -5.87 -4.04
CA VAL A 69 -1.01 -4.50 -4.52
C VAL A 69 -2.25 -3.99 -5.24
N GLY A 70 -2.88 -4.85 -6.00
CA GLY A 70 -4.06 -4.48 -6.77
C GLY A 70 -5.15 -3.91 -5.86
N ASP A 71 -5.38 -4.54 -4.70
CA ASP A 71 -6.40 -4.04 -3.77
C ASP A 71 -5.88 -2.85 -2.99
N ALA A 72 -4.65 -3.00 -2.45
CA ALA A 72 -4.06 -1.94 -1.67
C ALA A 72 -3.99 -0.66 -2.47
N VAL A 73 -3.22 -0.71 -3.56
CA VAL A 73 -3.00 0.43 -4.39
C VAL A 73 -4.29 0.96 -4.99
N ASN A 74 -5.14 0.07 -5.51
CA ASN A 74 -6.40 0.55 -6.11
C ASN A 74 -7.21 1.31 -5.06
N TYR A 75 -7.18 0.81 -3.83
CA TYR A 75 -7.89 1.45 -2.74
C TYR A 75 -7.27 2.81 -2.42
N ILE A 76 -5.94 2.88 -2.37
CA ILE A 76 -5.25 4.14 -2.07
C ILE A 76 -5.64 5.17 -3.11
N ILE A 77 -5.54 4.81 -4.39
CA ILE A 77 -5.93 5.72 -5.46
C ILE A 77 -7.43 6.00 -5.40
N GLU A 78 -8.20 5.10 -4.77
CA GLU A 78 -9.65 5.26 -4.68
C GLU A 78 -9.97 6.57 -3.98
N HIS A 79 -9.25 6.84 -2.89
CA HIS A 79 -9.45 8.08 -2.13
C HIS A 79 -8.54 9.19 -2.65
N GLN A 80 -7.48 8.81 -3.38
CA GLN A 80 -6.55 9.79 -3.92
C GLN A 80 -7.20 10.57 -5.05
N SER A 81 -6.58 11.68 -5.35
CA SER A 81 -7.05 12.53 -6.44
C SER A 81 -5.96 13.51 -6.89
#